data_7LCH
#
_entry.id   7LCH
#
_cell.length_a   1.00
_cell.length_b   1.00
_cell.length_c   1.00
_cell.angle_alpha   90.00
_cell.angle_beta   90.00
_cell.angle_gamma   90.00
#
_symmetry.space_group_name_H-M   'P 1'
#
loop_
_entity.id
_entity.type
_entity.pdbx_description
1 polymer 'Envelope protein E'
2 polymer 'Membrane protein M'
3 non-polymer TRIMETHYL-[2-[[(2S,3S)-2-(OCTADECANOYLAMINO)-3-OXIDANYL-BUTOXY]-OXIDANYL-PHOSPHORYL]OXYETHYL]AZANIUM
4 non-polymer '(7S)-4-HYDROXY-N,N,N-TRIMETHYL-9-OXO-7-[(PALMITOYLOXY)METHYL]-3,5,8-TRIOXA-4-PHOSPHAHEXACOSAN-1-AMINIUM 4-OXIDE'
5 non-polymer 2-acetamido-2-deoxy-beta-D-glucopyranose
#
loop_
_entity_poly.entity_id
_entity_poly.type
_entity_poly.pdbx_seq_one_letter_code
_entity_poly.pdbx_strand_id
1 'polypeptide(L)'
;FNCLGMSNRDFLEGVSGATWVDVVLEGDSCITIMAKDKPTIDIKMMETEATNLAEVRSYCYLATVSDVSTVSNCPTTGEA
HNPKRAEDTYVCKSGVTDRGWGNGCGLFGKGSIDTCANFTCSLKAVGRMIQPENVKYEVGIFIHGSTSSDTHGNYSSQLG
ASQAGRFTITPNSPAITVKMGDYGEISVECEPRNGLNTEAYYIMSVGTKHFLVHREWFNDLALPWTSPASSNWRNREILL
EFEEPHATKQSVVALGSQEGALHQALAGAVPVSFSSSVKLTSGHLKCRVKMEKLTLKGTTYGMCTEKFSFAKNPADTGHS
TVVLELQYTGSDGPCKIPISIVASLSDLTPIGRMVTANPYVASSEANAKVLVEMEPPFGDSYIVVGRGDKQINHHWHKAG
SSIGKAFITTIKGAQRLAALGDPAWDFGSVGGIFNSVGKAVHQVFGGAFRTLFGGMSWITQGLMGALLLWMGVNARDRSI
ALVMLATGGVLLFLATSVHA
;
A,C,E
2 'polypeptide(L)' SIAVQTHGESMLANKKDAWLDSTKASRYLMKTENWIIRNPGYAFVAVLLGWMLGSNNGQRVVFVVLLLLVAPAYS B,D,F
#
loop_
_chem_comp.id
_chem_comp.type
_chem_comp.name
_chem_comp.formula
0SM non-polymer TRIMETHYL-[2-[[(2S,3S)-2-(OCTADECANOYLAMINO)-3-OXIDANYL-BUTOXY]-OXIDANYL-PHOSPHORYL]OXYETHYL]AZANIUM 'C27 H58 N2 O6 P 1'
NAG D-saccharide, beta linking 2-acetamido-2-deoxy-beta-D-glucopyranose 'C8 H15 N O6'
PC7 non-polymer '(7S)-4-HYDROXY-N,N,N-TRIMETHYL-9-OXO-7-[(PALMITOYLOXY)METHYL]-3,5,8-TRIOXA-4-PHOSPHAHEXACOSAN-1-AMINIUM 4-OXIDE' 'C42 H85 N O8 P 1'
#
# COMPACT_ATOMS: atom_id res chain seq x y z
N PHE A 1 -53.63 14.55 5.82
CA PHE A 1 -53.73 15.32 4.59
C PHE A 1 -54.32 16.69 4.85
N ASN A 2 -54.68 16.96 6.10
CA ASN A 2 -55.21 18.24 6.53
C ASN A 2 -54.24 18.96 7.44
N CYS A 3 -54.34 20.29 7.47
CA CYS A 3 -53.57 21.11 8.38
C CYS A 3 -54.22 21.29 9.75
N LEU A 4 -55.49 20.89 9.90
CA LEU A 4 -56.21 21.14 11.12
C LEU A 4 -55.78 20.17 12.22
N GLY A 5 -55.45 20.71 13.39
CA GLY A 5 -55.01 19.89 14.50
C GLY A 5 -53.54 19.55 14.51
N MET A 6 -52.73 20.23 13.69
CA MET A 6 -51.31 19.96 13.59
C MET A 6 -50.53 21.14 14.13
N SER A 7 -49.60 20.87 15.06
CA SER A 7 -48.87 21.93 15.72
C SER A 7 -47.88 22.63 14.79
N ASN A 8 -47.50 21.99 13.69
CA ASN A 8 -46.60 22.59 12.70
C ASN A 8 -47.41 22.97 11.48
N ARG A 9 -47.38 24.25 11.12
CA ARG A 9 -48.23 24.74 10.04
C ARG A 9 -47.65 26.06 9.53
N ASP A 10 -47.75 26.27 8.22
CA ASP A 10 -47.29 27.48 7.57
C ASP A 10 -48.37 28.00 6.64
N PHE A 11 -48.38 29.31 6.42
CA PHE A 11 -49.33 29.96 5.55
C PHE A 11 -48.59 30.70 4.45
N LEU A 12 -49.01 30.50 3.21
CA LEU A 12 -48.44 31.16 2.05
C LEU A 12 -49.54 31.79 1.22
N GLU A 13 -49.19 32.84 0.48
CA GLU A 13 -50.12 33.50 -0.43
C GLU A 13 -49.71 33.28 -1.88
N ALA A 18 -46.08 33.25 -10.86
CA ALA A 18 -47.34 33.72 -11.42
C ALA A 18 -48.52 33.07 -10.71
N THR A 19 -48.80 31.81 -11.04
CA THR A 19 -49.87 31.06 -10.40
C THR A 19 -49.33 29.72 -9.89
N TRP A 20 -48.07 29.70 -9.52
CA TRP A 20 -47.44 28.55 -8.90
C TRP A 20 -46.65 29.00 -7.70
N VAL A 21 -46.47 28.10 -6.75
CA VAL A 21 -45.73 28.41 -5.53
C VAL A 21 -44.76 27.28 -5.23
N ASP A 22 -43.54 27.65 -4.84
CA ASP A 22 -42.54 26.68 -4.40
C ASP A 22 -42.71 26.45 -2.91
N VAL A 23 -42.88 25.19 -2.52
CA VAL A 23 -43.07 24.81 -1.13
C VAL A 23 -42.07 23.72 -0.80
N VAL A 24 -41.82 23.54 0.50
CA VAL A 24 -41.03 22.43 1.00
C VAL A 24 -41.94 21.62 1.92
N LEU A 25 -42.16 20.36 1.57
CA LEU A 25 -43.05 19.50 2.34
C LEU A 25 -42.24 18.82 3.43
N GLU A 26 -42.17 19.46 4.58
CA GLU A 26 -41.45 18.92 5.72
C GLU A 26 -42.23 17.76 6.33
N GLY A 27 -41.51 16.93 7.09
CA GLY A 27 -42.05 15.61 7.43
C GLY A 27 -43.29 15.64 8.29
N ASP A 28 -43.28 16.45 9.35
CA ASP A 28 -44.40 16.53 10.28
C ASP A 28 -45.01 17.92 10.28
N SER A 29 -45.13 18.51 9.10
CA SER A 29 -45.68 19.85 8.93
C SER A 29 -46.84 19.81 7.94
N CYS A 30 -47.43 20.96 7.73
CA CYS A 30 -48.52 21.14 6.78
C CYS A 30 -48.46 22.56 6.27
N ILE A 31 -48.81 22.73 5.00
CA ILE A 31 -48.75 24.04 4.36
C ILE A 31 -50.14 24.41 3.86
N THR A 32 -50.58 25.63 4.20
CA THR A 32 -51.82 26.18 3.70
C THR A 32 -51.52 27.32 2.75
N ILE A 33 -51.94 27.19 1.50
CA ILE A 33 -51.78 28.22 0.48
C ILE A 33 -53.13 28.91 0.32
N MET A 34 -53.11 30.24 0.37
CA MET A 34 -54.31 31.07 0.21
C MET A 34 -53.99 32.09 -0.89
N ALA A 35 -54.27 31.71 -2.13
CA ALA A 35 -54.01 32.59 -3.27
C ALA A 35 -55.13 33.60 -3.44
N LYS A 36 -54.99 34.46 -4.45
CA LYS A 36 -55.88 35.61 -4.58
C LYS A 36 -57.32 35.19 -4.82
N ASP A 37 -57.54 34.35 -5.82
CA ASP A 37 -58.88 33.97 -6.24
C ASP A 37 -58.98 32.46 -6.43
N LYS A 38 -58.38 31.72 -5.52
CA LYS A 38 -58.36 30.26 -5.57
C LYS A 38 -58.86 29.72 -4.24
N PRO A 39 -59.36 28.49 -4.23
CA PRO A 39 -59.70 27.86 -2.95
C PRO A 39 -58.45 27.62 -2.12
N THR A 40 -58.64 27.59 -0.81
CA THR A 40 -57.53 27.34 0.09
C THR A 40 -57.03 25.90 -0.07
N ILE A 41 -55.70 25.75 -0.08
CA ILE A 41 -55.07 24.48 -0.37
C ILE A 41 -54.26 24.04 0.85
N ASP A 42 -54.42 22.79 1.26
CA ASP A 42 -53.57 22.17 2.27
C ASP A 42 -52.74 21.09 1.60
N ILE A 43 -51.42 21.23 1.69
CA ILE A 43 -50.50 20.25 1.11
C ILE A 43 -49.55 19.78 2.20
N LYS A 44 -49.34 18.46 2.29
CA LYS A 44 -48.44 17.95 3.30
C LYS A 44 -47.84 16.61 2.86
N MET A 45 -46.62 16.36 3.33
CA MET A 45 -45.99 15.06 3.15
C MET A 45 -46.42 14.13 4.27
N MET A 46 -46.86 12.93 3.91
CA MET A 46 -47.43 11.99 4.88
C MET A 46 -46.43 10.92 5.31
N GLU A 47 -45.86 10.19 4.36
CA GLU A 47 -44.86 9.19 4.70
C GLU A 47 -43.95 8.93 3.51
N THR A 48 -42.66 8.84 3.79
CA THR A 48 -41.65 8.41 2.83
C THR A 48 -41.50 6.90 2.92
N GLU A 49 -41.21 6.28 1.78
CA GLU A 49 -41.11 4.82 1.75
C GLU A 49 -40.05 4.36 0.77
N ALA A 50 -39.13 3.55 1.27
CA ALA A 50 -38.13 2.87 0.45
C ALA A 50 -38.50 1.39 0.36
N THR A 51 -38.39 0.82 -0.83
CA THR A 51 -39.03 -0.45 -1.16
C THR A 51 -38.09 -1.65 -1.14
N ASN A 52 -37.01 -1.60 -1.91
CA ASN A 52 -36.12 -2.75 -2.09
C ASN A 52 -34.76 -2.42 -1.49
N LEU A 53 -34.44 -3.03 -0.36
CA LEU A 53 -33.25 -2.71 0.40
C LEU A 53 -32.20 -3.80 0.19
N ALA A 54 -30.95 -3.37 -0.01
CA ALA A 54 -29.83 -4.27 -0.25
C ALA A 54 -28.86 -4.20 0.92
N GLU A 55 -28.51 -5.36 1.47
CA GLU A 55 -27.58 -5.42 2.58
C GLU A 55 -26.20 -4.95 2.16
N VAL A 56 -25.53 -4.24 3.06
CA VAL A 56 -24.19 -3.73 2.77
C VAL A 56 -23.17 -4.30 3.74
N ARG A 57 -23.62 -4.67 4.94
CA ARG A 57 -22.74 -5.16 5.98
C ARG A 57 -23.57 -5.71 7.12
N SER A 58 -22.98 -6.64 7.87
CA SER A 58 -23.58 -7.16 9.10
C SER A 58 -22.55 -7.08 10.21
N TYR A 59 -22.92 -6.47 11.32
CA TYR A 59 -22.08 -6.35 12.50
C TYR A 59 -22.52 -7.36 13.54
N CYS A 60 -21.56 -7.95 14.25
CA CYS A 60 -21.87 -8.88 15.32
C CYS A 60 -21.84 -8.14 16.65
N TYR A 61 -22.90 -8.32 17.45
CA TYR A 61 -22.93 -7.78 18.79
C TYR A 61 -23.16 -8.84 19.85
N LEU A 62 -23.27 -10.11 19.47
CA LEU A 62 -23.29 -11.21 20.42
C LEU A 62 -22.50 -12.37 19.83
N ALA A 63 -21.39 -12.72 20.47
CA ALA A 63 -20.51 -13.77 20.00
C ALA A 63 -20.53 -14.94 20.97
N THR A 64 -20.05 -16.08 20.48
CA THR A 64 -19.97 -17.31 21.26
C THR A 64 -18.57 -17.89 21.14
N VAL A 65 -18.05 -18.38 22.25
CA VAL A 65 -16.78 -19.12 22.29
C VAL A 65 -17.11 -20.58 22.56
N SER A 66 -16.59 -21.47 21.72
CA SER A 66 -16.99 -22.87 21.78
C SER A 66 -15.86 -23.80 22.22
N ASP A 67 -14.75 -23.84 21.49
CA ASP A 67 -13.70 -24.82 21.72
C ASP A 67 -12.35 -24.12 21.79
N VAL A 68 -11.77 -24.07 22.98
CA VAL A 68 -10.52 -23.36 23.21
C VAL A 68 -9.40 -24.38 23.39
N SER A 69 -8.29 -24.14 22.71
CA SER A 69 -7.10 -24.98 22.83
C SER A 69 -5.86 -24.11 22.84
N THR A 70 -4.83 -24.59 23.51
CA THR A 70 -3.56 -23.90 23.59
C THR A 70 -2.44 -24.86 23.26
N VAL A 71 -1.42 -24.35 22.57
CA VAL A 71 -0.20 -25.12 22.29
C VAL A 71 0.99 -24.28 22.74
N SER A 72 1.94 -24.90 23.41
CA SER A 72 3.07 -24.20 24.01
C SER A 72 4.38 -24.77 23.50
N ASN A 73 5.40 -23.92 23.46
CA ASN A 73 6.75 -24.33 23.11
C ASN A 73 7.73 -23.89 24.18
N CYS A 74 8.91 -24.53 24.16
CA CYS A 74 9.96 -24.22 25.12
C CYS A 74 10.47 -22.80 24.92
N PRO A 75 11.09 -22.21 25.94
CA PRO A 75 11.37 -20.77 25.91
C PRO A 75 12.21 -20.30 24.74
N THR A 76 12.95 -21.17 24.06
CA THR A 76 13.73 -20.75 22.90
C THR A 76 13.43 -21.57 21.64
N THR A 77 12.53 -22.55 21.71
CA THR A 77 12.19 -23.32 20.52
C THR A 77 11.73 -22.42 19.39
N GLY A 78 10.76 -21.55 19.66
CA GLY A 78 10.22 -20.68 18.63
C GLY A 78 8.73 -20.45 18.81
N GLU A 79 8.17 -19.53 18.03
CA GLU A 79 6.76 -19.20 18.17
C GLU A 79 5.89 -20.42 17.96
N ALA A 80 4.92 -20.62 18.85
CA ALA A 80 4.02 -21.75 18.75
C ALA A 80 3.01 -21.53 17.63
N HIS A 81 2.53 -22.64 17.07
CA HIS A 81 1.52 -22.61 16.03
C HIS A 81 0.45 -23.63 16.36
N ASN A 82 -0.76 -23.16 16.58
CA ASN A 82 -1.90 -24.04 16.81
C ASN A 82 -2.37 -24.63 15.48
N PRO A 83 -2.67 -25.92 15.43
CA PRO A 83 -3.24 -26.48 14.19
C PRO A 83 -4.56 -25.85 13.78
N LYS A 84 -5.28 -25.23 14.71
CA LYS A 84 -6.54 -24.57 14.39
C LYS A 84 -6.35 -23.19 13.78
N ARG A 85 -5.12 -22.68 13.73
CA ARG A 85 -4.89 -21.35 13.17
C ARG A 85 -5.18 -21.31 11.68
N ALA A 86 -5.16 -22.45 10.99
CA ALA A 86 -5.51 -22.48 9.58
C ALA A 86 -7.02 -22.39 9.37
N GLU A 87 -7.80 -23.00 10.25
CA GLU A 87 -9.25 -23.08 10.06
C GLU A 87 -9.89 -21.69 10.21
N ASP A 88 -10.94 -21.48 9.41
CA ASP A 88 -11.47 -20.13 9.21
C ASP A 88 -12.23 -19.62 10.42
N THR A 89 -13.05 -20.45 11.04
CA THR A 89 -13.94 -20.02 12.10
C THR A 89 -13.26 -19.92 13.46
N TYR A 90 -11.93 -19.89 13.50
CA TYR A 90 -11.19 -19.90 14.75
C TYR A 90 -10.40 -18.61 14.89
N VAL A 91 -10.54 -17.97 16.04
CA VAL A 91 -9.74 -16.80 16.38
C VAL A 91 -8.56 -17.29 17.21
N CYS A 92 -7.36 -16.90 16.80
CA CYS A 92 -6.15 -17.39 17.42
C CYS A 92 -5.22 -16.25 17.78
N LYS A 93 -4.64 -16.32 18.97
CA LYS A 93 -3.80 -15.27 19.49
C LYS A 93 -2.54 -15.89 20.10
N SER A 94 -1.43 -15.16 19.98
CA SER A 94 -0.14 -15.62 20.45
C SER A 94 0.21 -14.88 21.74
N GLY A 95 0.46 -15.65 22.81
CA GLY A 95 0.85 -15.11 24.08
C GLY A 95 2.21 -15.63 24.49
N VAL A 96 2.66 -15.16 25.65
CA VAL A 96 3.98 -15.51 26.18
C VAL A 96 3.82 -15.80 27.67
N THR A 97 4.53 -16.81 28.16
CA THR A 97 4.32 -17.29 29.51
C THR A 97 5.61 -17.84 30.10
N ASP A 98 5.67 -17.84 31.44
CA ASP A 98 6.82 -18.36 32.14
C ASP A 98 6.92 -19.88 31.97
N ARG A 99 8.14 -20.35 31.75
CA ARG A 99 8.39 -21.77 31.54
C ARG A 99 9.73 -22.14 32.18
N GLY A 100 9.83 -23.39 32.60
CA GLY A 100 11.03 -23.85 33.27
C GLY A 100 11.00 -25.34 33.46
N TRP A 101 11.90 -25.82 34.33
CA TRP A 101 12.01 -27.25 34.56
C TRP A 101 10.74 -27.83 35.17
N GLY A 102 9.98 -27.04 35.92
CA GLY A 102 8.73 -27.51 36.48
C GLY A 102 7.59 -27.57 35.49
N ASN A 103 7.74 -26.93 34.34
CA ASN A 103 6.73 -26.94 33.29
C ASN A 103 7.02 -27.94 32.18
N GLY A 104 8.11 -28.69 32.29
CA GLY A 104 8.51 -29.62 31.26
C GLY A 104 9.55 -29.10 30.29
N CYS A 105 10.05 -27.89 30.50
CA CYS A 105 11.04 -27.31 29.61
C CYS A 105 12.46 -27.64 30.05
N GLY A 106 13.38 -27.66 29.10
CA GLY A 106 14.77 -27.86 29.39
C GLY A 106 15.47 -26.56 29.74
N LEU A 107 14.87 -25.44 29.38
CA LEU A 107 15.41 -24.12 29.64
C LEU A 107 14.43 -23.34 30.52
N PHE A 108 14.72 -22.06 30.71
CA PHE A 108 13.91 -21.17 31.53
C PHE A 108 13.59 -19.92 30.74
N GLY A 109 12.44 -19.32 31.05
CA GLY A 109 12.16 -18.01 30.49
C GLY A 109 10.80 -17.96 29.88
N LYS A 110 10.61 -16.98 29.00
CA LYS A 110 9.31 -16.72 28.38
C LYS A 110 9.15 -17.56 27.13
N GLY A 111 8.39 -18.66 27.23
CA GLY A 111 8.00 -19.42 26.08
C GLY A 111 6.74 -18.88 25.44
N SER A 112 6.44 -19.37 24.24
CA SER A 112 5.32 -18.87 23.45
C SER A 112 4.17 -19.86 23.47
N ILE A 113 2.96 -19.34 23.55
CA ILE A 113 1.74 -20.14 23.46
C ILE A 113 0.88 -19.58 22.35
N ASP A 114 0.08 -20.45 21.76
CA ASP A 114 -0.90 -20.08 20.74
C ASP A 114 -2.24 -20.64 21.17
N THR A 115 -3.24 -19.76 21.30
CA THR A 115 -4.56 -20.13 21.79
C THR A 115 -5.58 -19.88 20.69
N CYS A 116 -6.41 -20.88 20.41
CA CYS A 116 -7.45 -20.80 19.40
C CYS A 116 -8.80 -21.10 20.01
N ALA A 117 -9.79 -20.29 19.65
CA ALA A 117 -11.15 -20.45 20.13
C ALA A 117 -12.10 -20.34 18.95
N ASN A 118 -13.20 -21.09 19.01
CA ASN A 118 -14.16 -21.12 17.91
C ASN A 118 -15.14 -19.96 18.06
N PHE A 119 -15.10 -19.04 17.10
CA PHE A 119 -15.97 -17.87 17.10
C PHE A 119 -17.29 -18.19 16.39
N THR A 120 -18.38 -17.72 16.97
CA THR A 120 -19.71 -17.89 16.38
C THR A 120 -20.54 -16.67 16.70
N CYS A 121 -21.19 -16.11 15.67
CA CYS A 121 -22.08 -14.97 15.85
C CYS A 121 -23.49 -15.48 16.10
N SER A 122 -24.12 -14.96 17.15
CA SER A 122 -25.50 -15.32 17.49
C SER A 122 -26.50 -14.26 17.06
N LEU A 123 -26.18 -12.99 17.26
CA LEU A 123 -27.06 -11.89 16.90
C LEU A 123 -26.30 -10.88 16.07
N LYS A 124 -26.97 -10.32 15.08
CA LYS A 124 -26.31 -9.50 14.06
C LYS A 124 -27.18 -8.29 13.71
N ALA A 125 -26.54 -7.15 13.56
CA ALA A 125 -27.17 -5.92 13.11
C ALA A 125 -26.85 -5.70 11.63
N VAL A 126 -27.88 -5.55 10.82
CA VAL A 126 -27.75 -5.55 9.37
C VAL A 126 -27.93 -4.13 8.85
N GLY A 127 -26.94 -3.63 8.11
CA GLY A 127 -27.08 -2.37 7.41
C GLY A 127 -27.52 -2.61 5.97
N ARG A 128 -28.40 -1.73 5.49
CA ARG A 128 -28.96 -1.85 4.16
C ARG A 128 -28.88 -0.50 3.45
N MET A 129 -28.86 -0.55 2.13
CA MET A 129 -28.72 0.63 1.28
C MET A 129 -30.03 0.92 0.57
N ILE A 130 -30.35 2.20 0.43
CA ILE A 130 -31.53 2.64 -0.31
C ILE A 130 -31.10 3.16 -1.67
N GLN A 131 -31.75 2.67 -2.70
CA GLN A 131 -31.56 3.25 -4.03
C GLN A 131 -32.55 4.39 -4.24
N PRO A 132 -32.09 5.55 -4.73
CA PRO A 132 -33.01 6.70 -4.86
C PRO A 132 -34.24 6.40 -5.70
N GLU A 133 -34.13 5.49 -6.68
CA GLU A 133 -35.26 5.12 -7.51
C GLU A 133 -36.33 4.33 -6.77
N ASN A 134 -36.04 3.84 -5.56
CA ASN A 134 -37.00 3.08 -4.78
C ASN A 134 -37.68 3.90 -3.71
N VAL A 135 -37.35 5.18 -3.60
CA VAL A 135 -37.96 6.06 -2.61
C VAL A 135 -39.24 6.65 -3.19
N LYS A 136 -40.33 6.55 -2.44
CA LYS A 136 -41.60 7.16 -2.85
C LYS A 136 -42.17 7.96 -1.70
N TYR A 137 -42.59 9.19 -2.00
CA TYR A 137 -43.17 10.09 -1.02
C TYR A 137 -44.69 10.11 -1.19
N GLU A 138 -45.42 9.89 -0.11
CA GLU A 138 -46.86 10.07 -0.13
C GLU A 138 -47.17 11.53 0.18
N VAL A 139 -47.96 12.15 -0.69
CA VAL A 139 -48.32 13.56 -0.54
C VAL A 139 -49.84 13.67 -0.53
N GLY A 140 -50.35 14.46 0.42
CA GLY A 140 -51.76 14.71 0.55
C GLY A 140 -52.09 16.15 0.18
N ILE A 141 -53.09 16.30 -0.69
CA ILE A 141 -53.63 17.58 -1.10
C ILE A 141 -55.09 17.64 -0.65
N PHE A 142 -55.50 18.79 -0.14
CA PHE A 142 -56.86 18.98 0.35
C PHE A 142 -57.33 20.37 -0.04
N ILE A 143 -58.61 20.48 -0.40
CA ILE A 143 -59.23 21.76 -0.72
C ILE A 143 -60.28 22.05 0.34
N HIS A 144 -60.24 23.26 0.90
CA HIS A 144 -61.18 23.67 1.94
C HIS A 144 -62.54 23.91 1.29
N GLY A 145 -63.25 22.82 1.02
CA GLY A 145 -64.62 22.91 0.55
C GLY A 145 -65.57 22.95 1.73
N SER A 146 -66.64 22.18 1.67
CA SER A 146 -67.59 22.10 2.76
C SER A 146 -67.33 20.80 3.53
N THR A 147 -66.91 20.94 4.78
CA THR A 147 -66.64 19.79 5.64
C THR A 147 -67.37 19.97 6.96
N SER A 148 -67.63 18.85 7.62
CA SER A 148 -68.05 18.85 9.01
C SER A 148 -66.82 18.71 9.90
N SER A 149 -67.04 18.65 11.22
CA SER A 149 -65.91 18.50 12.12
C SER A 149 -65.36 17.08 12.09
N ASP A 150 -66.24 16.07 11.99
CA ASP A 150 -65.80 14.69 11.94
C ASP A 150 -65.23 14.31 10.57
N THR A 151 -65.82 14.82 9.50
CA THR A 151 -65.38 14.46 8.16
C THR A 151 -64.15 15.25 7.71
N HIS A 152 -63.81 16.33 8.40
CA HIS A 152 -62.60 17.11 8.09
C HIS A 152 -61.41 16.37 8.69
N GLY A 153 -60.91 15.39 7.94
CA GLY A 153 -59.85 14.54 8.44
C GLY A 153 -60.04 13.11 8.02
N ASN A 154 -61.23 12.80 7.53
CA ASN A 154 -61.55 11.48 7.00
C ASN A 154 -61.30 11.50 5.50
N TYR A 155 -60.31 10.73 5.05
CA TYR A 155 -59.97 10.73 3.62
C TYR A 155 -61.05 10.04 2.80
N SER A 156 -61.68 9.01 3.34
CA SER A 156 -62.72 8.29 2.60
C SER A 156 -63.91 9.17 2.28
N SER A 157 -64.12 10.26 3.02
CA SER A 157 -65.20 11.20 2.74
C SER A 157 -64.73 12.41 1.96
N GLN A 158 -63.52 12.90 2.21
CA GLN A 158 -63.00 14.02 1.44
C GLN A 158 -62.73 13.64 -0.01
N LEU A 159 -62.23 12.41 -0.22
CA LEU A 159 -62.04 11.93 -1.58
C LEU A 159 -63.37 11.76 -2.30
N GLY A 160 -64.38 11.27 -1.58
CA GLY A 160 -65.70 11.11 -2.17
C GLY A 160 -66.37 12.41 -2.54
N ALA A 161 -65.94 13.52 -1.94
CA ALA A 161 -66.40 14.84 -2.30
C ALA A 161 -65.50 15.53 -3.32
N SER A 162 -64.49 14.82 -3.82
CA SER A 162 -63.51 15.37 -4.76
C SER A 162 -62.78 16.57 -4.16
N GLN A 163 -62.55 16.55 -2.84
CA GLN A 163 -61.89 17.63 -2.15
C GLN A 163 -60.47 17.29 -1.69
N ALA A 164 -60.03 16.06 -1.90
CA ALA A 164 -58.71 15.65 -1.43
C ALA A 164 -58.14 14.57 -2.34
N GLY A 165 -56.83 14.42 -2.25
CA GLY A 165 -56.12 13.40 -3.01
C GLY A 165 -54.79 13.01 -2.39
N ARG A 166 -54.58 11.71 -2.24
CA ARG A 166 -53.29 11.16 -1.83
C ARG A 166 -52.59 10.60 -3.06
N PHE A 167 -51.36 11.03 -3.31
CA PHE A 167 -50.63 10.54 -4.46
C PHE A 167 -49.19 10.23 -4.10
N THR A 168 -48.61 9.30 -4.84
CA THR A 168 -47.23 8.86 -4.65
C THR A 168 -46.33 9.56 -5.65
N ILE A 169 -45.21 10.09 -5.16
CA ILE A 169 -44.22 10.77 -5.99
C ILE A 169 -42.92 9.99 -5.92
N THR A 170 -42.41 9.61 -7.08
CA THR A 170 -41.17 8.87 -7.24
C THR A 170 -40.28 9.62 -8.22
N PRO A 171 -39.02 9.21 -8.37
CA PRO A 171 -38.22 9.78 -9.46
C PRO A 171 -38.82 9.54 -10.83
N ASN A 172 -39.51 8.43 -11.03
CA ASN A 172 -40.14 8.13 -12.32
C ASN A 172 -41.51 8.76 -12.49
N SER A 173 -42.12 9.26 -11.41
CA SER A 173 -43.37 10.02 -11.49
C SER A 173 -43.25 11.24 -10.60
N PRO A 174 -42.40 12.20 -10.99
CA PRO A 174 -42.15 13.36 -10.13
C PRO A 174 -43.24 14.43 -10.20
N ALA A 175 -44.18 14.32 -11.13
CA ALA A 175 -45.23 15.30 -11.31
C ALA A 175 -46.57 14.59 -11.34
N ILE A 176 -47.54 15.12 -10.61
CA ILE A 176 -48.88 14.55 -10.54
C ILE A 176 -49.90 15.67 -10.67
N THR A 177 -50.93 15.43 -11.46
CA THR A 177 -52.11 16.29 -11.52
C THR A 177 -53.28 15.52 -10.93
N VAL A 178 -53.98 16.13 -9.97
CA VAL A 178 -55.14 15.50 -9.36
C VAL A 178 -56.37 16.37 -9.60
N LYS A 179 -57.43 15.73 -10.07
CA LYS A 179 -58.71 16.38 -10.28
C LYS A 179 -59.37 16.70 -8.96
N MET A 180 -60.05 17.84 -8.89
CA MET A 180 -60.71 18.22 -7.65
C MET A 180 -62.15 18.61 -7.91
N GLY A 181 -62.83 17.83 -8.76
CA GLY A 181 -64.24 18.01 -9.02
C GLY A 181 -64.60 19.34 -9.64
N ASP A 182 -65.29 20.18 -8.87
CA ASP A 182 -65.71 21.49 -9.36
C ASP A 182 -64.65 22.57 -9.18
N TYR A 183 -63.56 22.27 -8.48
CA TYR A 183 -62.47 23.22 -8.31
C TYR A 183 -61.44 23.13 -9.43
N GLY A 184 -61.55 22.14 -10.30
CA GLY A 184 -60.67 22.03 -11.45
C GLY A 184 -59.57 21.00 -11.21
N GLU A 185 -58.34 21.38 -11.49
CA GLU A 185 -57.18 20.51 -11.39
C GLU A 185 -56.12 21.22 -10.56
N ILE A 186 -55.47 20.48 -9.68
CA ILE A 186 -54.30 21.00 -8.97
C ILE A 186 -53.12 20.10 -9.30
N SER A 187 -52.00 20.70 -9.70
CA SER A 187 -50.88 19.90 -10.12
C SER A 187 -49.65 20.22 -9.27
N VAL A 188 -48.71 19.30 -9.26
CA VAL A 188 -47.49 19.48 -8.48
C VAL A 188 -46.34 18.81 -9.23
N GLU A 189 -45.20 19.49 -9.24
CA GLU A 189 -43.96 18.93 -9.75
C GLU A 189 -42.92 18.99 -8.65
N CYS A 190 -42.29 17.86 -8.35
CA CYS A 190 -41.41 17.81 -7.20
C CYS A 190 -40.01 17.39 -7.62
N GLU A 191 -39.13 17.23 -6.62
CA GLU A 191 -37.75 16.84 -6.84
C GLU A 191 -37.42 15.69 -5.90
N PRO A 192 -37.97 14.50 -6.17
CA PRO A 192 -37.80 13.39 -5.22
C PRO A 192 -36.35 12.98 -5.00
N ARG A 193 -35.46 13.23 -5.96
CA ARG A 193 -34.07 12.85 -5.77
C ARG A 193 -33.35 13.76 -4.79
N ASN A 194 -33.88 14.96 -4.54
CA ASN A 194 -33.28 15.88 -3.59
C ASN A 194 -33.89 15.78 -2.20
N GLY A 195 -34.95 15.00 -2.03
CA GLY A 195 -35.62 14.94 -0.74
C GLY A 195 -34.87 14.17 0.31
N LEU A 196 -34.77 12.86 0.11
CA LEU A 196 -34.08 11.98 1.05
C LEU A 196 -32.73 11.60 0.44
N ASN A 197 -31.65 12.12 1.04
CA ASN A 197 -30.30 11.91 0.54
C ASN A 197 -29.86 10.49 0.84
N THR A 198 -30.34 9.54 0.03
CA THR A 198 -30.05 8.13 0.27
C THR A 198 -28.56 7.83 0.17
N GLU A 199 -27.79 8.71 -0.46
CA GLU A 199 -26.34 8.51 -0.56
C GLU A 199 -25.66 8.67 0.78
N ALA A 200 -26.31 9.29 1.77
CA ALA A 200 -25.69 9.58 3.05
C ALA A 200 -26.22 8.73 4.18
N TYR A 201 -27.09 7.77 3.90
CA TYR A 201 -27.74 7.01 4.97
C TYR A 201 -27.72 5.52 4.67
N TYR A 202 -27.75 4.75 5.75
CA TYR A 202 -28.04 3.32 5.74
C TYR A 202 -29.25 3.07 6.64
N ILE A 203 -29.87 1.93 6.44
CA ILE A 203 -30.92 1.44 7.33
C ILE A 203 -30.30 0.34 8.18
N MET A 204 -30.12 0.61 9.46
CA MET A 204 -29.54 -0.34 10.40
C MET A 204 -30.66 -1.02 11.18
N SER A 205 -30.74 -2.33 11.06
CA SER A 205 -31.71 -3.13 11.80
C SER A 205 -30.98 -3.92 12.87
N VAL A 206 -31.33 -3.66 14.13
CA VAL A 206 -30.82 -4.40 15.27
C VAL A 206 -32.02 -4.95 16.05
N GLY A 207 -32.10 -6.26 16.16
CA GLY A 207 -33.27 -6.87 16.77
C GLY A 207 -34.52 -6.51 15.98
N THR A 208 -35.49 -5.90 16.66
CA THR A 208 -36.71 -5.41 16.02
C THR A 208 -36.70 -3.91 15.85
N LYS A 209 -35.60 -3.24 16.14
CA LYS A 209 -35.49 -1.80 15.99
C LYS A 209 -34.73 -1.46 14.72
N HIS A 210 -35.16 -0.40 14.05
CA HIS A 210 -34.58 0.00 12.77
C HIS A 210 -34.31 1.50 12.80
N PHE A 211 -33.18 1.90 12.23
CA PHE A 211 -32.71 3.27 12.33
C PHE A 211 -32.17 3.74 10.99
N LEU A 212 -32.27 5.04 10.76
CA LEU A 212 -31.63 5.70 9.63
C LEU A 212 -30.33 6.29 10.15
N VAL A 213 -29.20 5.74 9.71
CA VAL A 213 -27.90 6.06 10.29
C VAL A 213 -27.00 6.67 9.23
N HIS A 214 -26.10 7.53 9.68
CA HIS A 214 -25.09 8.08 8.80
C HIS A 214 -24.16 6.99 8.30
N ARG A 215 -23.75 7.09 7.05
CA ARG A 215 -22.92 6.06 6.45
C ARG A 215 -21.53 6.01 7.10
N GLU A 216 -20.95 7.18 7.38
CA GLU A 216 -19.64 7.21 8.01
C GLU A 216 -19.68 6.57 9.40
N TRP A 217 -20.70 6.92 10.19
CA TRP A 217 -20.84 6.32 11.51
C TRP A 217 -21.01 4.82 11.41
N PHE A 218 -21.84 4.35 10.48
CA PHE A 218 -22.04 2.91 10.33
C PHE A 218 -20.76 2.20 9.93
N ASN A 219 -19.99 2.80 9.03
CA ASN A 219 -18.73 2.19 8.62
C ASN A 219 -17.67 2.29 9.69
N ASP A 220 -17.86 3.11 10.73
CA ASP A 220 -16.87 3.28 11.78
C ASP A 220 -17.17 2.53 13.07
N LEU A 221 -18.14 1.61 13.08
CA LEU A 221 -18.34 0.79 14.27
C LEU A 221 -17.19 -0.18 14.48
N ALA A 222 -16.84 -0.39 15.75
CA ALA A 222 -15.80 -1.34 16.13
C ALA A 222 -16.48 -2.63 16.61
N LEU A 223 -16.96 -3.41 15.66
CA LEU A 223 -17.56 -4.71 15.90
C LEU A 223 -17.12 -5.66 14.81
N PRO A 224 -17.18 -6.96 15.06
CA PRO A 224 -16.95 -7.91 13.97
C PRO A 224 -17.99 -7.72 12.87
N TRP A 225 -17.53 -7.79 11.62
CA TRP A 225 -18.41 -7.50 10.50
C TRP A 225 -18.10 -8.42 9.33
N THR A 226 -19.12 -8.70 8.54
CA THR A 226 -19.02 -9.47 7.31
C THR A 226 -19.48 -8.63 6.13
N SER A 227 -19.26 -9.17 4.95
CA SER A 227 -19.89 -8.70 3.74
C SER A 227 -21.24 -9.37 3.57
N PRO A 228 -22.15 -8.78 2.79
CA PRO A 228 -23.45 -9.40 2.58
C PRO A 228 -23.30 -10.79 1.97
N ALA A 229 -24.17 -11.71 2.41
CA ALA A 229 -24.15 -13.10 1.96
C ALA A 229 -22.79 -13.75 2.20
N SER A 230 -22.26 -13.56 3.40
CA SER A 230 -21.03 -14.23 3.80
C SER A 230 -21.03 -14.40 5.30
N SER A 231 -20.40 -15.49 5.75
CA SER A 231 -20.20 -15.76 7.17
C SER A 231 -18.73 -15.71 7.55
N ASN A 232 -17.95 -14.93 6.79
CA ASN A 232 -16.52 -14.78 7.03
C ASN A 232 -16.33 -13.54 7.93
N TRP A 233 -16.45 -13.75 9.23
CA TRP A 233 -16.35 -12.64 10.18
C TRP A 233 -14.92 -12.17 10.30
N ARG A 234 -14.76 -10.87 10.57
CA ARG A 234 -13.44 -10.27 10.70
C ARG A 234 -13.47 -9.19 11.78
N ASN A 235 -12.30 -8.94 12.36
CA ASN A 235 -12.16 -8.24 13.63
C ASN A 235 -12.93 -8.97 14.74
N ARG A 236 -12.88 -10.31 14.69
CA ARG A 236 -13.62 -11.12 15.65
C ARG A 236 -13.12 -10.90 17.08
N GLU A 237 -11.80 -10.77 17.26
CA GLU A 237 -11.24 -10.64 18.59
C GLU A 237 -11.64 -9.34 19.28
N ILE A 238 -12.46 -8.50 18.64
CA ILE A 238 -13.08 -7.38 19.35
C ILE A 238 -14.00 -7.90 20.45
N LEU A 239 -14.71 -9.00 20.18
CA LEU A 239 -15.66 -9.56 21.13
C LEU A 239 -15.07 -10.67 21.97
N LEU A 240 -13.75 -10.84 21.96
CA LEU A 240 -13.09 -11.91 22.70
C LEU A 240 -12.10 -11.32 23.69
N GLU A 241 -12.04 -11.91 24.88
CA GLU A 241 -11.02 -11.59 25.86
C GLU A 241 -10.23 -12.85 26.18
N PHE A 242 -8.91 -12.76 26.05
CA PHE A 242 -8.00 -13.84 26.39
C PHE A 242 -7.50 -13.64 27.81
N GLU A 243 -7.72 -14.62 28.67
CA GLU A 243 -7.36 -14.50 30.07
C GLU A 243 -5.86 -14.66 30.23
N GLU A 244 -5.41 -14.78 31.47
CA GLU A 244 -3.99 -14.92 31.74
C GLU A 244 -3.46 -16.22 31.17
N PRO A 245 -2.33 -16.22 30.47
CA PRO A 245 -1.78 -17.46 29.92
C PRO A 245 -1.32 -18.40 31.01
N HIS A 246 -1.37 -19.70 30.71
CA HIS A 246 -0.96 -20.74 31.64
C HIS A 246 -0.08 -21.81 31.03
N ALA A 247 0.17 -21.78 29.72
CA ALA A 247 1.08 -22.68 29.01
C ALA A 247 0.50 -24.09 28.88
N THR A 248 -0.66 -24.35 29.49
CA THR A 248 -1.31 -25.63 29.32
C THR A 248 -2.77 -25.42 28.96
N LYS A 249 -3.33 -24.29 29.38
CA LYS A 249 -4.67 -23.89 28.98
C LYS A 249 -4.85 -22.41 29.30
N GLN A 250 -5.20 -21.62 28.30
CA GLN A 250 -5.53 -20.22 28.47
C GLN A 250 -7.01 -20.04 28.18
N SER A 251 -7.72 -19.38 29.09
CA SER A 251 -9.17 -19.22 28.95
C SER A 251 -9.49 -18.08 28.00
N VAL A 252 -10.47 -18.31 27.13
CA VAL A 252 -11.01 -17.28 26.26
C VAL A 252 -12.49 -17.13 26.60
N VAL A 253 -12.91 -15.89 26.80
CA VAL A 253 -14.31 -15.61 27.08
C VAL A 253 -14.84 -14.67 26.02
N ALA A 254 -16.14 -14.75 25.77
CA ALA A 254 -16.82 -13.82 24.90
C ALA A 254 -17.35 -12.66 25.73
N LEU A 255 -17.08 -11.44 25.27
CA LEU A 255 -17.66 -10.28 25.93
C LEU A 255 -19.18 -10.32 25.80
N GLY A 256 -19.85 -9.73 26.78
CA GLY A 256 -21.30 -9.77 26.82
C GLY A 256 -21.93 -9.16 25.58
N SER A 257 -23.24 -9.35 25.49
CA SER A 257 -23.99 -8.80 24.37
C SER A 257 -23.80 -7.29 24.28
N GLN A 258 -23.54 -6.80 23.08
CA GLN A 258 -23.33 -5.39 22.83
C GLN A 258 -24.58 -4.71 22.28
N GLU A 259 -25.74 -5.37 22.40
CA GLU A 259 -26.98 -4.79 21.88
C GLU A 259 -27.31 -3.47 22.58
N GLY A 260 -27.18 -3.44 23.90
CA GLY A 260 -27.44 -2.21 24.62
C GLY A 260 -26.42 -1.12 24.34
N ALA A 261 -25.15 -1.50 24.24
CA ALA A 261 -24.13 -0.52 23.87
C ALA A 261 -24.36 -0.01 22.45
N LEU A 262 -24.86 -0.87 21.56
CA LEU A 262 -25.24 -0.41 20.23
C LEU A 262 -26.40 0.58 20.30
N HIS A 263 -27.40 0.30 21.13
CA HIS A 263 -28.50 1.24 21.32
C HIS A 263 -28.00 2.58 21.83
N GLN A 264 -27.01 2.55 22.73
CA GLN A 264 -26.46 3.79 23.24
C GLN A 264 -25.64 4.54 22.19
N ALA A 265 -24.95 3.79 21.32
CA ALA A 265 -24.23 4.44 20.23
C ALA A 265 -25.16 5.00 19.18
N LEU A 266 -26.36 4.45 19.05
CA LEU A 266 -27.35 4.91 18.08
C LEU A 266 -28.06 6.19 18.49
N ALA A 267 -27.65 6.82 19.59
CA ALA A 267 -28.29 8.05 20.04
C ALA A 267 -28.19 9.11 18.97
N GLY A 268 -29.34 9.72 18.64
CA GLY A 268 -29.43 10.71 17.60
C GLY A 268 -29.85 10.16 16.25
N ALA A 269 -29.89 8.85 16.08
CA ALA A 269 -30.38 8.26 14.85
C ALA A 269 -31.91 8.32 14.83
N VAL A 270 -32.47 8.20 13.64
CA VAL A 270 -33.91 8.40 13.42
C VAL A 270 -34.57 7.02 13.37
N PRO A 271 -35.43 6.68 14.31
CA PRO A 271 -36.15 5.39 14.23
C PRO A 271 -37.05 5.35 13.02
N VAL A 272 -37.13 4.16 12.41
CA VAL A 272 -37.98 3.91 11.26
C VAL A 272 -38.66 2.56 11.44
N SER A 273 -39.68 2.32 10.63
CA SER A 273 -40.40 1.05 10.63
C SER A 273 -40.05 0.28 9.38
N PHE A 274 -39.70 -0.99 9.54
CA PHE A 274 -39.21 -1.82 8.44
C PHE A 274 -39.85 -3.20 8.49
N SER A 275 -41.17 -3.23 8.62
CA SER A 275 -41.87 -4.52 8.61
C SER A 275 -41.70 -5.22 7.26
N SER A 276 -42.03 -4.53 6.18
CA SER A 276 -41.78 -5.01 4.83
C SER A 276 -40.91 -4.05 4.04
N SER A 277 -41.24 -2.77 4.03
CA SER A 277 -40.45 -1.72 3.43
C SER A 277 -40.15 -0.67 4.49
N VAL A 278 -39.15 0.16 4.22
CA VAL A 278 -38.74 1.18 5.18
C VAL A 278 -39.68 2.36 5.08
N LYS A 279 -40.38 2.67 6.16
CA LYS A 279 -41.30 3.79 6.22
C LYS A 279 -40.78 4.84 7.18
N LEU A 280 -40.86 6.10 6.76
CA LEU A 280 -40.36 7.22 7.53
C LEU A 280 -41.40 8.33 7.51
N THR A 281 -41.36 9.18 8.52
CA THR A 281 -42.24 10.33 8.58
C THR A 281 -41.48 11.65 8.69
N SER A 282 -40.16 11.59 8.89
CA SER A 282 -39.34 12.80 8.89
C SER A 282 -38.91 13.11 7.45
N GLY A 283 -37.96 14.02 7.30
CA GLY A 283 -37.45 14.41 5.99
C GLY A 283 -38.16 15.61 5.43
N HIS A 284 -37.90 15.86 4.15
CA HIS A 284 -38.55 16.95 3.43
C HIS A 284 -38.62 16.62 1.95
N LEU A 285 -39.44 17.37 1.24
CA LEU A 285 -39.61 17.20 -0.20
C LEU A 285 -39.96 18.53 -0.80
N LYS A 286 -39.11 19.03 -1.70
CA LYS A 286 -39.35 20.31 -2.34
C LYS A 286 -40.28 20.11 -3.54
N CYS A 287 -41.34 20.91 -3.60
CA CYS A 287 -42.37 20.76 -4.62
C CYS A 287 -42.77 22.12 -5.14
N ARG A 288 -43.42 22.11 -6.31
CA ARG A 288 -43.99 23.29 -6.93
C ARG A 288 -45.46 23.00 -7.18
N VAL A 289 -46.33 23.79 -6.57
CA VAL A 289 -47.77 23.65 -6.67
C VAL A 289 -48.25 24.58 -7.77
N LYS A 290 -48.93 24.02 -8.76
CA LYS A 290 -49.46 24.75 -9.90
C LYS A 290 -50.97 24.80 -9.77
N MET A 291 -51.50 26.03 -9.70
CA MET A 291 -52.90 26.30 -9.42
C MET A 291 -53.60 27.02 -10.56
N GLU A 292 -53.03 27.02 -11.77
CA GLU A 292 -53.65 27.74 -12.87
C GLU A 292 -54.97 27.09 -13.28
N LYS A 293 -55.05 25.76 -13.24
CA LYS A 293 -56.29 25.07 -13.50
C LYS A 293 -57.17 24.96 -12.26
N LEU A 294 -56.74 25.51 -11.14
CA LEU A 294 -57.52 25.52 -9.92
C LEU A 294 -58.43 26.74 -9.93
N THR A 295 -59.74 26.51 -9.82
CA THR A 295 -60.73 27.57 -9.94
C THR A 295 -61.69 27.52 -8.76
N LEU A 296 -62.26 28.68 -8.43
CA LEU A 296 -63.34 28.72 -7.47
C LEU A 296 -64.59 28.07 -8.04
N LYS A 297 -65.36 27.44 -7.17
CA LYS A 297 -66.53 26.68 -7.61
C LYS A 297 -67.58 27.58 -8.22
N GLY A 298 -68.19 27.12 -9.31
CA GLY A 298 -69.31 27.84 -9.92
C GLY A 298 -70.59 27.52 -9.19
N THR A 299 -71.05 28.45 -8.36
CA THR A 299 -72.09 28.20 -7.37
C THR A 299 -73.35 28.99 -7.76
N THR A 300 -74.35 28.27 -8.27
CA THR A 300 -75.59 28.90 -8.69
C THR A 300 -76.48 29.25 -7.51
N TYR A 301 -76.37 28.52 -6.41
CA TYR A 301 -77.29 28.67 -5.30
C TYR A 301 -77.03 29.98 -4.54
N GLY A 302 -78.06 30.45 -3.84
CA GLY A 302 -77.99 31.67 -3.09
C GLY A 302 -77.57 31.46 -1.65
N MET A 303 -77.69 32.53 -0.87
CA MET A 303 -77.32 32.48 0.54
C MET A 303 -78.33 31.64 1.32
N CYS A 304 -77.87 31.14 2.47
CA CYS A 304 -78.75 30.41 3.38
C CYS A 304 -79.69 31.39 4.07
N THR A 305 -80.97 31.04 4.12
CA THR A 305 -81.99 31.96 4.61
C THR A 305 -82.37 31.76 6.07
N GLU A 306 -82.07 30.61 6.64
CA GLU A 306 -82.58 30.25 7.96
C GLU A 306 -81.57 30.58 9.05
N LYS A 307 -81.84 30.09 10.25
CA LYS A 307 -81.07 30.42 11.44
C LYS A 307 -79.88 29.48 11.59
N PHE A 308 -78.76 30.04 12.04
CA PHE A 308 -77.54 29.30 12.32
C PHE A 308 -77.30 29.24 13.81
N SER A 309 -76.51 28.25 14.23
CA SER A 309 -76.09 28.15 15.62
C SER A 309 -74.69 27.56 15.65
N PHE A 310 -73.98 27.83 16.74
CA PHE A 310 -72.63 27.30 16.93
C PHE A 310 -72.74 25.87 17.45
N ALA A 311 -72.67 24.92 16.51
CA ALA A 311 -72.61 23.51 16.91
C ALA A 311 -71.34 23.24 17.72
N LYS A 312 -70.24 23.85 17.32
CA LYS A 312 -69.01 23.85 18.09
C LYS A 312 -68.51 25.28 18.21
N ASN A 313 -68.31 25.74 19.45
CA ASN A 313 -67.92 27.11 19.70
C ASN A 313 -66.56 27.40 19.07
N PRO A 314 -66.29 28.66 18.71
CA PRO A 314 -65.01 28.99 18.09
C PRO A 314 -63.84 28.58 18.96
N ALA A 315 -62.85 27.98 18.34
CA ALA A 315 -61.65 27.51 19.02
C ALA A 315 -60.43 28.15 18.41
N ASP A 316 -59.45 28.47 19.25
CA ASP A 316 -58.21 29.05 18.79
C ASP A 316 -57.26 27.92 18.44
N THR A 317 -56.65 27.99 17.26
CA THR A 317 -55.65 27.01 16.87
C THR A 317 -54.29 27.51 17.35
N GLY A 318 -53.22 26.87 16.91
CA GLY A 318 -51.94 27.40 17.30
C GLY A 318 -51.38 28.44 16.38
N HIS A 319 -52.11 28.86 15.35
CA HIS A 319 -51.52 29.61 14.25
C HIS A 319 -52.41 30.78 13.86
N SER A 320 -52.88 31.51 14.87
CA SER A 320 -53.60 32.78 14.67
C SER A 320 -54.90 32.59 13.89
N THR A 321 -55.47 31.40 13.90
CA THR A 321 -56.72 31.12 13.22
C THR A 321 -57.77 30.68 14.22
N VAL A 322 -59.04 30.81 13.81
CA VAL A 322 -60.19 30.44 14.62
C VAL A 322 -61.01 29.45 13.82
N VAL A 323 -61.36 28.34 14.46
CA VAL A 323 -62.20 27.32 13.84
C VAL A 323 -63.47 27.18 14.67
N LEU A 324 -64.61 27.11 13.99
CA LEU A 324 -65.90 26.94 14.62
C LEU A 324 -66.72 26.00 13.74
N GLU A 325 -67.80 25.47 14.30
CA GLU A 325 -68.70 24.63 13.54
C GLU A 325 -70.12 25.16 13.67
N LEU A 326 -70.73 25.50 12.54
CA LEU A 326 -72.07 26.03 12.49
C LEU A 326 -73.09 24.92 12.29
N GLN A 327 -74.21 25.04 12.96
CA GLN A 327 -75.36 24.17 12.79
C GLN A 327 -76.42 24.92 12.01
N TYR A 328 -76.79 24.40 10.84
CA TYR A 328 -77.81 25.01 10.00
C TYR A 328 -79.12 24.26 10.18
N THR A 329 -80.16 25.00 10.57
CA THR A 329 -81.47 24.43 10.81
C THR A 329 -82.31 24.29 9.55
N GLY A 330 -82.01 25.07 8.51
CA GLY A 330 -82.80 25.04 7.30
C GLY A 330 -82.54 23.82 6.46
N SER A 331 -83.38 23.64 5.44
CA SER A 331 -83.29 22.49 4.55
C SER A 331 -83.37 22.91 3.08
N ASP A 332 -82.99 24.15 2.76
CA ASP A 332 -83.08 24.67 1.40
C ASP A 332 -81.82 24.35 0.60
N GLY A 333 -81.47 23.06 0.59
CA GLY A 333 -80.39 22.56 -0.22
C GLY A 333 -79.07 23.26 0.05
N PRO A 334 -78.14 23.15 -0.89
CA PRO A 334 -76.88 23.88 -0.76
C PRO A 334 -77.10 25.38 -0.82
N CYS A 335 -76.43 26.10 0.07
CA CYS A 335 -76.58 27.55 0.12
C CYS A 335 -75.35 28.14 0.80
N LYS A 336 -75.09 29.41 0.49
CA LYS A 336 -73.93 30.09 1.02
C LYS A 336 -74.21 30.61 2.43
N ILE A 337 -73.19 30.54 3.29
CA ILE A 337 -73.30 30.93 4.68
C ILE A 337 -72.91 32.41 4.79
N PRO A 338 -73.78 33.26 5.30
CA PRO A 338 -73.44 34.70 5.47
C PRO A 338 -72.64 34.96 6.75
N ILE A 339 -71.40 34.48 6.77
CA ILE A 339 -70.53 34.59 7.92
C ILE A 339 -69.36 35.50 7.57
N SER A 340 -68.98 36.37 8.52
CA SER A 340 -67.89 37.29 8.29
C SER A 340 -67.30 37.72 9.63
N ILE A 341 -66.23 38.49 9.55
CA ILE A 341 -65.55 39.07 10.71
C ILE A 341 -65.65 40.58 10.63
N VAL A 342 -66.11 41.20 11.70
CA VAL A 342 -66.31 42.64 11.74
C VAL A 342 -65.54 43.22 12.92
N ALA A 343 -65.15 44.48 12.80
CA ALA A 343 -64.48 45.17 13.90
C ALA A 343 -65.46 45.57 14.98
N SER A 344 -66.68 45.95 14.60
CA SER A 344 -67.72 46.30 15.56
C SER A 344 -69.06 45.97 14.93
N LEU A 345 -70.10 45.94 15.77
CA LEU A 345 -71.43 45.56 15.30
C LEU A 345 -72.12 46.69 14.54
N SER A 346 -71.57 47.89 14.57
CA SER A 346 -72.11 49.01 13.79
C SER A 346 -71.56 49.03 12.37
N ASP A 347 -70.25 48.80 12.22
CA ASP A 347 -69.62 48.70 10.91
C ASP A 347 -69.46 47.23 10.57
N LEU A 348 -70.33 46.71 9.71
CA LEU A 348 -70.33 45.30 9.33
C LEU A 348 -69.45 45.01 8.11
N THR A 349 -68.45 45.84 7.85
CA THR A 349 -67.53 45.59 6.76
C THR A 349 -66.65 44.39 7.09
N PRO A 350 -66.59 43.36 6.24
CA PRO A 350 -65.72 42.21 6.53
C PRO A 350 -64.26 42.64 6.48
N ILE A 351 -63.54 42.36 7.57
CA ILE A 351 -62.18 42.87 7.71
C ILE A 351 -61.19 41.71 7.77
N GLY A 352 -61.62 40.57 8.28
CA GLY A 352 -60.74 39.42 8.45
C GLY A 352 -60.94 38.42 7.32
N ARG A 353 -59.83 38.07 6.67
CA ARG A 353 -59.91 37.07 5.61
C ARG A 353 -60.26 35.71 6.18
N MET A 354 -60.97 34.91 5.39
CA MET A 354 -61.42 33.59 5.79
C MET A 354 -60.61 32.52 5.09
N VAL A 355 -60.15 31.53 5.86
CA VAL A 355 -59.39 30.44 5.29
C VAL A 355 -60.33 29.47 4.56
N THR A 356 -61.45 29.12 5.18
CA THR A 356 -62.50 28.35 4.50
C THR A 356 -63.24 29.31 3.58
N ALA A 357 -62.66 29.54 2.41
CA ALA A 357 -63.20 30.52 1.49
C ALA A 357 -64.56 30.09 0.95
N ASN A 358 -65.47 31.05 0.88
CA ASN A 358 -66.82 30.84 0.39
C ASN A 358 -67.51 29.64 1.07
N PRO A 359 -67.67 29.69 2.40
CA PRO A 359 -68.29 28.57 3.09
C PRO A 359 -69.74 28.40 2.68
N TYR A 360 -70.20 27.15 2.71
CA TYR A 360 -71.55 26.85 2.25
C TYR A 360 -72.00 25.54 2.87
N VAL A 361 -73.31 25.39 2.96
CA VAL A 361 -73.91 24.11 3.30
C VAL A 361 -73.95 23.26 2.04
N ALA A 362 -73.54 21.99 2.15
CA ALA A 362 -73.49 21.12 0.99
C ALA A 362 -74.70 20.20 0.89
N SER A 363 -75.31 19.83 2.00
CA SER A 363 -76.42 18.89 2.00
C SER A 363 -77.75 19.63 1.87
N SER A 364 -78.81 18.83 1.72
CA SER A 364 -80.17 19.38 1.64
C SER A 364 -81.02 19.05 2.86
N GLU A 365 -80.66 18.05 3.65
CA GLU A 365 -81.38 17.75 4.86
C GLU A 365 -81.04 18.77 5.94
N ALA A 366 -81.91 18.87 6.94
CA ALA A 366 -81.77 19.89 7.97
C ALA A 366 -80.71 19.46 9.00
N ASN A 367 -80.39 20.40 9.88
CA ASN A 367 -79.43 20.19 10.95
C ASN A 367 -78.06 19.80 10.42
N ALA A 368 -77.55 20.60 9.50
CA ALA A 368 -76.29 20.30 8.83
C ALA A 368 -75.14 21.04 9.51
N LYS A 369 -74.06 20.33 9.78
CA LYS A 369 -72.89 20.89 10.45
C LYS A 369 -71.85 21.27 9.41
N VAL A 370 -71.35 22.50 9.51
CA VAL A 370 -70.36 23.02 8.57
C VAL A 370 -69.19 23.57 9.37
N LEU A 371 -67.98 23.10 9.07
CA LEU A 371 -66.77 23.60 9.71
C LEU A 371 -66.30 24.84 8.96
N VAL A 372 -66.16 25.95 9.68
CA VAL A 372 -65.67 27.20 9.11
C VAL A 372 -64.48 27.66 9.94
N GLU A 373 -63.37 27.95 9.28
CA GLU A 373 -62.23 28.48 10.00
C GLU A 373 -61.60 29.62 9.19
N MET A 374 -60.99 30.54 9.92
CA MET A 374 -60.80 31.90 9.44
C MET A 374 -59.68 32.56 10.21
N GLU A 375 -59.17 33.68 9.69
CA GLU A 375 -58.07 34.40 10.31
C GLU A 375 -58.51 35.81 10.69
N PRO A 376 -58.83 36.07 11.95
CA PRO A 376 -59.23 37.41 12.37
C PRO A 376 -58.01 38.30 12.56
N PRO A 377 -58.20 39.61 12.56
CA PRO A 377 -57.09 40.52 12.88
C PRO A 377 -56.79 40.50 14.37
N PHE A 378 -55.64 41.08 14.71
CA PHE A 378 -55.24 41.19 16.11
C PHE A 378 -56.20 42.10 16.87
N GLY A 379 -56.43 41.76 18.12
CA GLY A 379 -57.32 42.53 18.96
C GLY A 379 -58.72 41.94 19.02
N ASP A 380 -59.71 42.78 19.23
CA ASP A 380 -61.09 42.31 19.36
C ASP A 380 -61.80 42.37 18.01
N SER A 381 -62.65 41.38 17.77
CA SER A 381 -63.45 41.33 16.57
C SER A 381 -64.68 40.50 16.87
N TYR A 382 -65.58 40.44 15.89
CA TYR A 382 -66.82 39.69 16.05
C TYR A 382 -67.03 38.80 14.83
N ILE A 383 -67.33 37.53 15.09
CA ILE A 383 -67.79 36.62 14.05
C ILE A 383 -69.30 36.77 13.97
N VAL A 384 -69.79 37.22 12.82
CA VAL A 384 -71.21 37.51 12.62
C VAL A 384 -71.73 36.56 11.56
N VAL A 385 -72.84 35.88 11.86
CA VAL A 385 -73.51 35.02 10.91
C VAL A 385 -74.96 35.47 10.79
N GLY A 386 -75.36 35.90 9.60
CA GLY A 386 -76.73 36.32 9.36
C GLY A 386 -76.96 37.79 9.61
N ARG A 387 -78.23 38.18 9.49
CA ARG A 387 -78.65 39.55 9.69
C ARG A 387 -80.00 39.58 10.37
N GLY A 388 -80.27 40.68 11.06
CA GLY A 388 -81.59 40.88 11.64
C GLY A 388 -81.87 39.93 12.78
N ASP A 389 -83.03 39.26 12.71
CA ASP A 389 -83.44 38.40 13.81
C ASP A 389 -82.65 37.10 13.85
N LYS A 390 -82.14 36.66 12.71
CA LYS A 390 -81.35 35.43 12.62
C LYS A 390 -79.86 35.66 12.87
N GLN A 391 -79.44 36.90 13.07
CA GLN A 391 -78.02 37.19 13.24
C GLN A 391 -77.53 36.62 14.56
N ILE A 392 -76.38 35.95 14.53
CA ILE A 392 -75.70 35.50 15.73
C ILE A 392 -74.30 36.08 15.73
N ASN A 393 -73.88 36.57 16.89
CA ASN A 393 -72.59 37.21 17.06
C ASN A 393 -71.76 36.41 18.04
N HIS A 394 -70.44 36.42 17.83
CA HIS A 394 -69.51 35.82 18.77
C HIS A 394 -68.31 36.74 18.91
N HIS A 395 -67.98 37.12 20.14
CA HIS A 395 -66.84 37.98 20.38
C HIS A 395 -65.57 37.16 20.39
N TRP A 396 -64.60 37.53 19.55
CA TRP A 396 -63.29 36.89 19.55
C TRP A 396 -62.23 37.91 19.91
N HIS A 397 -61.25 37.48 20.69
CA HIS A 397 -60.06 38.27 20.95
C HIS A 397 -58.85 37.47 20.50
N LYS A 398 -58.02 38.09 19.67
CA LYS A 398 -56.80 37.50 19.16
C LYS A 398 -55.63 38.25 19.80
N ALA A 399 -54.96 37.60 20.74
CA ALA A 399 -53.83 38.21 21.42
C ALA A 399 -52.61 38.23 20.51
N GLY A 400 -51.82 39.29 20.64
CA GLY A 400 -50.59 39.45 19.90
C GLY A 400 -50.55 40.77 19.18
N SER A 401 -49.57 40.91 18.30
CA SER A 401 -49.38 42.12 17.53
C SER A 401 -48.63 41.80 16.25
N SER A 402 -48.65 42.74 15.31
CA SER A 402 -47.93 42.55 14.05
C SER A 402 -46.43 42.46 14.28
N ILE A 403 -45.89 43.27 15.18
CA ILE A 403 -44.46 43.24 15.46
C ILE A 403 -44.06 41.89 16.06
N GLY A 404 -44.85 41.39 17.01
CA GLY A 404 -44.55 40.09 17.59
C GLY A 404 -44.69 38.97 16.59
N LYS A 405 -45.70 39.03 15.72
CA LYS A 405 -45.84 38.03 14.68
C LYS A 405 -44.65 38.05 13.73
N ALA A 406 -44.17 39.24 13.38
CA ALA A 406 -43.00 39.35 12.52
C ALA A 406 -41.77 38.75 13.19
N PHE A 407 -41.58 39.02 14.48
CA PHE A 407 -40.42 38.48 15.18
C PHE A 407 -40.49 36.95 15.27
N ILE A 408 -41.68 36.41 15.55
CA ILE A 408 -41.83 34.96 15.59
C ILE A 408 -41.61 34.36 14.20
N THR A 409 -42.07 35.05 13.16
CA THR A 409 -41.82 34.58 11.79
C THR A 409 -40.34 34.55 11.50
N THR A 410 -39.61 35.57 11.96
CA THR A 410 -38.16 35.62 11.73
C THR A 410 -37.46 34.46 12.44
N ILE A 411 -37.81 34.20 13.69
CA ILE A 411 -37.14 33.10 14.40
C ILE A 411 -37.52 31.76 13.78
N LYS A 412 -38.77 31.60 13.34
CA LYS A 412 -39.15 30.36 12.68
C LYS A 412 -38.44 30.18 11.35
N GLY A 413 -38.22 31.28 10.62
CA GLY A 413 -37.39 31.20 9.43
C GLY A 413 -35.95 30.84 9.75
N ALA A 414 -35.45 31.28 10.90
CA ALA A 414 -34.12 30.88 11.34
C ALA A 414 -34.04 29.37 11.57
N GLN A 415 -35.03 28.82 12.29
CA GLN A 415 -35.06 27.36 12.44
C GLN A 415 -35.25 26.65 11.11
N ARG A 416 -35.98 27.26 10.17
CA ARG A 416 -36.11 26.65 8.85
C ARG A 416 -34.77 26.61 8.12
N LEU A 417 -34.01 27.70 8.18
CA LEU A 417 -32.69 27.72 7.56
C LEU A 417 -31.77 26.71 8.21
N ALA A 418 -31.89 26.54 9.53
CA ALA A 418 -31.12 25.51 10.21
C ALA A 418 -31.49 24.11 9.73
N ALA A 419 -32.79 23.82 9.65
CA ALA A 419 -33.24 22.47 9.38
C ALA A 419 -33.03 22.07 7.93
N LEU A 420 -33.34 22.96 6.99
CA LEU A 420 -33.30 22.64 5.57
C LEU A 420 -32.03 23.10 4.88
N GLY A 421 -31.40 24.17 5.36
CA GLY A 421 -30.24 24.69 4.70
C GLY A 421 -30.57 25.49 3.46
N ASP A 422 -30.25 24.95 2.29
CA ASP A 422 -30.46 25.61 1.01
C ASP A 422 -31.90 25.52 0.52
N PRO A 423 -32.59 24.37 0.66
CA PRO A 423 -34.02 24.35 0.29
C PRO A 423 -34.86 25.34 1.07
N ALA A 424 -34.37 25.82 2.22
CA ALA A 424 -35.11 26.83 2.96
C ALA A 424 -35.33 28.09 2.15
N TRP A 425 -34.48 28.38 1.16
CA TRP A 425 -34.67 29.52 0.29
C TRP A 425 -35.73 29.28 -0.77
N ASP A 426 -36.12 28.03 -1.01
CA ASP A 426 -37.19 27.71 -1.95
C ASP A 426 -38.55 27.66 -1.29
N PHE A 427 -38.64 27.91 0.02
CA PHE A 427 -39.91 27.84 0.72
C PHE A 427 -40.68 29.14 0.48
N GLY A 428 -41.91 29.01 0.00
CA GLY A 428 -42.70 30.18 -0.32
C GLY A 428 -42.08 31.04 -1.40
N SER A 429 -41.50 30.41 -2.41
CA SER A 429 -40.83 31.11 -3.48
C SER A 429 -41.69 31.13 -4.73
N VAL A 430 -41.75 32.29 -5.39
CA VAL A 430 -42.45 32.44 -6.66
C VAL A 430 -41.41 32.76 -7.73
N GLY A 431 -40.21 32.23 -7.56
CA GLY A 431 -39.09 32.56 -8.42
C GLY A 431 -38.25 33.64 -7.79
N GLY A 432 -38.29 34.84 -8.35
CA GLY A 432 -37.58 35.96 -7.78
C GLY A 432 -36.08 35.89 -8.01
N ILE A 433 -35.41 36.95 -7.56
CA ILE A 433 -33.97 37.06 -7.70
C ILE A 433 -33.27 37.05 -6.35
N PHE A 434 -33.86 37.73 -5.35
CA PHE A 434 -33.30 37.70 -4.00
C PHE A 434 -33.25 36.29 -3.44
N ASN A 435 -34.29 35.50 -3.70
CA ASN A 435 -34.28 34.10 -3.26
C ASN A 435 -33.14 33.32 -3.92
N SER A 436 -32.96 33.51 -5.23
CA SER A 436 -31.92 32.76 -5.93
C SER A 436 -30.52 33.19 -5.51
N VAL A 437 -30.31 34.50 -5.35
CA VAL A 437 -29.00 34.98 -4.91
C VAL A 437 -28.72 34.52 -3.49
N GLY A 438 -29.72 34.58 -2.61
CA GLY A 438 -29.54 34.09 -1.26
C GLY A 438 -29.23 32.60 -1.22
N LYS A 439 -29.92 31.81 -2.03
CA LYS A 439 -29.63 30.38 -2.09
C LYS A 439 -28.22 30.13 -2.60
N ALA A 440 -27.79 30.89 -3.61
CA ALA A 440 -26.44 30.73 -4.14
C ALA A 440 -25.39 31.07 -3.10
N VAL A 441 -25.57 32.17 -2.36
CA VAL A 441 -24.61 32.54 -1.33
C VAL A 441 -24.76 31.73 -0.07
N HIS A 442 -25.81 30.91 0.03
CA HIS A 442 -25.94 29.94 1.11
C HIS A 442 -25.34 28.59 0.74
N GLN A 443 -25.28 28.26 -0.55
CA GLN A 443 -24.58 27.05 -0.97
C GLN A 443 -23.10 27.12 -0.60
N VAL A 444 -22.48 28.26 -0.83
CA VAL A 444 -21.20 28.59 -0.23
C VAL A 444 -21.48 29.23 1.12
N PHE A 445 -20.47 29.27 1.99
CA PHE A 445 -20.64 29.69 3.39
C PHE A 445 -21.57 28.74 4.13
N GLY A 446 -22.00 27.67 3.46
CA GLY A 446 -22.81 26.64 4.08
C GLY A 446 -22.10 25.31 3.97
N GLY A 447 -21.23 25.19 2.97
CA GLY A 447 -20.38 24.04 2.83
C GLY A 447 -19.05 24.27 3.53
N ALA A 448 -18.54 25.50 3.44
CA ALA A 448 -17.35 25.86 4.20
C ALA A 448 -17.62 25.80 5.69
N PHE A 449 -18.81 26.27 6.12
CA PHE A 449 -19.16 26.22 7.53
C PHE A 449 -19.23 24.78 8.02
N ARG A 450 -19.83 23.88 7.24
CA ARG A 450 -19.88 22.49 7.62
C ARG A 450 -18.57 21.76 7.37
N THR A 451 -17.61 22.40 6.72
CA THR A 451 -16.27 21.85 6.68
C THR A 451 -15.48 22.20 7.93
N LEU A 452 -15.59 23.45 8.39
CA LEU A 452 -14.90 23.84 9.62
C LEU A 452 -15.60 23.34 10.87
N PHE A 453 -16.94 23.26 10.87
CA PHE A 453 -17.68 22.94 12.09
C PHE A 453 -18.75 21.87 11.86
N GLY A 454 -18.60 21.03 10.84
CA GLY A 454 -19.66 20.09 10.51
C GLY A 454 -19.90 19.04 11.57
N GLY A 455 -18.84 18.44 12.09
CA GLY A 455 -18.98 17.31 12.99
C GLY A 455 -19.13 17.62 14.46
N MET A 456 -19.24 18.89 14.83
CA MET A 456 -19.34 19.26 16.23
C MET A 456 -20.71 18.87 16.80
N SER A 457 -20.76 18.77 18.12
CA SER A 457 -22.00 18.60 18.86
C SER A 457 -22.41 19.94 19.46
N TRP A 458 -23.56 19.96 20.13
CA TRP A 458 -24.11 21.23 20.61
C TRP A 458 -23.22 21.85 21.67
N ILE A 459 -22.65 21.04 22.56
CA ILE A 459 -21.79 21.59 23.60
C ILE A 459 -20.48 22.10 23.00
N THR A 460 -19.89 21.36 22.07
CA THR A 460 -18.71 21.84 21.36
C THR A 460 -19.04 23.08 20.55
N GLN A 461 -20.20 23.10 19.91
CA GLN A 461 -20.62 24.27 19.14
C GLN A 461 -20.74 25.49 20.03
N GLY A 462 -21.34 25.34 21.21
CA GLY A 462 -21.48 26.48 22.11
C GLY A 462 -20.15 26.98 22.64
N LEU A 463 -19.26 26.06 23.01
CA LEU A 463 -17.94 26.47 23.47
C LEU A 463 -17.17 27.20 22.37
N MET A 464 -17.21 26.66 21.15
CA MET A 464 -16.52 27.30 20.04
C MET A 464 -17.13 28.65 19.71
N GLY A 465 -18.45 28.77 19.79
CA GLY A 465 -19.09 30.05 19.55
C GLY A 465 -18.72 31.10 20.58
N ALA A 466 -18.66 30.70 21.85
CA ALA A 466 -18.23 31.64 22.89
C ALA A 466 -16.80 32.09 22.65
N LEU A 467 -15.92 31.14 22.31
CA LEU A 467 -14.53 31.49 22.02
C LEU A 467 -14.44 32.45 20.83
N LEU A 468 -15.22 32.19 19.79
CA LEU A 468 -15.18 33.04 18.60
C LEU A 468 -15.71 34.43 18.91
N LEU A 469 -16.77 34.53 19.72
CA LEU A 469 -17.26 35.85 20.11
C LEU A 469 -16.21 36.61 20.89
N TRP A 470 -15.53 35.94 21.83
CA TRP A 470 -14.48 36.60 22.59
C TRP A 470 -13.37 37.10 21.67
N MET A 471 -12.92 36.24 20.75
CA MET A 471 -11.85 36.64 19.84
C MET A 471 -12.28 37.80 18.94
N GLY A 472 -13.52 37.76 18.46
CA GLY A 472 -14.00 38.82 17.60
C GLY A 472 -14.09 40.16 18.31
N VAL A 473 -14.63 40.17 19.53
CA VAL A 473 -14.70 41.44 20.26
C VAL A 473 -13.32 41.92 20.65
N ASN A 474 -12.37 41.00 20.84
CA ASN A 474 -11.01 41.37 21.17
C ASN A 474 -10.13 41.61 19.95
N ALA A 475 -10.66 41.40 18.74
CA ALA A 475 -9.86 41.57 17.55
C ALA A 475 -9.64 43.06 17.25
N ARG A 476 -8.82 43.32 16.23
CA ARG A 476 -8.48 44.68 15.82
C ARG A 476 -9.04 45.02 14.44
N ASP A 477 -8.73 44.22 13.42
CA ASP A 477 -9.30 44.42 12.10
C ASP A 477 -10.80 44.14 12.16
N ARG A 478 -11.60 45.07 11.62
CA ARG A 478 -13.04 44.96 11.77
C ARG A 478 -13.63 43.88 10.86
N SER A 479 -12.97 43.59 9.74
CA SER A 479 -13.48 42.54 8.84
C SER A 479 -13.37 41.17 9.50
N ILE A 480 -12.18 40.83 10.01
CA ILE A 480 -12.02 39.53 10.66
C ILE A 480 -12.82 39.46 11.95
N ALA A 481 -12.89 40.58 12.68
CA ALA A 481 -13.71 40.61 13.89
C ALA A 481 -15.17 40.33 13.57
N LEU A 482 -15.69 40.96 12.50
CA LEU A 482 -17.08 40.74 12.14
C LEU A 482 -17.33 39.31 11.66
N VAL A 483 -16.41 38.73 10.89
CA VAL A 483 -16.66 37.37 10.42
C VAL A 483 -16.59 36.38 11.58
N MET A 484 -15.65 36.59 12.52
CA MET A 484 -15.61 35.76 13.71
C MET A 484 -16.88 35.91 14.54
N LEU A 485 -17.38 37.14 14.68
CA LEU A 485 -18.61 37.35 15.45
C LEU A 485 -19.79 36.67 14.78
N ALA A 486 -19.86 36.74 13.45
CA ALA A 486 -20.96 36.11 12.72
C ALA A 486 -20.93 34.59 12.88
N THR A 487 -19.75 33.98 12.69
CA THR A 487 -19.68 32.53 12.82
C THR A 487 -19.92 32.09 14.27
N GLY A 488 -19.49 32.89 15.24
CA GLY A 488 -19.79 32.58 16.63
C GLY A 488 -21.27 32.68 16.95
N GLY A 489 -21.93 33.70 16.41
CA GLY A 489 -23.37 33.81 16.59
C GLY A 489 -24.12 32.66 15.97
N VAL A 490 -23.71 32.24 14.78
CA VAL A 490 -24.33 31.09 14.13
C VAL A 490 -24.13 29.83 14.97
N LEU A 491 -22.91 29.63 15.47
CA LEU A 491 -22.61 28.43 16.24
C LEU A 491 -23.40 28.41 17.55
N LEU A 492 -23.51 29.56 18.22
CA LEU A 492 -24.32 29.62 19.44
C LEU A 492 -25.79 29.41 19.15
N PHE A 493 -26.28 29.97 18.04
CA PHE A 493 -27.67 29.74 17.67
C PHE A 493 -27.94 28.26 17.43
N LEU A 494 -27.01 27.57 16.77
CA LEU A 494 -27.19 26.14 16.53
C LEU A 494 -27.05 25.34 17.81
N ALA A 495 -26.17 25.75 18.72
CA ALA A 495 -26.05 25.07 20.00
C ALA A 495 -27.30 25.26 20.84
N THR A 496 -27.99 26.37 20.68
CA THR A 496 -29.19 26.66 21.46
C THR A 496 -30.44 26.05 20.85
N SER A 497 -30.51 25.95 19.52
CA SER A 497 -31.73 25.53 18.85
C SER A 497 -32.06 24.06 19.07
N VAL A 498 -31.10 23.26 19.53
CA VAL A 498 -31.38 21.85 19.79
C VAL A 498 -32.22 21.67 21.05
N HIS A 499 -32.38 22.72 21.85
CA HIS A 499 -33.22 22.65 23.04
C HIS A 499 -34.35 23.68 22.96
N SER B 1 -22.13 -1.65 19.67
CA SER B 1 -20.74 -1.30 19.42
C SER B 1 -20.16 -0.50 20.57
N ILE B 2 -19.01 0.12 20.31
CA ILE B 2 -18.38 0.96 21.32
C ILE B 2 -19.26 2.18 21.56
N ALA B 3 -19.74 2.33 22.80
CA ALA B 3 -20.75 3.34 23.09
C ALA B 3 -20.20 4.76 23.06
N VAL B 4 -18.89 4.95 22.96
CA VAL B 4 -18.35 6.31 22.83
C VAL B 4 -18.57 6.86 21.43
N GLN B 5 -18.83 5.99 20.46
CA GLN B 5 -19.08 6.39 19.08
C GLN B 5 -20.57 6.66 18.89
N THR B 6 -21.03 7.70 19.58
CA THR B 6 -22.44 8.07 19.50
C THR B 6 -22.75 8.64 18.12
N HIS B 7 -23.91 8.27 17.59
CA HIS B 7 -24.29 8.71 16.25
C HIS B 7 -24.39 10.22 16.16
N GLY B 8 -24.98 10.84 17.18
CA GLY B 8 -25.12 12.29 17.18
C GLY B 8 -26.31 12.75 16.35
N GLU B 9 -26.41 14.08 16.24
CA GLU B 9 -27.52 14.68 15.52
C GLU B 9 -27.48 14.33 14.04
N SER B 10 -28.61 13.87 13.52
CA SER B 10 -28.73 13.55 12.10
C SER B 10 -28.92 14.83 11.29
N MET B 11 -28.43 14.84 10.06
CA MET B 11 -28.69 16.00 9.22
C MET B 11 -30.05 15.93 8.53
N LEU B 12 -30.80 14.85 8.73
CA LEU B 12 -32.16 14.79 8.23
C LEU B 12 -33.05 15.81 8.93
N ALA B 13 -33.90 16.47 8.16
CA ALA B 13 -34.85 17.43 8.73
C ALA B 13 -35.90 16.67 9.51
N ASN B 14 -35.92 16.86 10.83
CA ASN B 14 -36.74 16.06 11.72
C ASN B 14 -37.28 16.95 12.85
N LYS B 15 -38.60 16.96 13.01
CA LYS B 15 -39.22 17.65 14.12
C LYS B 15 -39.60 16.74 15.27
N LYS B 16 -39.49 15.42 15.11
CA LYS B 16 -39.68 14.52 16.23
C LYS B 16 -38.41 14.46 17.06
N ASP B 17 -38.39 13.60 18.06
CA ASP B 17 -37.19 13.30 18.83
C ASP B 17 -36.55 12.06 18.26
N ALA B 18 -35.24 12.11 18.05
CA ALA B 18 -34.49 10.97 17.58
C ALA B 18 -34.32 9.95 18.71
N TRP B 19 -33.55 8.91 18.43
CA TRP B 19 -33.26 7.91 19.44
C TRP B 19 -32.55 8.53 20.63
N LEU B 20 -33.10 8.31 21.82
CA LEU B 20 -32.48 8.70 23.09
C LEU B 20 -32.14 10.19 23.13
N ASP B 21 -33.11 11.03 22.78
CA ASP B 21 -32.91 12.48 22.96
C ASP B 21 -33.20 12.96 24.37
N SER B 22 -33.66 12.09 25.26
CA SER B 22 -33.76 12.47 26.67
C SER B 22 -32.39 12.67 27.29
N THR B 23 -31.31 12.28 26.61
CA THR B 23 -29.96 12.31 27.17
C THR B 23 -29.01 13.17 26.36
N LYS B 24 -29.52 14.07 25.51
CA LYS B 24 -28.64 14.93 24.74
C LYS B 24 -27.82 15.83 25.66
N ALA B 25 -28.44 16.37 26.71
CA ALA B 25 -27.75 17.26 27.62
C ALA B 25 -26.98 16.51 28.71
N SER B 26 -27.03 15.18 28.71
CA SER B 26 -26.37 14.39 29.73
C SER B 26 -25.30 13.45 29.18
N ARG B 27 -25.41 13.00 27.93
CA ARG B 27 -24.48 12.02 27.42
C ARG B 27 -23.12 12.63 27.05
N TYR B 28 -23.01 13.95 27.01
CA TYR B 28 -21.73 14.60 26.77
C TYR B 28 -21.08 15.15 28.04
N LEU B 29 -21.84 15.30 29.12
CA LEU B 29 -21.35 15.93 30.33
C LEU B 29 -21.40 15.05 31.56
N MET B 30 -22.01 13.88 31.49
CA MET B 30 -22.10 13.02 32.67
C MET B 30 -20.72 12.53 33.08
N LYS B 31 -19.88 12.17 32.11
CA LYS B 31 -18.55 11.63 32.48
C LYS B 31 -17.75 12.71 33.23
N THR B 32 -17.79 13.94 32.74
CA THR B 32 -17.04 15.09 33.30
C THR B 32 -17.52 15.50 34.70
N GLU B 33 -18.82 15.48 34.97
CA GLU B 33 -19.33 15.94 36.28
C GLU B 33 -18.85 15.07 37.44
N ASN B 34 -18.92 13.74 37.32
CA ASN B 34 -18.58 12.80 38.43
C ASN B 34 -17.12 12.96 38.83
N TRP B 35 -16.31 13.21 37.80
CA TRP B 35 -14.86 13.28 37.70
C TRP B 35 -14.32 14.55 38.33
N ILE B 36 -14.89 15.70 38.01
CA ILE B 36 -14.60 16.91 38.78
C ILE B 36 -15.05 16.74 40.22
N ILE B 37 -16.20 16.08 40.42
CA ILE B 37 -16.70 15.82 41.76
C ILE B 37 -15.72 14.93 42.52
N ARG B 38 -15.22 13.88 41.87
CA ARG B 38 -14.35 12.92 42.51
C ARG B 38 -12.88 13.34 42.51
N ASN B 39 -12.54 14.47 41.88
CA ASN B 39 -11.16 14.92 41.76
C ASN B 39 -11.09 16.44 41.82
N PRO B 40 -11.40 17.03 42.99
CA PRO B 40 -11.27 18.49 43.12
C PRO B 40 -9.84 18.97 43.04
N GLY B 41 -8.88 18.13 43.42
CA GLY B 41 -7.48 18.53 43.33
C GLY B 41 -7.06 18.86 41.91
N TYR B 42 -7.61 18.11 40.93
CA TYR B 42 -7.32 18.47 39.55
C TYR B 42 -7.91 19.83 39.20
N ALA B 43 -9.10 20.15 39.71
CA ALA B 43 -9.64 21.48 39.47
C ALA B 43 -8.71 22.55 40.00
N PHE B 44 -8.17 22.34 41.21
CA PHE B 44 -7.24 23.30 41.78
C PHE B 44 -5.99 23.45 40.91
N VAL B 45 -5.39 22.32 40.51
CA VAL B 45 -4.14 22.40 39.77
C VAL B 45 -4.37 22.94 38.37
N ALA B 46 -5.53 22.67 37.78
CA ALA B 46 -5.88 23.23 36.48
C ALA B 46 -6.04 24.74 36.58
N VAL B 47 -6.69 25.23 37.63
CA VAL B 47 -6.76 26.68 37.84
C VAL B 47 -5.35 27.26 37.96
N LEU B 48 -4.48 26.59 38.71
CA LEU B 48 -3.13 27.12 38.91
C LEU B 48 -2.36 27.22 37.61
N LEU B 49 -2.30 26.13 36.83
CA LEU B 49 -1.57 26.17 35.57
C LEU B 49 -2.24 27.06 34.53
N GLY B 50 -3.57 27.15 34.53
CA GLY B 50 -4.22 28.07 33.62
C GLY B 50 -3.87 29.51 33.92
N TRP B 51 -3.83 29.87 35.20
CA TRP B 51 -3.37 31.21 35.57
C TRP B 51 -1.92 31.41 35.18
N MET B 52 -1.07 30.40 35.39
CA MET B 52 0.36 30.58 35.16
C MET B 52 0.72 30.64 33.68
N LEU B 53 -0.01 29.95 32.81
CA LEU B 53 0.29 29.97 31.38
C LEU B 53 -0.23 31.20 30.66
N GLY B 54 -1.15 31.95 31.27
CA GLY B 54 -1.78 33.04 30.56
C GLY B 54 -1.15 34.40 30.82
N SER B 55 -0.52 34.97 29.80
CA SER B 55 0.00 36.31 29.91
C SER B 55 -1.12 37.32 30.14
N ASN B 56 -2.24 37.13 29.44
CA ASN B 56 -3.42 37.95 29.60
C ASN B 56 -4.45 37.22 30.47
N ASN B 57 -5.45 37.96 30.93
CA ASN B 57 -6.47 37.37 31.80
C ASN B 57 -7.42 36.47 31.03
N GLY B 58 -7.86 36.91 29.84
CA GLY B 58 -8.71 36.06 29.02
C GLY B 58 -8.00 34.79 28.59
N GLN B 59 -6.70 34.90 28.30
CA GLN B 59 -5.90 33.72 28.01
C GLN B 59 -5.88 32.77 29.20
N ARG B 60 -5.77 33.32 30.42
CA ARG B 60 -5.81 32.49 31.61
C ARG B 60 -7.15 31.75 31.71
N VAL B 61 -8.25 32.46 31.48
CA VAL B 61 -9.57 31.83 31.57
C VAL B 61 -9.71 30.73 30.54
N VAL B 62 -9.27 30.99 29.30
CA VAL B 62 -9.38 29.98 28.25
C VAL B 62 -8.55 28.75 28.60
N PHE B 63 -7.33 28.97 29.12
CA PHE B 63 -6.49 27.86 29.53
C PHE B 63 -7.15 27.04 30.63
N VAL B 64 -7.74 27.71 31.61
CA VAL B 64 -8.39 26.99 32.71
C VAL B 64 -9.55 26.16 32.19
N VAL B 65 -10.36 26.72 31.29
CA VAL B 65 -11.50 25.97 30.76
C VAL B 65 -11.02 24.76 29.97
N LEU B 66 -10.01 24.95 29.11
CA LEU B 66 -9.50 23.83 28.32
C LEU B 66 -8.91 22.75 29.21
N LEU B 67 -8.16 23.14 30.24
CA LEU B 67 -7.58 22.15 31.15
C LEU B 67 -8.65 21.41 31.94
N LEU B 68 -9.70 22.12 32.35
CA LEU B 68 -10.80 21.49 33.05
C LEU B 68 -11.60 20.57 32.16
N LEU B 69 -11.56 20.79 30.85
CA LEU B 69 -12.34 19.94 29.94
C LEU B 69 -11.55 18.74 29.43
N VAL B 70 -10.24 18.89 29.21
CA VAL B 70 -9.48 17.84 28.53
C VAL B 70 -9.33 16.62 29.42
N ALA B 71 -8.92 16.82 30.67
CA ALA B 71 -8.61 15.66 31.53
C ALA B 71 -9.80 14.76 31.80
N PRO B 72 -10.98 15.25 32.19
CA PRO B 72 -12.10 14.33 32.40
C PRO B 72 -12.46 13.53 31.16
N ALA B 73 -12.31 14.11 29.97
CA ALA B 73 -12.68 13.41 28.74
C ALA B 73 -11.75 12.24 28.46
N TYR B 74 -10.48 12.33 28.84
CA TYR B 74 -9.51 11.28 28.59
C TYR B 74 -9.19 10.48 29.85
N SER B 75 -10.19 10.28 30.71
CA SER B 75 -10.07 9.55 31.96
C SER B 75 -8.91 10.07 32.82
N PHE C 1 46.33 -31.59 13.13
CA PHE C 1 46.65 -31.33 14.53
C PHE C 1 47.93 -30.50 14.61
N ASN C 2 48.73 -30.58 13.55
CA ASN C 2 49.95 -29.79 13.42
C ASN C 2 49.88 -29.00 12.13
N CYS C 3 50.75 -27.99 12.04
CA CYS C 3 50.76 -27.05 10.92
C CYS C 3 52.14 -26.94 10.26
N LEU C 4 52.36 -27.82 9.29
CA LEU C 4 53.45 -27.69 8.33
C LEU C 4 52.79 -27.72 6.95
N GLY C 5 52.80 -26.59 6.27
CA GLY C 5 52.06 -26.45 5.03
C GLY C 5 50.79 -25.65 5.13
N MET C 6 50.50 -25.05 6.27
CA MET C 6 49.37 -24.15 6.41
C MET C 6 49.84 -22.72 6.15
N SER C 7 49.01 -21.96 5.43
CA SER C 7 49.36 -20.58 5.12
C SER C 7 49.15 -19.65 6.29
N ASN C 8 48.18 -19.92 7.15
CA ASN C 8 47.89 -19.09 8.32
C ASN C 8 48.57 -19.74 9.51
N ARG C 9 49.70 -19.17 9.92
CA ARG C 9 50.49 -19.72 11.02
C ARG C 9 50.96 -18.58 11.90
N ASP C 10 50.85 -18.77 13.21
CA ASP C 10 51.25 -17.79 14.20
C ASP C 10 52.34 -18.37 15.09
N PHE C 11 53.27 -17.51 15.50
CA PHE C 11 54.36 -17.91 16.37
C PHE C 11 54.27 -17.11 17.66
N LEU C 12 54.33 -17.80 18.80
CA LEU C 12 54.26 -17.17 20.11
C LEU C 12 55.45 -17.60 20.95
N GLU C 13 55.90 -16.70 21.80
CA GLU C 13 57.04 -16.99 22.68
C GLU C 13 56.65 -16.85 24.15
N ALA C 18 53.25 -16.26 32.50
CA ALA C 18 54.60 -16.60 32.94
C ALA C 18 54.89 -18.07 32.70
N THR C 19 53.87 -18.91 32.88
CA THR C 19 53.97 -20.33 32.61
C THR C 19 52.81 -20.88 31.80
N TRP C 20 51.77 -20.08 31.55
CA TRP C 20 50.68 -20.41 30.65
C TRP C 20 50.60 -19.33 29.59
N VAL C 21 49.78 -19.57 28.57
CA VAL C 21 49.60 -18.57 27.52
C VAL C 21 48.16 -18.64 27.02
N ASP C 22 47.59 -17.47 26.77
CA ASP C 22 46.23 -17.38 26.25
C ASP C 22 46.29 -17.27 24.72
N VAL C 23 45.62 -18.20 24.04
CA VAL C 23 45.60 -18.23 22.59
C VAL C 23 44.15 -18.17 22.12
N VAL C 24 43.98 -17.70 20.89
CA VAL C 24 42.72 -17.78 20.19
C VAL C 24 42.94 -18.67 18.97
N LEU C 25 42.30 -19.84 18.98
CA LEU C 25 42.38 -20.77 17.87
C LEU C 25 41.36 -20.37 16.82
N GLU C 26 41.84 -19.88 15.69
CA GLU C 26 40.98 -19.53 14.57
C GLU C 26 40.79 -20.73 13.66
N GLY C 27 39.73 -20.68 12.86
CA GLY C 27 39.25 -21.89 12.19
C GLY C 27 40.25 -22.50 11.24
N ASP C 28 40.87 -21.68 10.39
CA ASP C 28 41.82 -22.15 9.38
C ASP C 28 43.23 -21.69 9.67
N SER C 29 43.60 -21.67 10.95
CA SER C 29 44.89 -21.16 11.37
C SER C 29 45.56 -22.16 12.31
N CYS C 30 46.81 -21.86 12.65
CA CYS C 30 47.61 -22.63 13.58
C CYS C 30 48.44 -21.70 14.42
N ILE C 31 48.80 -22.17 15.62
CA ILE C 31 49.68 -21.42 16.52
C ILE C 31 50.86 -22.31 16.87
N THR C 32 52.06 -21.77 16.72
CA THR C 32 53.28 -22.43 17.16
C THR C 32 53.82 -21.66 18.36
N ILE C 33 53.99 -22.36 19.47
CA ILE C 33 54.44 -21.77 20.72
C ILE C 33 55.84 -22.32 21.03
N MET C 34 56.79 -21.42 21.20
CA MET C 34 58.13 -21.78 21.64
C MET C 34 58.41 -21.03 22.94
N ALA C 35 58.20 -21.71 24.06
CA ALA C 35 58.47 -21.11 25.36
C ALA C 35 59.97 -21.18 25.66
N LYS C 36 60.34 -20.68 26.84
CA LYS C 36 61.76 -20.45 27.14
C LYS C 36 62.53 -21.77 27.23
N ASP C 37 62.02 -22.72 28.01
CA ASP C 37 62.71 -23.99 28.24
C ASP C 37 61.74 -25.15 28.06
N LYS C 38 60.97 -25.11 26.98
CA LYS C 38 59.93 -26.09 26.69
C LYS C 38 60.08 -26.57 25.26
N PRO C 39 59.59 -27.77 24.96
CA PRO C 39 59.47 -28.19 23.56
C PRO C 39 58.44 -27.35 22.83
N THR C 40 58.58 -27.30 21.51
CA THR C 40 57.69 -26.48 20.70
C THR C 40 56.30 -27.13 20.61
N ILE C 41 55.27 -26.31 20.71
CA ILE C 41 53.89 -26.75 20.65
C ILE C 41 53.27 -26.25 19.35
N ASP C 42 52.49 -27.11 18.71
CA ASP C 42 51.56 -26.70 17.65
C ASP C 42 50.15 -26.93 18.16
N ILE C 43 49.30 -25.90 18.10
CA ILE C 43 47.93 -26.03 18.54
C ILE C 43 47.02 -25.43 17.47
N LYS C 44 45.93 -26.12 17.19
CA LYS C 44 44.99 -25.63 16.19
C LYS C 44 43.58 -26.16 16.48
N MET C 45 42.60 -25.47 15.93
CA MET C 45 41.22 -25.94 15.93
C MET C 45 40.90 -26.47 14.54
N MET C 46 40.65 -27.78 14.44
CA MET C 46 40.31 -28.34 13.15
C MET C 46 38.88 -27.98 12.75
N GLU C 47 37.92 -28.22 13.63
CA GLU C 47 36.54 -28.27 13.20
C GLU C 47 35.60 -27.97 14.35
N THR C 48 34.49 -27.32 14.03
CA THR C 48 33.39 -27.08 14.94
C THR C 48 32.19 -27.91 14.49
N GLU C 49 31.49 -28.51 15.45
CA GLU C 49 30.39 -29.40 15.13
C GLU C 49 29.23 -29.13 16.07
N ALA C 50 28.01 -29.14 15.52
CA ALA C 50 26.78 -28.97 16.29
C ALA C 50 25.83 -30.09 15.94
N THR C 51 25.30 -30.78 16.96
CA THR C 51 24.71 -32.10 16.74
C THR C 51 23.19 -32.12 16.70
N ASN C 52 22.51 -31.28 17.49
CA ASN C 52 21.05 -31.39 17.64
C ASN C 52 20.42 -30.04 17.35
N LEU C 53 20.12 -29.78 16.08
CA LEU C 53 19.55 -28.51 15.66
C LEU C 53 18.03 -28.60 15.62
N ALA C 54 17.37 -27.52 16.02
CA ALA C 54 15.92 -27.48 16.09
C ALA C 54 15.39 -26.52 15.03
N GLU C 55 14.40 -26.98 14.26
CA GLU C 55 13.82 -26.12 13.23
C GLU C 55 13.13 -24.93 13.86
N VAL C 56 13.25 -23.76 13.20
CA VAL C 56 12.65 -22.53 13.67
C VAL C 56 11.57 -22.02 12.72
N ARG C 57 11.82 -22.10 11.41
CA ARG C 57 10.91 -21.54 10.43
C ARG C 57 11.32 -22.03 9.05
N SER C 58 10.33 -22.27 8.18
CA SER C 58 10.59 -22.67 6.80
C SER C 58 10.07 -21.60 5.87
N TYR C 59 10.86 -21.26 4.85
CA TYR C 59 10.46 -20.31 3.82
C TYR C 59 10.22 -21.07 2.53
N CYS C 60 9.05 -20.85 1.93
CA CYS C 60 8.74 -21.41 0.63
C CYS C 60 9.39 -20.55 -0.46
N TYR C 61 10.16 -21.18 -1.34
CA TYR C 61 10.72 -20.48 -2.48
C TYR C 61 10.23 -21.00 -3.82
N LEU C 62 9.51 -22.12 -3.85
CA LEU C 62 8.81 -22.53 -5.08
C LEU C 62 7.43 -23.02 -4.70
N ALA C 63 6.41 -22.35 -5.24
CA ALA C 63 5.01 -22.68 -5.00
C ALA C 63 4.27 -22.81 -6.32
N THR C 64 3.12 -23.49 -6.28
CA THR C 64 2.29 -23.69 -7.47
C THR C 64 0.86 -23.22 -7.18
N VAL C 65 0.10 -23.07 -8.25
CA VAL C 65 -1.31 -22.69 -8.21
C VAL C 65 -2.10 -23.73 -8.99
N SER C 66 -3.24 -24.15 -8.45
CA SER C 66 -3.94 -25.30 -9.01
C SER C 66 -5.43 -25.11 -9.27
N ASP C 67 -6.09 -24.12 -8.65
CA ASP C 67 -7.54 -23.99 -8.82
C ASP C 67 -7.94 -22.54 -8.56
N VAL C 68 -8.19 -21.79 -9.64
CA VAL C 68 -8.50 -20.37 -9.56
C VAL C 68 -9.98 -20.18 -9.86
N SER C 69 -10.67 -19.46 -8.99
CA SER C 69 -12.08 -19.15 -9.17
C SER C 69 -12.31 -17.68 -8.84
N THR C 70 -13.39 -17.14 -9.41
CA THR C 70 -13.73 -15.73 -9.25
C THR C 70 -15.23 -15.61 -9.00
N VAL C 71 -15.61 -14.69 -8.12
CA VAL C 71 -17.01 -14.38 -7.87
C VAL C 71 -17.19 -12.87 -8.00
N SER C 72 -18.34 -12.46 -8.54
CA SER C 72 -18.59 -11.07 -8.87
C SER C 72 -19.86 -10.57 -8.20
N ASN C 73 -19.87 -9.27 -7.89
CA ASN C 73 -21.06 -8.56 -7.45
C ASN C 73 -21.16 -7.23 -8.16
N CYS C 74 -22.41 -6.88 -8.52
CA CYS C 74 -22.73 -5.65 -9.22
C CYS C 74 -22.38 -4.44 -8.34
N PRO C 75 -22.17 -3.27 -8.96
CA PRO C 75 -21.68 -2.10 -8.21
C PRO C 75 -22.49 -1.73 -6.97
N THR C 76 -23.65 -2.32 -6.76
CA THR C 76 -24.44 -2.09 -5.56
C THR C 76 -24.90 -3.41 -4.94
N THR C 77 -23.97 -4.37 -4.86
CA THR C 77 -24.21 -5.61 -4.16
C THR C 77 -23.20 -5.80 -3.03
N GLY C 78 -22.26 -4.87 -2.88
CA GLY C 78 -21.27 -4.96 -1.84
C GLY C 78 -20.07 -5.82 -2.25
N GLU C 79 -19.18 -6.00 -1.28
CA GLU C 79 -17.97 -6.78 -1.49
C GLU C 79 -18.31 -8.20 -1.92
N ALA C 80 -17.51 -8.73 -2.84
CA ALA C 80 -17.69 -10.10 -3.28
C ALA C 80 -17.15 -11.06 -2.24
N HIS C 81 -17.79 -12.23 -2.14
CA HIS C 81 -17.34 -13.29 -1.25
C HIS C 81 -17.21 -14.58 -2.03
N ASN C 82 -16.04 -15.16 -1.99
CA ASN C 82 -15.72 -16.44 -2.60
C ASN C 82 -15.80 -17.53 -1.55
N PRO C 83 -16.48 -18.65 -1.82
CA PRO C 83 -16.55 -19.73 -0.81
C PRO C 83 -15.18 -20.24 -0.39
N LYS C 84 -14.22 -20.30 -1.32
CA LYS C 84 -12.90 -20.81 -0.99
C LYS C 84 -12.18 -19.94 0.02
N ARG C 85 -12.66 -18.72 0.27
CA ARG C 85 -12.11 -17.89 1.33
C ARG C 85 -12.30 -18.52 2.70
N ALA C 86 -13.08 -19.60 2.80
CA ALA C 86 -13.23 -20.34 4.04
C ALA C 86 -12.42 -21.62 4.07
N GLU C 87 -11.40 -21.73 3.21
CA GLU C 87 -10.53 -22.89 3.18
C GLU C 87 -9.08 -22.45 3.34
N ASP C 88 -8.30 -23.31 3.99
CA ASP C 88 -6.98 -22.93 4.48
C ASP C 88 -5.99 -22.72 3.33
N THR C 89 -5.94 -23.67 2.40
CA THR C 89 -4.91 -23.68 1.37
C THR C 89 -5.20 -22.74 0.22
N TYR C 90 -6.17 -21.84 0.35
CA TYR C 90 -6.57 -20.94 -0.71
C TYR C 90 -6.18 -19.52 -0.34
N VAL C 91 -5.59 -18.81 -1.29
CA VAL C 91 -5.28 -17.39 -1.16
C VAL C 91 -6.31 -16.62 -1.95
N CYS C 92 -6.91 -15.61 -1.33
CA CYS C 92 -7.99 -14.86 -1.94
C CYS C 92 -7.66 -13.37 -1.93
N LYS C 93 -8.05 -12.70 -3.00
CA LYS C 93 -7.83 -11.26 -3.14
C LYS C 93 -9.08 -10.63 -3.74
N SER C 94 -9.44 -9.47 -3.20
CA SER C 94 -10.61 -8.72 -3.66
C SER C 94 -10.15 -7.64 -4.63
N GLY C 95 -10.76 -7.65 -5.83
CA GLY C 95 -10.45 -6.69 -6.85
C GLY C 95 -11.68 -5.93 -7.33
N VAL C 96 -11.45 -5.03 -8.27
CA VAL C 96 -12.46 -4.11 -8.76
C VAL C 96 -12.49 -4.19 -10.28
N THR C 97 -13.69 -4.29 -10.84
CA THR C 97 -13.85 -4.43 -12.28
C THR C 97 -14.92 -3.46 -12.77
N ASP C 98 -14.96 -3.25 -14.09
CA ASP C 98 -15.95 -2.38 -14.71
C ASP C 98 -17.22 -3.16 -14.97
N ARG C 99 -18.34 -2.65 -14.49
CA ARG C 99 -19.63 -3.31 -14.60
C ARG C 99 -20.65 -2.35 -15.16
N GLY C 100 -21.59 -2.92 -15.92
CA GLY C 100 -22.61 -2.12 -16.57
C GLY C 100 -23.69 -3.00 -17.15
N TRP C 101 -24.53 -2.39 -17.99
CA TRP C 101 -25.66 -3.11 -18.57
C TRP C 101 -25.20 -4.24 -19.49
N GLY C 102 -24.01 -4.11 -20.08
CA GLY C 102 -23.51 -5.17 -20.95
C GLY C 102 -23.21 -6.45 -20.21
N ASN C 103 -22.62 -6.33 -19.01
CA ASN C 103 -22.31 -7.51 -18.21
C ASN C 103 -23.59 -8.13 -17.64
N GLY C 104 -24.54 -7.30 -17.22
CA GLY C 104 -25.77 -7.80 -16.64
C GLY C 104 -26.20 -7.03 -15.40
N CYS C 105 -25.47 -5.96 -15.09
CA CYS C 105 -25.78 -5.16 -13.92
C CYS C 105 -26.94 -4.22 -14.21
N GLY C 106 -27.48 -3.64 -13.13
CA GLY C 106 -28.51 -2.64 -13.26
C GLY C 106 -27.93 -1.24 -13.15
N LEU C 107 -26.66 -1.16 -12.78
CA LEU C 107 -25.97 0.11 -12.63
C LEU C 107 -24.60 0.01 -13.29
N PHE C 108 -23.95 1.16 -13.40
CA PHE C 108 -22.63 1.26 -14.00
C PHE C 108 -21.61 1.61 -12.94
N GLY C 109 -20.37 1.23 -13.20
CA GLY C 109 -19.30 1.62 -12.31
C GLY C 109 -18.36 0.50 -11.94
N LYS C 110 -17.93 0.49 -10.70
CA LYS C 110 -16.92 -0.45 -10.23
C LYS C 110 -17.60 -1.55 -9.42
N GLY C 111 -17.77 -2.72 -10.04
CA GLY C 111 -18.21 -3.89 -9.34
C GLY C 111 -17.08 -4.60 -8.62
N SER C 112 -17.45 -5.48 -7.70
CA SER C 112 -16.50 -6.08 -6.77
C SER C 112 -16.30 -7.56 -7.10
N ILE C 113 -15.05 -7.98 -7.26
CA ILE C 113 -14.75 -9.37 -7.52
C ILE C 113 -13.88 -9.91 -6.41
N ASP C 114 -13.94 -11.23 -6.22
CA ASP C 114 -13.09 -11.94 -5.26
C ASP C 114 -12.54 -13.17 -5.95
N THR C 115 -11.22 -13.29 -5.97
CA THR C 115 -10.53 -14.37 -6.68
C THR C 115 -9.78 -15.22 -5.67
N CYS C 116 -9.95 -16.53 -5.75
CA CYS C 116 -9.27 -17.46 -4.85
C CYS C 116 -8.52 -18.50 -5.66
N ALA C 117 -7.27 -18.74 -5.27
CA ALA C 117 -6.41 -19.72 -5.93
C ALA C 117 -5.82 -20.66 -4.89
N ASN C 118 -5.77 -21.94 -5.23
CA ASN C 118 -5.19 -22.92 -4.31
C ASN C 118 -3.67 -22.77 -4.27
N PHE C 119 -3.13 -22.71 -3.06
CA PHE C 119 -1.69 -22.52 -2.86
C PHE C 119 -1.07 -23.82 -2.38
N THR C 120 0.04 -24.20 -3.00
CA THR C 120 0.78 -25.38 -2.62
C THR C 120 2.27 -25.09 -2.72
N CYS C 121 3.01 -25.38 -1.66
CA CYS C 121 4.45 -25.18 -1.67
C CYS C 121 5.15 -26.41 -2.25
N SER C 122 6.03 -26.17 -3.21
CA SER C 122 6.80 -27.25 -3.83
C SER C 122 8.17 -27.38 -3.17
N LEU C 123 8.88 -26.27 -3.00
CA LEU C 123 10.23 -26.30 -2.45
C LEU C 123 10.38 -25.20 -1.41
N LYS C 124 10.91 -25.56 -0.24
CA LYS C 124 11.07 -24.64 0.87
C LYS C 124 12.46 -24.76 1.48
N ALA C 125 12.94 -23.64 2.03
CA ALA C 125 14.21 -23.58 2.72
C ALA C 125 13.96 -23.60 4.23
N VAL C 126 14.69 -24.45 4.94
CA VAL C 126 14.42 -24.74 6.34
C VAL C 126 15.51 -24.11 7.20
N GLY C 127 15.10 -23.33 8.19
CA GLY C 127 16.02 -22.74 9.14
C GLY C 127 16.06 -23.53 10.44
N ARG C 128 17.26 -23.68 10.99
CA ARG C 128 17.46 -24.41 12.23
C ARG C 128 18.32 -23.58 13.18
N MET C 129 18.20 -23.89 14.46
CA MET C 129 18.94 -23.21 15.51
C MET C 129 19.79 -24.22 16.28
N ILE C 130 20.86 -23.70 16.86
CA ILE C 130 21.86 -24.49 17.58
C ILE C 130 21.80 -24.12 19.06
N GLN C 131 21.71 -25.11 19.92
CA GLN C 131 21.90 -24.84 21.34
C GLN C 131 23.39 -24.81 21.66
N PRO C 132 23.82 -23.88 22.53
CA PRO C 132 25.24 -23.82 22.89
C PRO C 132 25.75 -25.08 23.55
N GLU C 133 24.89 -25.85 24.20
CA GLU C 133 25.30 -27.11 24.81
C GLU C 133 25.76 -28.14 23.79
N ASN C 134 25.35 -28.01 22.53
CA ASN C 134 25.61 -29.01 21.51
C ASN C 134 26.80 -28.68 20.61
N VAL C 135 27.52 -27.59 20.89
CA VAL C 135 28.65 -27.18 20.06
C VAL C 135 29.89 -27.94 20.52
N LYS C 136 30.52 -28.67 19.60
CA LYS C 136 31.76 -29.38 19.85
C LYS C 136 32.88 -28.72 19.05
N TYR C 137 34.01 -28.48 19.69
CA TYR C 137 35.20 -27.99 19.02
C TYR C 137 36.22 -29.12 18.96
N GLU C 138 36.76 -29.39 17.78
CA GLU C 138 37.81 -30.38 17.62
C GLU C 138 39.15 -29.65 17.66
N VAL C 139 39.98 -29.98 18.63
CA VAL C 139 41.24 -29.28 18.85
C VAL C 139 42.39 -30.28 18.77
N GLY C 140 43.42 -29.91 18.02
CA GLY C 140 44.61 -30.73 17.85
C GLY C 140 45.81 -30.07 18.50
N ILE C 141 46.60 -30.88 19.20
CA ILE C 141 47.80 -30.45 19.90
C ILE C 141 48.94 -31.37 19.48
N PHE C 142 50.12 -30.78 19.29
CA PHE C 142 51.25 -31.51 18.75
C PHE C 142 52.54 -31.02 19.42
N ILE C 143 53.42 -31.95 19.75
CA ILE C 143 54.73 -31.64 20.29
C ILE C 143 55.77 -32.02 19.24
N HIS C 144 56.67 -31.08 18.94
CA HIS C 144 57.65 -31.28 17.87
C HIS C 144 58.76 -32.21 18.34
N GLY C 145 58.41 -33.49 18.44
CA GLY C 145 59.35 -34.55 18.70
C GLY C 145 60.04 -35.00 17.43
N SER C 146 60.39 -36.27 17.40
CA SER C 146 61.06 -36.86 16.23
C SER C 146 60.00 -37.39 15.27
N THR C 147 59.95 -36.80 14.07
CA THR C 147 58.99 -37.19 13.05
C THR C 147 59.69 -37.25 11.70
N SER C 148 59.14 -38.06 10.80
CA SER C 148 59.53 -38.06 9.41
C SER C 148 58.50 -37.29 8.60
N SER C 149 58.79 -37.10 7.31
CA SER C 149 57.93 -36.27 6.48
C SER C 149 56.55 -36.90 6.31
N ASP C 150 56.48 -38.20 6.09
CA ASP C 150 55.17 -38.85 5.94
C ASP C 150 54.48 -39.01 7.28
N THR C 151 55.24 -39.22 8.35
CA THR C 151 54.69 -39.43 9.68
C THR C 151 54.20 -38.12 10.30
N HIS C 152 54.68 -36.98 9.83
CA HIS C 152 54.42 -35.70 10.49
C HIS C 152 52.94 -35.36 10.55
N GLY C 153 52.17 -35.75 9.54
CA GLY C 153 50.76 -35.39 9.49
C GLY C 153 49.83 -36.55 9.79
N ASN C 154 50.39 -37.69 10.17
CA ASN C 154 49.63 -38.90 10.44
C ASN C 154 49.32 -38.92 11.93
N TYR C 155 48.05 -38.71 12.29
CA TYR C 155 47.68 -38.62 13.69
C TYR C 155 47.91 -39.95 14.41
N SER C 156 47.62 -41.07 13.74
CA SER C 156 47.79 -42.37 14.37
C SER C 156 49.22 -42.59 14.82
N SER C 157 50.18 -42.26 13.95
CA SER C 157 51.59 -42.40 14.30
C SER C 157 51.97 -41.42 15.40
N GLN C 158 51.53 -40.17 15.29
CA GLN C 158 51.87 -39.17 16.29
C GLN C 158 51.20 -39.47 17.62
N LEU C 159 50.05 -40.15 17.60
CA LEU C 159 49.43 -40.59 18.84
C LEU C 159 50.17 -41.79 19.43
N GLY C 160 50.64 -42.71 18.59
CA GLY C 160 51.43 -43.82 19.07
C GLY C 160 52.78 -43.43 19.63
N ALA C 161 53.31 -42.29 19.21
CA ALA C 161 54.56 -41.77 19.75
C ALA C 161 54.34 -40.80 20.90
N SER C 162 53.08 -40.63 21.34
CA SER C 162 52.75 -39.72 22.44
C SER C 162 53.23 -38.29 22.16
N GLN C 163 53.09 -37.86 20.90
CA GLN C 163 53.47 -36.52 20.51
C GLN C 163 52.29 -35.65 20.13
N ALA C 164 51.08 -36.20 20.07
CA ALA C 164 49.93 -35.45 19.60
C ALA C 164 48.67 -35.93 20.31
N GLY C 165 47.67 -35.06 20.31
CA GLY C 165 46.37 -35.37 20.84
C GLY C 165 45.25 -34.59 20.19
N ARG C 166 44.20 -35.28 19.77
CA ARG C 166 42.99 -34.65 19.27
C ARG C 166 41.89 -34.86 20.29
N PHE C 167 41.23 -33.75 20.67
CA PHE C 167 40.21 -33.83 21.70
C PHE C 167 39.05 -32.92 21.36
N THR C 168 37.97 -33.07 22.11
CA THR C 168 36.74 -32.30 21.91
C THR C 168 36.53 -31.37 23.09
N ILE C 169 36.32 -30.09 22.78
CA ILE C 169 36.03 -29.07 23.76
C ILE C 169 34.55 -28.75 23.67
N THR C 170 33.83 -28.95 24.75
CA THR C 170 32.40 -28.68 24.88
C THR C 170 32.20 -27.85 26.12
N PRO C 171 31.03 -27.24 26.29
CA PRO C 171 30.73 -26.59 27.57
C PRO C 171 30.80 -27.54 28.75
N ASN C 172 30.47 -28.82 28.55
CA ASN C 172 30.52 -29.82 29.59
C ASN C 172 31.89 -30.47 29.71
N SER C 173 32.85 -30.10 28.86
CA SER C 173 34.23 -30.54 29.00
C SER C 173 35.14 -29.44 28.46
N PRO C 174 35.24 -28.31 29.17
CA PRO C 174 36.00 -27.17 28.65
C PRO C 174 37.50 -27.28 28.83
N ALA C 175 37.99 -28.29 29.55
CA ALA C 175 39.39 -28.40 29.87
C ALA C 175 39.83 -29.84 29.71
N ILE C 176 41.00 -30.03 29.09
CA ILE C 176 41.58 -31.35 28.90
C ILE C 176 43.05 -31.28 29.26
N THR C 177 43.61 -32.44 29.61
CA THR C 177 45.03 -32.60 29.84
C THR C 177 45.48 -33.82 29.05
N VAL C 178 46.40 -33.63 28.11
CA VAL C 178 46.86 -34.71 27.26
C VAL C 178 48.28 -35.10 27.64
N LYS C 179 48.51 -36.41 27.68
CA LYS C 179 49.80 -37.00 28.02
C LYS C 179 50.74 -36.91 26.83
N MET C 180 51.96 -36.45 27.08
CA MET C 180 52.95 -36.30 26.01
C MET C 180 54.22 -37.09 26.33
N GLY C 181 54.05 -38.27 26.93
CA GLY C 181 55.19 -39.14 27.17
C GLY C 181 56.25 -38.48 28.03
N ASP C 182 57.50 -38.59 27.59
CA ASP C 182 58.61 -38.01 28.34
C ASP C 182 58.63 -36.49 28.29
N TYR C 183 57.80 -35.88 27.44
CA TYR C 183 57.61 -34.44 27.51
C TYR C 183 56.69 -34.03 28.67
N GLY C 184 55.99 -34.98 29.26
CA GLY C 184 55.13 -34.70 30.40
C GLY C 184 53.67 -34.62 30.00
N GLU C 185 52.99 -33.58 30.46
CA GLU C 185 51.59 -33.34 30.17
C GLU C 185 51.42 -31.91 29.70
N ILE C 186 50.41 -31.68 28.87
CA ILE C 186 50.03 -30.32 28.52
C ILE C 186 48.53 -30.17 28.67
N SER C 187 48.09 -29.07 29.26
CA SER C 187 46.68 -28.85 29.54
C SER C 187 46.17 -27.68 28.72
N VAL C 188 44.88 -27.72 28.41
CA VAL C 188 44.18 -26.55 27.89
C VAL C 188 42.88 -26.40 28.64
N GLU C 189 42.52 -25.16 28.94
CA GLU C 189 41.18 -24.84 29.42
C GLU C 189 40.58 -23.79 28.50
N CYS C 190 39.43 -24.11 27.92
CA CYS C 190 38.85 -23.26 26.90
C CYS C 190 37.53 -22.69 27.38
N GLU C 191 36.97 -21.81 26.55
CA GLU C 191 35.73 -21.09 26.84
C GLU C 191 34.79 -21.30 25.67
N PRO C 192 34.20 -22.48 25.56
CA PRO C 192 33.37 -22.79 24.38
C PRO C 192 32.16 -21.87 24.22
N ARG C 193 31.56 -21.43 25.33
CA ARG C 193 30.39 -20.58 25.24
C ARG C 193 30.70 -19.23 24.60
N ASN C 194 31.95 -18.78 24.67
CA ASN C 194 32.35 -17.53 24.06
C ASN C 194 32.81 -17.68 22.62
N GLY C 195 32.96 -18.91 22.12
CA GLY C 195 33.49 -19.10 20.79
C GLY C 195 32.49 -18.88 19.68
N LEU C 196 31.48 -19.75 19.59
CA LEU C 196 30.47 -19.68 18.55
C LEU C 196 29.22 -19.04 19.14
N ASN C 197 28.94 -17.81 18.73
CA ASN C 197 27.78 -17.06 19.22
C ASN C 197 26.52 -17.64 18.60
N THR C 198 26.05 -18.75 19.18
CA THR C 198 24.90 -19.46 18.63
C THR C 198 23.64 -18.60 18.63
N GLU C 199 23.54 -17.68 19.56
CA GLU C 199 22.37 -16.81 19.63
C GLU C 199 22.36 -15.73 18.57
N ALA C 200 23.29 -15.77 17.62
CA ALA C 200 23.34 -14.80 16.54
C ALA C 200 23.19 -15.42 15.16
N TYR C 201 23.10 -16.74 15.05
CA TYR C 201 23.09 -17.41 13.77
C TYR C 201 22.00 -18.45 13.69
N TYR C 202 21.52 -18.67 12.47
CA TYR C 202 20.71 -19.81 12.09
C TYR C 202 21.47 -20.62 11.04
N ILE C 203 21.05 -21.87 10.87
CA ILE C 203 21.52 -22.72 9.79
C ILE C 203 20.39 -22.82 8.78
N MET C 204 20.58 -22.20 7.61
CA MET C 204 19.65 -22.31 6.50
C MET C 204 20.01 -23.50 5.63
N SER C 205 19.00 -24.29 5.28
CA SER C 205 19.15 -25.39 4.34
C SER C 205 18.27 -25.09 3.14
N VAL C 206 18.92 -24.83 2.00
CA VAL C 206 18.26 -24.66 0.72
C VAL C 206 18.69 -25.82 -0.16
N GLY C 207 17.79 -26.76 -0.39
CA GLY C 207 18.15 -27.96 -1.13
C GLY C 207 19.26 -28.70 -0.40
N THR C 208 20.35 -28.96 -1.10
CA THR C 208 21.51 -29.61 -0.52
C THR C 208 22.58 -28.63 -0.06
N LYS C 209 22.33 -27.33 -0.15
CA LYS C 209 23.27 -26.32 0.32
C LYS C 209 22.86 -25.85 1.71
N HIS C 210 23.85 -25.58 2.55
CA HIS C 210 23.62 -25.20 3.93
C HIS C 210 24.51 -24.03 4.29
N PHE C 211 23.93 -23.03 4.95
CA PHE C 211 24.62 -21.80 5.27
C PHE C 211 24.41 -21.44 6.73
N LEU C 212 25.44 -20.82 7.31
CA LEU C 212 25.34 -20.12 8.56
C LEU C 212 25.02 -18.67 8.23
N VAL C 213 23.86 -18.20 8.72
CA VAL C 213 23.31 -16.90 8.38
C VAL C 213 22.97 -16.16 9.66
N HIS C 214 22.89 -14.84 9.55
CA HIS C 214 22.45 -14.04 10.68
C HIS C 214 20.97 -14.21 10.91
N ARG C 215 20.57 -14.18 12.19
CA ARG C 215 19.17 -14.32 12.54
C ARG C 215 18.35 -13.12 12.10
N GLU C 216 18.94 -11.92 12.20
CA GLU C 216 18.22 -10.72 11.80
C GLU C 216 17.94 -10.71 10.30
N TRP C 217 18.88 -11.22 9.50
CA TRP C 217 18.64 -11.36 8.07
C TRP C 217 17.59 -12.43 7.79
N PHE C 218 17.66 -13.55 8.51
CA PHE C 218 16.72 -14.65 8.28
C PHE C 218 15.29 -14.23 8.62
N ASN C 219 15.13 -13.44 9.69
CA ASN C 219 13.80 -13.04 10.13
C ASN C 219 13.15 -12.08 9.13
N ASP C 220 13.94 -11.27 8.43
CA ASP C 220 13.44 -10.29 7.49
C ASP C 220 13.19 -10.84 6.10
N LEU C 221 13.42 -12.14 5.88
CA LEU C 221 13.28 -12.72 4.56
C LEU C 221 11.85 -12.59 4.07
N ALA C 222 11.68 -12.11 2.84
CA ALA C 222 10.37 -11.81 2.28
C ALA C 222 9.90 -12.98 1.41
N LEU C 223 9.47 -14.04 2.09
CA LEU C 223 8.95 -15.23 1.43
C LEU C 223 7.79 -15.76 2.25
N PRO C 224 6.92 -16.56 1.64
CA PRO C 224 5.94 -17.31 2.45
C PRO C 224 6.66 -18.21 3.44
N TRP C 225 6.15 -18.26 4.66
CA TRP C 225 6.84 -18.98 5.73
C TRP C 225 5.84 -19.75 6.57
N THR C 226 6.35 -20.81 7.20
CA THR C 226 5.56 -21.69 8.04
C THR C 226 6.38 -22.05 9.27
N SER C 227 5.67 -22.40 10.33
CA SER C 227 6.28 -22.83 11.58
C SER C 227 6.71 -24.29 11.50
N PRO C 228 7.60 -24.73 12.40
CA PRO C 228 8.00 -26.14 12.39
C PRO C 228 6.81 -27.07 12.56
N ALA C 229 6.83 -28.16 11.81
CA ALA C 229 5.78 -29.19 11.86
C ALA C 229 4.39 -28.59 11.62
N SER C 230 4.32 -27.66 10.66
CA SER C 230 3.05 -27.07 10.27
C SER C 230 3.04 -26.88 8.76
N SER C 231 1.84 -26.98 8.19
CA SER C 231 1.64 -26.77 6.76
C SER C 231 0.82 -25.51 6.49
N ASN C 232 0.65 -24.65 7.49
CA ASN C 232 -0.13 -23.43 7.35
C ASN C 232 0.82 -22.31 6.92
N TRP C 233 0.73 -21.91 5.65
CA TRP C 233 1.64 -20.95 5.08
C TRP C 233 1.11 -19.53 5.27
N ARG C 234 2.03 -18.60 5.52
CA ARG C 234 1.73 -17.20 5.76
C ARG C 234 2.51 -16.33 4.80
N ASN C 235 1.90 -15.20 4.42
CA ASN C 235 2.45 -14.29 3.42
C ASN C 235 2.58 -14.96 2.06
N ARG C 236 1.58 -15.78 1.70
CA ARG C 236 1.62 -16.50 0.43
C ARG C 236 1.53 -15.56 -0.76
N GLU C 237 0.91 -14.40 -0.59
CA GLU C 237 0.68 -13.48 -1.70
C GLU C 237 1.99 -12.99 -2.32
N ILE C 238 3.11 -13.13 -1.62
CA ILE C 238 4.40 -12.74 -2.21
C ILE C 238 4.69 -13.57 -3.45
N LEU C 239 4.33 -14.85 -3.44
CA LEU C 239 4.67 -15.73 -4.54
C LEU C 239 3.59 -15.78 -5.63
N LEU C 240 2.53 -14.99 -5.51
CA LEU C 240 1.42 -15.02 -6.45
C LEU C 240 1.26 -13.68 -7.14
N GLU C 241 0.79 -13.73 -8.38
CA GLU C 241 0.46 -12.54 -9.14
C GLU C 241 -0.95 -12.66 -9.69
N PHE C 242 -1.80 -11.71 -9.34
CA PHE C 242 -3.14 -11.60 -9.88
C PHE C 242 -3.09 -10.63 -11.05
N GLU C 243 -3.39 -11.11 -12.25
CA GLU C 243 -3.42 -10.24 -13.42
C GLU C 243 -4.71 -9.45 -13.49
N GLU C 244 -4.97 -8.86 -14.64
CA GLU C 244 -6.07 -7.91 -14.79
C GLU C 244 -7.39 -8.61 -14.50
N PRO C 245 -8.30 -7.97 -13.77
CA PRO C 245 -9.61 -8.55 -13.54
C PRO C 245 -10.41 -8.68 -14.83
N HIS C 246 -11.26 -9.70 -14.88
CA HIS C 246 -12.13 -9.93 -16.02
C HIS C 246 -13.61 -9.93 -15.67
N ALA C 247 -13.96 -9.97 -14.38
CA ALA C 247 -15.29 -9.99 -13.79
C ALA C 247 -15.94 -11.37 -13.88
N THR C 248 -15.35 -12.33 -14.59
CA THR C 248 -15.89 -13.69 -14.60
C THR C 248 -14.79 -14.70 -14.28
N LYS C 249 -13.55 -14.36 -14.65
CA LYS C 249 -12.40 -15.20 -14.32
C LYS C 249 -11.13 -14.36 -14.42
N GLN C 250 -10.50 -14.12 -13.29
CA GLN C 250 -9.24 -13.39 -13.24
C GLN C 250 -8.11 -14.38 -13.00
N SER C 251 -7.15 -14.42 -13.90
CA SER C 251 -6.07 -15.39 -13.81
C SER C 251 -5.13 -15.06 -12.66
N VAL C 252 -4.62 -16.11 -12.02
CA VAL C 252 -3.59 -16.00 -10.99
C VAL C 252 -2.45 -16.91 -11.39
N VAL C 253 -1.22 -16.38 -11.35
CA VAL C 253 -0.04 -17.17 -11.67
C VAL C 253 0.88 -17.19 -10.46
N ALA C 254 1.74 -18.19 -10.44
CA ALA C 254 2.79 -18.28 -9.43
C ALA C 254 4.09 -17.80 -10.05
N LEU C 255 4.80 -16.97 -9.30
CA LEU C 255 6.11 -16.53 -9.76
C LEU C 255 7.07 -17.72 -9.79
N GLY C 256 8.14 -17.55 -10.54
CA GLY C 256 9.09 -18.63 -10.71
C GLY C 256 9.81 -18.96 -9.42
N SER C 257 10.58 -20.04 -9.48
CA SER C 257 11.38 -20.46 -8.33
C SER C 257 12.29 -19.33 -7.87
N GLN C 258 12.30 -19.09 -6.57
CA GLN C 258 13.16 -18.06 -5.97
C GLN C 258 14.46 -18.63 -5.47
N GLU C 259 14.83 -19.85 -5.89
CA GLU C 259 16.05 -20.47 -5.40
C GLU C 259 17.28 -19.65 -5.76
N GLY C 260 17.36 -19.19 -7.01
CA GLY C 260 18.48 -18.35 -7.41
C GLY C 260 18.46 -17.00 -6.71
N ALA C 261 17.28 -16.43 -6.53
CA ALA C 261 17.16 -15.18 -5.78
C ALA C 261 17.61 -15.38 -4.34
N LEU C 262 17.25 -16.51 -3.73
CA LEU C 262 17.72 -16.81 -2.38
C LEU C 262 19.23 -16.97 -2.34
N HIS C 263 19.81 -17.65 -3.33
CA HIS C 263 21.26 -17.81 -3.38
C HIS C 263 21.96 -16.46 -3.52
N GLN C 264 21.39 -15.57 -4.32
CA GLN C 264 21.94 -14.22 -4.42
C GLN C 264 21.81 -13.47 -3.11
N ALA C 265 20.69 -13.64 -2.41
CA ALA C 265 20.52 -12.99 -1.12
C ALA C 265 21.45 -13.56 -0.07
N LEU C 266 21.80 -14.84 -0.19
CA LEU C 266 22.70 -15.51 0.74
C LEU C 266 24.16 -15.12 0.55
N ALA C 267 24.48 -14.20 -0.36
CA ALA C 267 25.84 -13.77 -0.53
C ALA C 267 26.38 -13.21 0.78
N GLY C 268 27.58 -13.66 1.17
CA GLY C 268 28.17 -13.29 2.43
C GLY C 268 27.96 -14.29 3.55
N ALA C 269 26.93 -15.13 3.45
CA ALA C 269 26.72 -16.17 4.45
C ALA C 269 27.82 -17.23 4.34
N VAL C 270 27.97 -18.02 5.40
CA VAL C 270 29.11 -18.92 5.52
C VAL C 270 28.65 -20.34 5.18
N PRO C 271 29.09 -20.91 4.06
CA PRO C 271 28.69 -22.30 3.75
C PRO C 271 29.18 -23.26 4.81
N VAL C 272 28.35 -24.26 5.11
CA VAL C 272 28.65 -25.28 6.11
C VAL C 272 28.19 -26.62 5.58
N SER C 273 28.60 -27.68 6.27
CA SER C 273 28.22 -29.04 5.93
C SER C 273 27.22 -29.55 6.97
N PHE C 274 26.07 -30.04 6.52
CA PHE C 274 25.03 -30.54 7.42
C PHE C 274 24.44 -31.82 6.82
N SER C 275 25.01 -32.96 7.20
CA SER C 275 24.40 -34.25 6.90
C SER C 275 23.55 -34.73 8.08
N SER C 276 24.18 -34.94 9.22
CA SER C 276 23.50 -35.20 10.48
C SER C 276 23.80 -34.16 11.54
N SER C 277 25.02 -33.62 11.54
CA SER C 277 25.40 -32.51 12.38
C SER C 277 26.00 -31.43 11.49
N VAL C 278 25.81 -30.17 11.89
CA VAL C 278 26.45 -29.07 11.18
C VAL C 278 27.95 -29.12 11.47
N LYS C 279 28.74 -29.27 10.42
CA LYS C 279 30.19 -29.13 10.50
C LYS C 279 30.58 -27.77 9.96
N LEU C 280 31.62 -27.19 10.55
CA LEU C 280 31.99 -25.82 10.26
C LEU C 280 33.48 -25.66 10.48
N THR C 281 34.13 -24.89 9.63
CA THR C 281 35.57 -24.76 9.68
C THR C 281 36.02 -23.36 10.08
N SER C 282 35.13 -22.38 10.06
CA SER C 282 35.46 -21.01 10.45
C SER C 282 35.32 -20.87 11.97
N GLY C 283 35.29 -19.63 12.44
CA GLY C 283 35.08 -19.38 13.86
C GLY C 283 36.37 -19.28 14.65
N HIS C 284 36.20 -19.17 15.96
CA HIS C 284 37.34 -19.01 16.86
C HIS C 284 37.00 -19.62 18.21
N LEU C 285 38.05 -19.93 18.96
CA LEU C 285 37.90 -20.51 20.29
C LEU C 285 39.03 -19.99 21.17
N LYS C 286 38.68 -19.31 22.25
CA LYS C 286 39.69 -18.84 23.18
C LYS C 286 40.05 -19.96 24.15
N CYS C 287 41.35 -20.26 24.26
CA CYS C 287 41.84 -21.27 25.17
C CYS C 287 43.04 -20.72 25.92
N ARG C 288 43.34 -21.37 27.05
CA ARG C 288 44.57 -21.14 27.80
C ARG C 288 45.36 -22.43 27.78
N VAL C 289 46.59 -22.35 27.29
CA VAL C 289 47.50 -23.48 27.21
C VAL C 289 48.39 -23.43 28.44
N LYS C 290 48.41 -24.53 29.18
CA LYS C 290 49.13 -24.67 30.44
C LYS C 290 50.25 -25.66 30.23
N MET C 291 51.48 -25.16 30.34
CA MET C 291 52.70 -25.94 30.10
C MET C 291 53.53 -26.07 31.36
N GLU C 292 52.90 -26.03 32.53
CA GLU C 292 53.64 -26.21 33.78
C GLU C 292 54.24 -27.60 33.86
N LYS C 293 53.48 -28.62 33.49
CA LYS C 293 53.90 -30.00 33.56
C LYS C 293 54.52 -30.48 32.26
N LEU C 294 54.71 -29.60 31.29
CA LEU C 294 55.36 -29.92 30.03
C LEU C 294 56.83 -29.57 30.14
N THR C 295 57.70 -30.51 29.81
CA THR C 295 59.13 -30.34 30.00
C THR C 295 59.89 -30.92 28.81
N LEU C 296 61.16 -30.56 28.71
CA LEU C 296 62.06 -31.23 27.78
C LEU C 296 62.40 -32.62 28.31
N LYS C 297 63.00 -33.43 27.42
CA LYS C 297 63.15 -34.86 27.69
C LYS C 297 63.94 -35.16 28.96
N GLY C 298 64.87 -34.27 29.35
CA GLY C 298 65.65 -34.49 30.54
C GLY C 298 66.87 -35.38 30.35
N THR C 299 66.99 -36.05 29.21
CA THR C 299 68.18 -36.80 28.84
C THR C 299 68.54 -36.47 27.39
N THR C 300 69.83 -36.48 27.11
CA THR C 300 70.35 -36.35 25.76
C THR C 300 70.97 -37.67 25.34
N TYR C 301 70.90 -37.95 24.04
CA TYR C 301 71.19 -39.30 23.55
C TYR C 301 72.65 -39.54 23.18
N GLY C 302 73.41 -38.51 22.85
CA GLY C 302 74.72 -38.74 22.29
C GLY C 302 74.69 -38.60 20.78
N MET C 303 75.74 -38.01 20.20
CA MET C 303 75.69 -37.56 18.82
C MET C 303 75.58 -38.73 17.85
N CYS C 304 74.81 -38.52 16.79
CA CYS C 304 74.88 -39.39 15.62
C CYS C 304 76.20 -39.15 14.91
N THR C 305 77.01 -40.19 14.74
CA THR C 305 78.33 -40.05 14.17
C THR C 305 78.44 -40.54 12.75
N GLU C 306 77.46 -41.29 12.26
CA GLU C 306 77.51 -41.82 10.90
C GLU C 306 77.12 -40.71 9.91
N LYS C 307 76.98 -41.08 8.64
CA LYS C 307 76.79 -40.11 7.58
C LYS C 307 75.33 -39.72 7.45
N PHE C 308 75.10 -38.46 7.10
CA PHE C 308 73.76 -37.92 6.89
C PHE C 308 73.55 -37.58 5.42
N SER C 309 72.30 -37.56 5.01
CA SER C 309 71.92 -37.15 3.66
C SER C 309 70.56 -36.49 3.71
N PHE C 310 70.30 -35.63 2.73
CA PHE C 310 69.04 -34.88 2.67
C PHE C 310 68.01 -35.73 1.94
N ALA C 311 67.09 -36.34 2.69
CA ALA C 311 65.96 -37.00 2.06
C ALA C 311 65.08 -35.99 1.35
N LYS C 312 64.86 -34.83 1.96
CA LYS C 312 64.19 -33.71 1.33
C LYS C 312 65.02 -32.46 1.57
N ASN C 313 65.41 -31.78 0.49
CA ASN C 313 66.27 -30.62 0.59
C ASN C 313 65.56 -29.49 1.33
N PRO C 314 66.33 -28.58 1.94
CA PRO C 314 65.71 -27.47 2.68
C PRO C 314 64.74 -26.67 1.83
N ALA C 315 63.58 -26.40 2.39
CA ALA C 315 62.51 -25.70 1.69
C ALA C 315 61.96 -24.59 2.58
N ASP C 316 61.67 -23.45 1.98
CA ASP C 316 61.04 -22.35 2.69
C ASP C 316 59.58 -22.69 2.94
N THR C 317 59.16 -22.60 4.21
CA THR C 317 57.77 -22.86 4.56
C THR C 317 56.86 -21.67 4.26
N GLY C 318 57.42 -20.47 4.10
CA GLY C 318 56.65 -19.28 3.86
C GLY C 318 56.46 -18.41 5.07
N HIS C 319 56.71 -18.91 6.27
CA HIS C 319 56.56 -18.18 7.52
C HIS C 319 57.91 -17.86 8.15
N SER C 320 58.90 -17.52 7.33
CA SER C 320 60.25 -17.18 7.76
C SER C 320 61.00 -18.37 8.36
N THR C 321 60.59 -19.60 8.04
CA THR C 321 61.25 -20.80 8.53
C THR C 321 61.60 -21.69 7.36
N VAL C 322 62.59 -22.56 7.58
CA VAL C 322 63.04 -23.51 6.59
C VAL C 322 62.91 -24.92 7.17
N VAL C 323 62.35 -25.83 6.39
CA VAL C 323 62.18 -27.21 6.83
C VAL C 323 62.94 -28.11 5.87
N LEU C 324 63.47 -29.21 6.42
CA LEU C 324 64.21 -30.17 5.63
C LEU C 324 64.00 -31.55 6.24
N GLU C 325 64.30 -32.58 5.47
CA GLU C 325 64.20 -33.95 5.95
C GLU C 325 65.54 -34.64 5.77
N LEU C 326 66.15 -35.03 6.88
CA LEU C 326 67.40 -35.76 6.90
C LEU C 326 67.15 -37.25 6.83
N GLN C 327 68.06 -37.96 6.18
CA GLN C 327 68.09 -39.41 6.22
C GLN C 327 69.42 -39.84 6.83
N TYR C 328 69.34 -40.70 7.83
CA TYR C 328 70.49 -41.18 8.58
C TYR C 328 70.77 -42.60 8.17
N THR C 329 72.02 -42.86 7.74
CA THR C 329 72.44 -44.18 7.31
C THR C 329 72.90 -45.06 8.47
N GLY C 330 73.14 -44.47 9.64
CA GLY C 330 73.59 -45.25 10.77
C GLY C 330 72.49 -46.12 11.33
N SER C 331 72.91 -47.14 12.08
CA SER C 331 72.00 -48.09 12.69
C SER C 331 72.33 -48.31 14.16
N ASP C 332 73.02 -47.35 14.79
CA ASP C 332 73.51 -47.56 16.15
C ASP C 332 72.39 -47.47 17.18
N GLY C 333 71.44 -46.56 16.97
CA GLY C 333 70.33 -46.40 17.88
C GLY C 333 69.88 -44.97 17.97
N PRO C 334 69.08 -44.66 19.01
CA PRO C 334 68.68 -43.25 19.22
C PRO C 334 69.90 -42.39 19.50
N CYS C 335 70.06 -41.34 18.68
CA CYS C 335 71.22 -40.46 18.80
C CYS C 335 70.80 -39.03 18.47
N LYS C 336 71.53 -38.09 19.04
CA LYS C 336 71.28 -36.68 18.78
C LYS C 336 71.85 -36.29 17.42
N ILE C 337 71.07 -35.50 16.67
CA ILE C 337 71.42 -35.13 15.31
C ILE C 337 72.28 -33.88 15.33
N PRO C 338 73.49 -33.90 14.77
CA PRO C 338 74.27 -32.67 14.69
C PRO C 338 73.80 -31.78 13.54
N ILE C 339 73.08 -30.72 13.86
CA ILE C 339 72.52 -29.85 12.84
C ILE C 339 72.32 -28.47 13.45
N SER C 340 72.61 -27.44 12.67
CA SER C 340 72.55 -26.08 13.18
C SER C 340 72.52 -25.09 12.03
N ILE C 341 72.23 -23.83 12.37
CA ILE C 341 72.36 -22.71 11.47
C ILE C 341 73.51 -21.84 11.97
N VAL C 342 74.44 -21.54 11.09
CA VAL C 342 75.62 -20.76 11.45
C VAL C 342 75.75 -19.57 10.53
N ALA C 343 76.41 -18.52 11.02
CA ALA C 343 76.65 -17.34 10.21
C ALA C 343 77.67 -17.60 9.12
N SER C 344 78.70 -18.39 9.44
CA SER C 344 79.72 -18.75 8.48
C SER C 344 80.37 -20.05 8.94
N LEU C 345 81.07 -20.70 8.02
CA LEU C 345 81.69 -21.98 8.34
C LEU C 345 82.92 -21.83 9.23
N SER C 346 83.44 -20.61 9.39
CA SER C 346 84.54 -20.39 10.32
C SER C 346 84.06 -20.37 11.77
N ASP C 347 82.88 -19.80 12.01
CA ASP C 347 82.29 -19.67 13.33
C ASP C 347 81.03 -20.53 13.37
N LEU C 348 81.10 -21.68 14.04
CA LEU C 348 80.01 -22.66 14.05
C LEU C 348 79.04 -22.44 15.20
N THR C 349 78.92 -21.23 15.71
CA THR C 349 77.98 -20.95 16.79
C THR C 349 76.57 -20.80 16.23
N PRO C 350 75.60 -21.55 16.76
CA PRO C 350 74.23 -21.43 16.25
C PRO C 350 73.67 -20.03 16.44
N ILE C 351 72.89 -19.58 15.46
CA ILE C 351 72.48 -18.18 15.39
C ILE C 351 70.97 -18.02 15.32
N GLY C 352 70.27 -19.02 14.81
CA GLY C 352 68.83 -18.93 14.63
C GLY C 352 68.04 -19.42 15.83
N ARG C 353 66.84 -19.91 15.57
CA ARG C 353 66.08 -20.65 16.57
C ARG C 353 65.60 -21.95 15.95
N MET C 354 65.48 -22.96 16.78
CA MET C 354 65.17 -24.31 16.34
C MET C 354 63.70 -24.59 16.64
N VAL C 355 62.88 -24.75 15.59
CA VAL C 355 61.50 -25.12 15.80
C VAL C 355 61.43 -26.55 16.34
N THR C 356 62.13 -27.48 15.69
CA THR C 356 62.37 -28.79 16.27
C THR C 356 63.47 -28.61 17.31
N ALA C 357 63.09 -28.66 18.59
CA ALA C 357 63.97 -28.14 19.64
C ALA C 357 65.28 -28.92 19.72
N ASN C 358 65.19 -30.25 19.82
CA ASN C 358 66.37 -31.10 19.97
C ASN C 358 66.25 -32.27 19.01
N PRO C 359 66.55 -32.06 17.73
CA PRO C 359 66.35 -33.12 16.74
C PRO C 359 67.18 -34.34 17.09
N TYR C 360 66.58 -35.51 16.90
CA TYR C 360 67.25 -36.77 17.19
C TYR C 360 66.66 -37.88 16.35
N VAL C 361 67.45 -38.90 16.09
CA VAL C 361 66.97 -40.11 15.43
C VAL C 361 66.33 -40.98 16.50
N ALA C 362 65.04 -41.26 16.35
CA ALA C 362 64.30 -41.95 17.40
C ALA C 362 64.50 -43.46 17.37
N SER C 363 64.85 -44.04 16.23
CA SER C 363 64.89 -45.48 16.07
C SER C 363 66.32 -45.97 15.87
N SER C 364 66.49 -47.28 16.01
CA SER C 364 67.76 -47.94 15.81
C SER C 364 67.86 -48.63 14.45
N GLU C 365 66.92 -48.37 13.55
CA GLU C 365 66.95 -48.93 12.21
C GLU C 365 67.69 -48.00 11.26
N ALA C 366 68.43 -48.59 10.34
CA ALA C 366 69.20 -47.81 9.37
C ALA C 366 68.28 -47.02 8.46
N ASN C 367 68.79 -45.90 7.94
CA ASN C 367 68.09 -45.06 6.98
C ASN C 367 66.85 -44.42 7.59
N ALA C 368 66.98 -43.89 8.79
CA ALA C 368 65.84 -43.23 9.42
C ALA C 368 65.67 -41.83 8.88
N LYS C 369 64.42 -41.39 8.78
CA LYS C 369 64.11 -40.08 8.25
C LYS C 369 63.59 -39.18 9.37
N VAL C 370 64.17 -37.99 9.48
CA VAL C 370 63.83 -37.04 10.53
C VAL C 370 63.55 -35.69 9.89
N LEU C 371 62.40 -35.11 10.21
CA LEU C 371 62.03 -33.79 9.73
C LEU C 371 62.49 -32.75 10.74
N VAL C 372 63.21 -31.74 10.26
CA VAL C 372 63.71 -30.66 11.12
C VAL C 372 63.26 -29.33 10.53
N GLU C 373 62.66 -28.49 11.38
CA GLU C 373 62.30 -27.13 11.01
C GLU C 373 63.12 -26.15 11.83
N MET C 374 63.51 -25.04 11.19
CA MET C 374 64.40 -24.06 11.80
C MET C 374 63.94 -22.67 11.40
N GLU C 375 64.34 -21.69 12.21
CA GLU C 375 64.09 -20.28 11.90
C GLU C 375 65.43 -19.59 11.73
N PRO C 376 65.94 -19.49 10.50
CA PRO C 376 67.21 -18.81 10.29
C PRO C 376 67.04 -17.30 10.39
N PRO C 377 68.12 -16.57 10.60
CA PRO C 377 68.03 -15.11 10.60
C PRO C 377 67.95 -14.57 9.17
N PHE C 378 67.63 -13.28 9.08
CA PHE C 378 67.57 -12.62 7.79
C PHE C 378 68.97 -12.53 7.19
N GLY C 379 69.03 -12.67 5.86
CA GLY C 379 70.31 -12.61 5.19
C GLY C 379 70.86 -13.98 4.87
N ASP C 380 72.18 -14.12 4.87
CA ASP C 380 72.83 -15.37 4.49
C ASP C 380 73.22 -16.15 5.73
N SER C 381 73.01 -17.46 5.67
CA SER C 381 73.42 -18.36 6.74
C SER C 381 73.69 -19.72 6.13
N TYR C 382 74.11 -20.66 6.96
CA TYR C 382 74.43 -22.01 6.49
C TYR C 382 73.74 -23.02 7.38
N ILE C 383 73.06 -23.97 6.76
CA ILE C 383 72.60 -25.17 7.44
C ILE C 383 73.75 -26.16 7.44
N VAL C 384 74.24 -26.50 8.63
CA VAL C 384 75.36 -27.42 8.80
C VAL C 384 74.83 -28.69 9.43
N VAL C 385 75.09 -29.82 8.79
CA VAL C 385 74.69 -31.14 9.29
C VAL C 385 75.94 -32.00 9.40
N GLY C 386 76.21 -32.48 10.60
CA GLY C 386 77.37 -33.32 10.79
C GLY C 386 78.63 -32.54 11.08
N ARG C 387 79.72 -33.28 11.24
CA ARG C 387 81.00 -32.71 11.61
C ARG C 387 82.11 -33.34 10.77
N GLY C 388 83.14 -32.54 10.48
CA GLY C 388 84.32 -33.07 9.84
C GLY C 388 84.08 -33.37 8.37
N ASP C 389 84.54 -34.53 7.93
CA ASP C 389 84.42 -34.92 6.53
C ASP C 389 83.00 -35.35 6.14
N LYS C 390 82.15 -35.63 7.12
CA LYS C 390 80.75 -35.95 6.86
C LYS C 390 79.86 -34.72 6.86
N GLN C 391 80.43 -33.54 7.08
CA GLN C 391 79.65 -32.32 7.23
C GLN C 391 79.06 -31.90 5.88
N ILE C 392 77.76 -31.63 5.89
CA ILE C 392 77.05 -31.07 4.75
C ILE C 392 76.76 -29.62 5.07
N ASN C 393 77.22 -28.72 4.19
CA ASN C 393 76.95 -27.29 4.30
C ASN C 393 75.98 -26.90 3.20
N HIS C 394 74.91 -26.24 3.56
CA HIS C 394 73.90 -25.81 2.61
C HIS C 394 73.66 -24.31 2.83
N HIS C 395 74.00 -23.50 1.84
CA HIS C 395 73.81 -22.07 1.97
C HIS C 395 72.33 -21.73 1.88
N TRP C 396 71.86 -20.89 2.78
CA TRP C 396 70.48 -20.47 2.81
C TRP C 396 70.42 -18.95 2.83
N HIS C 397 69.61 -18.39 1.95
CA HIS C 397 69.32 -16.96 1.97
C HIS C 397 67.88 -16.76 2.41
N LYS C 398 67.68 -15.84 3.36
CA LYS C 398 66.36 -15.48 3.84
C LYS C 398 66.12 -14.01 3.51
N ALA C 399 65.15 -13.76 2.64
CA ALA C 399 64.86 -12.41 2.19
C ALA C 399 64.06 -11.65 3.25
N GLY C 400 64.22 -10.35 3.27
CA GLY C 400 63.50 -9.48 4.18
C GLY C 400 64.41 -8.88 5.24
N SER C 401 63.79 -8.16 6.15
CA SER C 401 64.49 -7.54 7.26
C SER C 401 63.58 -7.52 8.47
N SER C 402 64.18 -7.26 9.63
CA SER C 402 63.39 -7.16 10.86
C SER C 402 62.42 -6.00 10.83
N ILE C 403 62.76 -4.91 10.13
CA ILE C 403 61.86 -3.76 10.05
C ILE C 403 60.62 -4.13 9.24
N GLY C 404 60.82 -4.73 8.07
CA GLY C 404 59.69 -5.21 7.30
C GLY C 404 58.91 -6.28 8.04
N LYS C 405 59.61 -7.13 8.79
CA LYS C 405 58.93 -8.14 9.60
C LYS C 405 58.00 -7.50 10.62
N ALA C 406 58.49 -6.48 11.32
CA ALA C 406 57.66 -5.79 12.30
C ALA C 406 56.48 -5.11 11.64
N PHE C 407 56.70 -4.50 10.47
CA PHE C 407 55.60 -3.87 9.73
C PHE C 407 54.52 -4.89 9.36
N ILE C 408 54.95 -6.05 8.86
CA ILE C 408 53.97 -7.07 8.46
C ILE C 408 53.22 -7.61 9.67
N THR C 409 53.91 -7.81 10.79
CA THR C 409 53.20 -8.26 11.98
C THR C 409 52.25 -7.19 12.51
N THR C 410 52.59 -5.91 12.34
CA THR C 410 51.67 -4.84 12.74
C THR C 410 50.40 -4.88 11.89
N ILE C 411 50.56 -5.04 10.57
CA ILE C 411 49.40 -5.16 9.69
C ILE C 411 48.57 -6.38 10.07
N LYS C 412 49.23 -7.51 10.32
CA LYS C 412 48.50 -8.73 10.65
C LYS C 412 47.77 -8.59 11.99
N GLY C 413 48.38 -7.89 12.95
CA GLY C 413 47.69 -7.63 14.20
C GLY C 413 46.49 -6.73 14.05
N ALA C 414 46.59 -5.73 13.18
CA ALA C 414 45.43 -4.89 12.91
C ALA C 414 44.30 -5.69 12.27
N GLN C 415 44.64 -6.57 11.33
CA GLN C 415 43.61 -7.44 10.75
C GLN C 415 43.03 -8.40 11.76
N ARG C 416 43.85 -8.89 12.71
CA ARG C 416 43.33 -9.76 13.75
C ARG C 416 42.38 -8.99 14.67
N LEU C 417 42.70 -7.74 14.98
CA LEU C 417 41.79 -6.91 15.75
C LEU C 417 40.47 -6.72 15.01
N ALA C 418 40.54 -6.50 13.70
CA ALA C 418 39.32 -6.33 12.92
C ALA C 418 38.49 -7.62 12.89
N ALA C 419 39.15 -8.76 12.69
CA ALA C 419 38.44 -10.02 12.52
C ALA C 419 37.88 -10.58 13.83
N LEU C 420 38.64 -10.47 14.91
CA LEU C 420 38.25 -11.02 16.19
C LEU C 420 37.64 -9.99 17.13
N GLY C 421 38.06 -8.73 17.01
CA GLY C 421 37.51 -7.70 17.86
C GLY C 421 38.16 -7.69 19.23
N ASP C 422 37.43 -8.19 20.22
CA ASP C 422 37.85 -8.14 21.60
C ASP C 422 38.80 -9.27 21.99
N PRO C 423 38.56 -10.53 21.62
CA PRO C 423 39.52 -11.59 21.94
C PRO C 423 40.86 -11.44 21.23
N ALA C 424 41.01 -10.45 20.36
CA ALA C 424 42.33 -10.16 19.80
C ALA C 424 43.31 -9.77 20.90
N TRP C 425 42.81 -9.16 21.98
CA TRP C 425 43.66 -8.87 23.13
C TRP C 425 43.94 -10.10 23.98
N ASP C 426 43.30 -11.21 23.69
CA ASP C 426 43.55 -12.48 24.38
C ASP C 426 44.47 -13.39 23.59
N PHE C 427 45.10 -12.89 22.53
CA PHE C 427 45.95 -13.69 21.67
C PHE C 427 47.40 -13.51 22.10
N GLY C 428 48.02 -14.59 22.58
CA GLY C 428 49.36 -14.49 23.11
C GLY C 428 49.47 -13.73 24.40
N SER C 429 48.35 -13.53 25.09
CA SER C 429 48.34 -12.74 26.30
C SER C 429 48.82 -13.56 27.49
N VAL C 430 49.58 -12.92 28.37
CA VAL C 430 50.09 -13.56 29.57
C VAL C 430 49.48 -12.94 30.83
N GLY C 431 48.40 -12.18 30.67
CA GLY C 431 47.74 -11.57 31.82
C GLY C 431 48.25 -10.20 32.19
N GLY C 432 48.93 -9.50 31.28
CA GLY C 432 49.42 -8.18 31.60
C GLY C 432 48.30 -7.17 31.80
N ILE C 433 48.63 -6.11 32.55
CA ILE C 433 47.65 -5.07 32.84
C ILE C 433 47.30 -4.29 31.57
N PHE C 434 48.32 -4.03 30.73
CA PHE C 434 48.08 -3.29 29.50
C PHE C 434 47.08 -4.01 28.60
N ASN C 435 47.22 -5.33 28.47
CA ASN C 435 46.28 -6.10 27.67
C ASN C 435 44.87 -5.97 28.21
N SER C 436 44.71 -6.05 29.53
CA SER C 436 43.38 -5.98 30.14
C SER C 436 42.74 -4.62 29.91
N VAL C 437 43.50 -3.54 30.14
CA VAL C 437 42.91 -2.21 29.99
C VAL C 437 42.62 -1.91 28.53
N GLY C 438 43.52 -2.31 27.62
CA GLY C 438 43.24 -2.16 26.22
C GLY C 438 42.03 -2.96 25.77
N LYS C 439 41.85 -4.14 26.36
CA LYS C 439 40.66 -4.93 26.06
C LYS C 439 39.41 -4.21 26.50
N ALA C 440 39.42 -3.59 27.69
CA ALA C 440 38.24 -2.86 28.15
C ALA C 440 37.94 -1.66 27.26
N VAL C 441 38.98 -0.91 26.86
CA VAL C 441 38.77 0.19 25.92
C VAL C 441 38.20 -0.34 24.62
N HIS C 442 38.66 -1.51 24.18
CA HIS C 442 38.10 -2.08 22.96
C HIS C 442 36.64 -2.46 23.14
N GLN C 443 36.29 -3.06 24.28
CA GLN C 443 34.88 -3.28 24.62
C GLN C 443 34.06 -2.03 24.35
N VAL C 444 34.37 -0.94 25.07
CA VAL C 444 33.49 0.22 25.01
C VAL C 444 33.50 0.85 23.62
N PHE C 445 34.70 1.07 23.05
CA PHE C 445 34.79 1.75 21.78
C PHE C 445 34.19 0.93 20.64
N GLY C 446 34.46 -0.37 20.59
CA GLY C 446 33.87 -1.22 19.58
C GLY C 446 32.37 -1.36 19.74
N GLY C 447 31.86 -1.36 20.97
CA GLY C 447 30.42 -1.34 21.15
C GLY C 447 29.80 -0.11 20.56
N ALA C 448 30.39 1.06 20.83
CA ALA C 448 29.91 2.29 20.21
C ALA C 448 30.00 2.23 18.69
N PHE C 449 31.12 1.71 18.18
CA PHE C 449 31.33 1.63 16.74
C PHE C 449 30.28 0.75 16.07
N ARG C 450 29.98 -0.40 16.66
CA ARG C 450 28.96 -1.28 16.11
C ARG C 450 27.56 -0.68 16.26
N THR C 451 27.36 0.14 17.31
CA THR C 451 26.10 0.85 17.43
C THR C 451 25.91 1.85 16.30
N LEU C 452 26.99 2.54 15.91
CA LEU C 452 26.86 3.59 14.91
C LEU C 452 27.04 3.10 13.47
N PHE C 453 28.02 2.22 13.21
CA PHE C 453 28.34 1.80 11.85
C PHE C 453 28.18 0.30 11.66
N GLY C 454 27.34 -0.35 12.47
CA GLY C 454 27.32 -1.81 12.49
C GLY C 454 26.85 -2.43 11.18
N GLY C 455 25.76 -1.92 10.63
CA GLY C 455 25.15 -2.54 9.48
C GLY C 455 25.71 -2.15 8.13
N MET C 456 26.77 -1.36 8.11
CA MET C 456 27.31 -0.81 6.88
C MET C 456 28.12 -1.85 6.12
N SER C 457 28.07 -1.75 4.79
CA SER C 457 28.90 -2.56 3.92
C SER C 457 30.23 -1.84 3.68
N TRP C 458 31.06 -2.42 2.82
CA TRP C 458 32.41 -1.86 2.64
C TRP C 458 32.40 -0.58 1.83
N ILE C 459 31.57 -0.48 0.80
CA ILE C 459 31.54 0.72 -0.01
C ILE C 459 31.00 1.90 0.78
N THR C 460 29.93 1.70 1.55
CA THR C 460 29.41 2.79 2.36
C THR C 460 30.35 3.11 3.51
N GLN C 461 31.07 2.11 4.04
CA GLN C 461 32.11 2.37 5.00
C GLN C 461 33.19 3.27 4.42
N GLY C 462 33.62 3.00 3.19
CA GLY C 462 34.64 3.83 2.56
C GLY C 462 34.17 5.25 2.31
N LEU C 463 32.94 5.41 1.81
CA LEU C 463 32.40 6.75 1.60
C LEU C 463 32.26 7.51 2.91
N MET C 464 31.74 6.85 3.95
CA MET C 464 31.58 7.49 5.25
C MET C 464 32.94 7.89 5.84
N GLY C 465 33.93 7.01 5.71
CA GLY C 465 35.25 7.34 6.20
C GLY C 465 35.88 8.51 5.44
N ALA C 466 35.70 8.54 4.12
CA ALA C 466 36.21 9.68 3.35
C ALA C 466 35.56 10.98 3.81
N LEU C 467 34.24 10.93 4.06
CA LEU C 467 33.56 12.10 4.61
C LEU C 467 34.13 12.49 5.97
N LEU C 468 34.43 11.51 6.81
CA LEU C 468 34.92 11.82 8.16
C LEU C 468 36.32 12.40 8.13
N LEU C 469 37.20 11.88 7.26
CA LEU C 469 38.50 12.54 7.07
C LEU C 469 38.34 13.96 6.55
N TRP C 470 37.45 14.19 5.59
CA TRP C 470 37.27 15.54 5.09
C TRP C 470 36.79 16.47 6.20
N MET C 471 35.84 16.00 7.02
CA MET C 471 35.31 16.85 8.07
C MET C 471 36.32 17.09 9.19
N GLY C 472 37.14 16.09 9.51
CA GLY C 472 38.15 16.27 10.54
C GLY C 472 39.32 17.14 10.09
N VAL C 473 39.62 17.13 8.79
CA VAL C 473 40.69 17.98 8.27
C VAL C 473 40.28 19.45 8.36
N ASN C 474 39.00 19.74 8.11
CA ASN C 474 38.48 21.09 8.15
C ASN C 474 37.71 21.40 9.44
N ALA C 475 37.93 20.63 10.49
CA ALA C 475 37.22 20.86 11.74
C ALA C 475 37.78 22.10 12.44
N ARG C 476 37.23 22.40 13.59
CA ARG C 476 37.62 23.59 14.34
C ARG C 476 38.00 23.32 15.78
N ASP C 477 37.33 22.37 16.43
CA ASP C 477 37.51 22.17 17.87
C ASP C 477 38.74 21.36 18.22
N ARG C 478 39.36 20.68 17.26
CA ARG C 478 40.64 20.01 17.41
C ARG C 478 40.57 18.81 18.36
N SER C 479 39.44 18.63 19.03
CA SER C 479 39.19 17.44 19.84
C SER C 479 38.18 16.53 19.18
N ILE C 480 37.05 17.09 18.74
CA ILE C 480 36.15 16.37 17.85
C ILE C 480 36.87 16.00 16.57
N ALA C 481 37.81 16.84 16.12
CA ALA C 481 38.61 16.52 14.94
C ALA C 481 39.40 15.24 15.15
N LEU C 482 40.01 15.08 16.32
CA LEU C 482 40.82 13.90 16.57
C LEU C 482 39.98 12.62 16.49
N VAL C 483 38.83 12.61 17.15
CA VAL C 483 38.00 11.41 17.18
C VAL C 483 37.41 11.13 15.79
N MET C 484 37.05 12.18 15.05
CA MET C 484 36.53 11.97 13.71
C MET C 484 37.60 11.44 12.77
N LEU C 485 38.83 11.95 12.88
CA LEU C 485 39.92 11.39 12.09
C LEU C 485 40.17 9.94 12.44
N ALA C 486 40.12 9.60 13.73
CA ALA C 486 40.31 8.22 14.15
C ALA C 486 39.27 7.29 13.56
N THR C 487 37.99 7.65 13.70
CA THR C 487 36.93 6.79 13.18
C THR C 487 36.96 6.73 11.66
N GLY C 488 37.34 7.82 10.99
CA GLY C 488 37.50 7.77 9.55
C GLY C 488 38.61 6.82 9.12
N GLY C 489 39.74 6.86 9.82
CA GLY C 489 40.81 5.94 9.52
C GLY C 489 40.40 4.48 9.73
N VAL C 490 39.65 4.23 10.80
CA VAL C 490 39.16 2.87 11.05
C VAL C 490 38.22 2.42 9.93
N LEU C 491 37.34 3.32 9.48
CA LEU C 491 36.40 2.95 8.41
C LEU C 491 37.13 2.70 7.09
N LEU C 492 38.14 3.51 6.76
CA LEU C 492 38.95 3.22 5.59
C LEU C 492 39.67 1.89 5.72
N PHE C 493 40.22 1.59 6.89
CA PHE C 493 40.92 0.32 7.05
C PHE C 493 39.96 -0.85 6.87
N LEU C 494 38.75 -0.73 7.40
CA LEU C 494 37.77 -1.81 7.21
C LEU C 494 37.34 -1.92 5.75
N ALA C 495 37.19 -0.79 5.07
CA ALA C 495 36.81 -0.83 3.66
C ALA C 495 37.89 -1.48 2.80
N THR C 496 39.15 -1.14 3.06
CA THR C 496 40.25 -1.66 2.23
C THR C 496 40.59 -3.10 2.59
N SER C 497 40.53 -3.46 3.86
CA SER C 497 41.01 -4.76 4.31
C SER C 497 40.15 -5.92 3.83
N VAL C 498 38.94 -5.66 3.31
CA VAL C 498 38.10 -6.74 2.81
C VAL C 498 38.44 -7.14 1.38
N HIS C 499 39.41 -6.47 0.76
CA HIS C 499 39.82 -6.82 -0.60
C HIS C 499 41.31 -7.14 -0.65
N SER D 1 11.98 -7.39 -3.68
CA SER D 1 12.33 -8.80 -3.78
C SER D 1 13.12 -9.27 -2.56
N ILE D 2 13.88 -10.34 -2.72
CA ILE D 2 14.72 -10.88 -1.66
C ILE D 2 16.19 -10.69 -1.97
N ALA D 3 16.58 -10.80 -3.23
CA ALA D 3 17.98 -10.55 -3.59
C ALA D 3 18.38 -9.11 -3.28
N VAL D 4 17.41 -8.20 -3.19
CA VAL D 4 17.68 -6.86 -2.67
C VAL D 4 18.06 -6.93 -1.19
N GLN D 5 17.57 -7.95 -0.47
CA GLN D 5 17.90 -8.17 0.93
C GLN D 5 19.13 -9.08 1.03
N THR D 6 20.27 -8.54 0.65
CA THR D 6 21.49 -9.32 0.60
C THR D 6 22.09 -9.49 2.01
N HIS D 7 22.46 -10.73 2.32
CA HIS D 7 23.20 -11.00 3.55
C HIS D 7 24.52 -10.23 3.52
N GLY D 8 24.89 -9.65 4.65
CA GLY D 8 26.10 -8.86 4.71
C GLY D 8 27.33 -9.74 4.88
N GLU D 9 28.43 -9.07 5.23
CA GLU D 9 29.61 -9.79 5.67
C GLU D 9 29.30 -10.50 6.99
N SER D 10 29.68 -11.77 7.07
CA SER D 10 29.40 -12.54 8.27
C SER D 10 30.20 -12.03 9.45
N MET D 11 29.62 -12.15 10.65
CA MET D 11 30.32 -11.77 11.86
C MET D 11 31.34 -12.82 12.30
N LEU D 12 31.24 -14.05 11.81
CA LEU D 12 32.26 -15.05 12.10
C LEU D 12 33.61 -14.60 11.57
N ALA D 13 34.66 -14.91 12.33
CA ALA D 13 36.01 -14.82 11.81
C ALA D 13 36.20 -15.91 10.77
N ASN D 14 36.53 -15.53 9.55
CA ASN D 14 36.59 -16.47 8.43
C ASN D 14 37.81 -16.16 7.58
N LYS D 15 38.85 -16.98 7.70
CA LYS D 15 39.99 -16.88 6.80
C LYS D 15 39.69 -17.70 5.55
N LYS D 16 38.53 -17.43 4.96
CA LYS D 16 38.04 -18.20 3.82
C LYS D 16 37.00 -17.35 3.10
N ASP D 17 36.76 -17.67 1.84
CA ASP D 17 35.81 -16.91 1.05
C ASP D 17 34.37 -17.24 1.46
N ALA D 18 33.51 -16.23 1.42
CA ALA D 18 32.12 -16.38 1.78
C ALA D 18 31.36 -17.01 0.61
N TRP D 19 30.02 -16.96 0.67
CA TRP D 19 29.20 -17.69 -0.29
C TRP D 19 29.42 -17.20 -1.72
N LEU D 20 29.28 -15.90 -1.94
CA LEU D 20 29.49 -15.33 -3.28
C LEU D 20 30.45 -14.16 -3.15
N ASP D 21 31.74 -14.47 -3.10
CA ASP D 21 32.76 -13.45 -2.90
C ASP D 21 33.36 -12.95 -4.20
N SER D 22 33.14 -13.65 -5.32
CA SER D 22 33.55 -13.13 -6.61
C SER D 22 32.78 -11.87 -6.97
N THR D 23 31.51 -11.79 -6.55
CA THR D 23 30.65 -10.66 -6.83
C THR D 23 30.66 -9.63 -5.71
N LYS D 24 31.55 -9.79 -4.72
CA LYS D 24 31.52 -8.93 -3.54
C LYS D 24 31.75 -7.47 -3.91
N ALA D 25 32.61 -7.21 -4.88
CA ALA D 25 32.83 -5.84 -5.31
C ALA D 25 31.70 -5.35 -6.21
N SER D 26 31.15 -6.21 -7.06
CA SER D 26 30.23 -5.80 -8.10
C SER D 26 28.77 -5.78 -7.67
N ARG D 27 28.43 -6.37 -6.52
CA ARG D 27 27.03 -6.41 -6.10
C ARG D 27 26.48 -5.01 -5.88
N TYR D 28 27.23 -4.16 -5.19
CA TYR D 28 26.76 -2.84 -4.79
C TYR D 28 27.00 -1.77 -5.84
N LEU D 29 27.63 -2.12 -6.97
CA LEU D 29 28.05 -1.12 -7.93
C LEU D 29 27.47 -1.29 -9.32
N MET D 30 26.97 -2.47 -9.68
CA MET D 30 26.52 -2.72 -11.05
C MET D 30 25.36 -1.81 -11.41
N LYS D 31 24.38 -1.68 -10.51
CA LYS D 31 23.22 -0.85 -10.80
C LYS D 31 23.63 0.60 -11.01
N THR D 32 24.52 1.12 -10.17
CA THR D 32 24.91 2.52 -10.28
C THR D 32 25.61 2.79 -11.60
N GLU D 33 26.57 1.96 -11.97
CA GLU D 33 27.30 2.20 -13.21
C GLU D 33 26.41 2.02 -14.43
N ASN D 34 25.56 1.00 -14.43
CA ASN D 34 24.64 0.81 -15.56
C ASN D 34 23.69 2.00 -15.71
N TRP D 35 23.10 2.45 -14.60
CA TRP D 35 22.17 3.56 -14.66
C TRP D 35 22.89 4.84 -15.10
N ILE D 36 24.12 5.05 -14.61
CA ILE D 36 24.85 6.25 -14.97
C ILE D 36 25.17 6.27 -16.46
N ILE D 37 25.62 5.13 -17.00
CA ILE D 37 25.99 5.12 -18.41
C ILE D 37 24.78 5.10 -19.33
N ARG D 38 23.62 4.65 -18.86
CA ARG D 38 22.40 4.76 -19.64
C ARG D 38 21.71 6.10 -19.52
N ASN D 39 22.09 6.91 -18.53
CA ASN D 39 21.48 8.22 -18.32
C ASN D 39 22.57 9.27 -18.14
N PRO D 40 23.36 9.53 -19.19
CA PRO D 40 24.45 10.50 -19.05
C PRO D 40 23.99 11.90 -18.71
N GLY D 41 22.76 12.26 -19.10
CA GLY D 41 22.27 13.60 -18.86
C GLY D 41 22.00 13.91 -17.40
N TYR D 42 21.80 12.89 -16.57
CA TYR D 42 21.59 13.15 -15.15
C TYR D 42 22.86 13.66 -14.48
N ALA D 43 24.03 13.32 -15.03
CA ALA D 43 25.28 13.77 -14.43
C ALA D 43 25.37 15.29 -14.42
N PHE D 44 24.97 15.93 -15.51
CA PHE D 44 24.99 17.39 -15.55
C PHE D 44 24.02 17.98 -14.53
N VAL D 45 22.84 17.37 -14.40
CA VAL D 45 21.89 17.81 -13.37
C VAL D 45 22.54 17.73 -12.00
N ALA D 46 23.19 16.61 -11.71
CA ALA D 46 23.81 16.42 -10.41
C ALA D 46 24.88 17.47 -10.15
N VAL D 47 25.80 17.66 -11.10
CA VAL D 47 26.88 18.62 -10.90
C VAL D 47 26.32 20.03 -10.74
N LEU D 48 25.36 20.40 -11.60
CA LEU D 48 24.83 21.76 -11.58
C LEU D 48 24.10 22.04 -10.27
N LEU D 49 23.21 21.14 -9.86
CA LEU D 49 22.47 21.36 -8.63
C LEU D 49 23.41 21.38 -7.42
N GLY D 50 24.34 20.43 -7.35
CA GLY D 50 25.27 20.40 -6.22
C GLY D 50 26.14 21.63 -6.15
N TRP D 51 26.55 22.15 -7.31
CA TRP D 51 27.28 23.40 -7.33
C TRP D 51 26.40 24.57 -6.91
N MET D 52 25.09 24.49 -7.16
CA MET D 52 24.22 25.58 -6.75
C MET D 52 23.96 25.60 -5.24
N LEU D 53 23.37 24.52 -4.70
CA LEU D 53 22.90 24.64 -3.32
C LEU D 53 24.04 24.64 -2.31
N GLY D 54 25.27 24.35 -2.73
CA GLY D 54 26.40 24.45 -1.84
C GLY D 54 26.85 25.90 -1.66
N SER D 55 27.78 26.07 -0.72
CA SER D 55 28.35 27.38 -0.45
C SER D 55 29.85 27.45 -0.71
N ASN D 56 30.52 26.32 -0.88
CA ASN D 56 31.95 26.29 -1.16
C ASN D 56 32.29 24.93 -1.74
N ASN D 57 33.50 24.84 -2.29
CA ASN D 57 33.92 23.61 -2.94
C ASN D 57 33.93 22.41 -1.99
N GLY D 58 34.00 22.66 -0.68
CA GLY D 58 34.04 21.56 0.27
C GLY D 58 32.77 20.74 0.27
N GLN D 59 31.61 21.40 0.28
CA GLN D 59 30.34 20.69 0.32
C GLN D 59 29.69 20.56 -1.05
N ARG D 60 30.16 21.30 -2.06
CA ARG D 60 29.65 21.09 -3.41
C ARG D 60 30.01 19.70 -3.92
N VAL D 61 31.24 19.24 -3.66
CA VAL D 61 31.64 17.92 -4.09
C VAL D 61 30.85 16.85 -3.33
N VAL D 62 30.58 17.08 -2.05
CA VAL D 62 29.78 16.12 -1.28
C VAL D 62 28.36 16.07 -1.82
N PHE D 63 27.79 17.23 -2.14
CA PHE D 63 26.46 17.25 -2.75
C PHE D 63 26.43 16.52 -4.08
N VAL D 64 27.45 16.74 -4.91
CA VAL D 64 27.49 16.09 -6.22
C VAL D 64 27.59 14.59 -6.05
N VAL D 65 28.45 14.12 -5.15
CA VAL D 65 28.60 12.68 -4.94
C VAL D 65 27.30 12.08 -4.39
N LEU D 66 26.70 12.76 -3.41
CA LEU D 66 25.48 12.26 -2.79
C LEU D 66 24.35 12.18 -3.81
N LEU D 67 24.20 13.20 -4.66
CA LEU D 67 23.15 13.18 -5.67
C LEU D 67 23.43 12.14 -6.74
N LEU D 68 24.70 12.01 -7.16
CA LEU D 68 25.07 11.02 -8.15
C LEU D 68 24.93 9.59 -7.63
N LEU D 69 24.88 9.42 -6.30
CA LEU D 69 24.69 8.10 -5.72
C LEU D 69 23.24 7.80 -5.38
N VAL D 70 22.45 8.80 -5.00
CA VAL D 70 21.08 8.56 -4.55
C VAL D 70 20.18 8.19 -5.72
N ALA D 71 20.41 8.76 -6.90
CA ALA D 71 19.48 8.59 -8.01
C ALA D 71 19.62 7.23 -8.71
N PRO D 72 20.83 6.71 -8.95
CA PRO D 72 20.91 5.34 -9.46
C PRO D 72 20.23 4.32 -8.57
N ALA D 73 20.37 4.45 -7.26
CA ALA D 73 19.54 3.71 -6.34
C ALA D 73 18.13 4.30 -6.36
N TYR D 74 17.14 3.51 -5.95
CA TYR D 74 15.74 3.89 -6.03
C TYR D 74 15.32 4.19 -7.47
N SER D 75 16.14 3.78 -8.44
CA SER D 75 15.96 4.08 -9.86
C SER D 75 15.78 5.57 -10.09
N PHE E 1 -16.09 -2.65 -29.82
CA PHE E 1 -16.47 -1.62 -30.76
C PHE E 1 -17.21 -0.48 -30.08
N ASN E 2 -17.87 -0.80 -28.97
CA ASN E 2 -18.80 0.09 -28.30
C ASN E 2 -18.24 0.50 -26.94
N CYS E 3 -18.48 1.75 -26.55
CA CYS E 3 -18.10 2.21 -25.22
C CYS E 3 -19.33 2.70 -24.47
N LEU E 4 -20.05 1.76 -23.86
CA LEU E 4 -21.05 2.02 -22.85
C LEU E 4 -20.77 1.07 -21.70
N GLY E 5 -20.53 1.62 -20.53
CA GLY E 5 -20.05 0.82 -19.42
C GLY E 5 -18.54 0.71 -19.34
N MET E 6 -17.81 1.54 -20.07
CA MET E 6 -16.36 1.56 -20.04
C MET E 6 -15.92 2.66 -19.09
N SER E 7 -15.01 2.33 -18.18
CA SER E 7 -14.70 3.23 -17.07
C SER E 7 -14.02 4.51 -17.52
N ASN E 8 -13.45 4.54 -18.71
CA ASN E 8 -12.77 5.73 -19.21
C ASN E 8 -13.07 5.94 -20.69
N ARG E 9 -13.75 7.05 -20.98
CA ARG E 9 -14.13 7.41 -22.33
C ARG E 9 -13.97 8.91 -22.48
N ASP E 10 -13.67 9.33 -23.70
CA ASP E 10 -13.48 10.74 -24.01
C ASP E 10 -14.59 11.21 -24.94
N PHE E 11 -15.06 12.44 -24.71
CA PHE E 11 -16.08 13.05 -25.53
C PHE E 11 -15.45 14.13 -26.39
N LEU E 12 -15.67 14.04 -27.69
CA LEU E 12 -15.16 15.02 -28.64
C LEU E 12 -16.33 15.66 -29.36
N GLU E 13 -16.30 16.98 -29.48
CA GLU E 13 -17.35 17.73 -30.16
C GLU E 13 -16.86 18.18 -31.52
N GLY E 14 -17.60 17.83 -32.56
CA GLY E 14 -17.26 18.25 -33.91
C GLY E 14 -17.69 19.67 -34.21
N ALA E 18 -14.87 21.43 -40.78
CA ALA E 18 -15.17 20.52 -39.68
C ALA E 18 -15.74 19.21 -40.19
N THR E 19 -15.11 18.65 -41.21
CA THR E 19 -15.53 17.37 -41.79
C THR E 19 -14.75 16.19 -41.24
N TRP E 20 -13.61 16.43 -40.59
CA TRP E 20 -12.78 15.38 -40.03
C TRP E 20 -12.31 15.79 -38.65
N VAL E 21 -11.95 14.79 -37.85
CA VAL E 21 -11.31 15.05 -36.57
C VAL E 21 -10.27 13.97 -36.33
N ASP E 22 -9.08 14.36 -35.89
CA ASP E 22 -8.04 13.39 -35.59
C ASP E 22 -8.06 13.06 -34.11
N VAL E 23 -8.13 11.77 -33.80
CA VAL E 23 -8.23 11.26 -32.45
C VAL E 23 -7.01 10.40 -32.15
N VAL E 24 -6.79 10.13 -30.87
CA VAL E 24 -5.80 9.18 -30.42
C VAL E 24 -6.55 8.08 -29.66
N LEU E 25 -6.57 6.88 -30.23
CA LEU E 25 -7.20 5.74 -29.59
C LEU E 25 -6.20 5.10 -28.64
N GLU E 26 -6.50 5.13 -27.35
CA GLU E 26 -5.64 4.51 -26.35
C GLU E 26 -6.06 3.06 -26.13
N GLY E 27 -5.23 2.34 -25.38
CA GLY E 27 -5.35 0.90 -25.23
C GLY E 27 -6.73 0.39 -24.86
N ASP E 28 -7.16 0.66 -23.62
CA ASP E 28 -8.51 0.31 -23.18
C ASP E 28 -9.27 1.60 -22.85
N SER E 29 -9.79 2.22 -23.90
CA SER E 29 -10.49 3.49 -23.81
C SER E 29 -11.33 3.62 -25.07
N CYS E 30 -12.22 4.60 -25.08
CA CYS E 30 -13.05 4.86 -26.26
C CYS E 30 -13.28 6.35 -26.39
N ILE E 31 -13.57 6.77 -27.61
CA ILE E 31 -13.89 8.16 -27.91
C ILE E 31 -15.29 8.21 -28.48
N THR E 32 -16.11 9.12 -27.95
CA THR E 32 -17.44 9.39 -28.49
C THR E 32 -17.43 10.77 -29.11
N ILE E 33 -17.75 10.84 -30.40
CA ILE E 33 -17.73 12.08 -31.16
C ILE E 33 -19.17 12.46 -31.48
N MET E 34 -19.56 13.66 -31.06
CA MET E 34 -20.82 14.30 -31.44
C MET E 34 -20.51 15.47 -32.35
N ALA E 35 -21.19 15.53 -33.49
CA ALA E 35 -21.06 16.66 -34.41
C ALA E 35 -22.44 17.21 -34.71
N LYS E 36 -22.49 18.50 -35.03
CA LYS E 36 -23.75 19.14 -35.37
C LYS E 36 -24.38 18.46 -36.58
N ASP E 37 -25.66 18.09 -36.44
CA ASP E 37 -26.41 17.39 -37.48
C ASP E 37 -25.61 16.23 -38.05
N LYS E 38 -25.12 15.38 -37.16
CA LYS E 38 -24.41 14.16 -37.50
C LYS E 38 -24.81 13.07 -36.53
N PRO E 39 -24.82 11.81 -36.97
CA PRO E 39 -24.98 10.71 -36.01
C PRO E 39 -23.81 10.69 -35.05
N THR E 40 -24.10 10.40 -33.78
CA THR E 40 -23.03 10.22 -32.80
C THR E 40 -22.27 8.94 -33.11
N ILE E 41 -20.95 9.01 -33.01
CA ILE E 41 -20.13 7.85 -33.31
C ILE E 41 -19.25 7.57 -32.11
N ASP E 42 -18.85 6.31 -31.96
CA ASP E 42 -17.79 6.01 -31.01
C ASP E 42 -16.79 5.05 -31.65
N ILE E 43 -15.53 5.28 -31.33
CA ILE E 43 -14.42 4.56 -31.93
C ILE E 43 -13.45 4.16 -30.83
N LYS E 44 -12.92 2.94 -30.92
CA LYS E 44 -11.94 2.51 -29.95
C LYS E 44 -11.01 1.48 -30.54
N MET E 45 -9.76 1.50 -30.09
CA MET E 45 -8.79 0.48 -30.42
C MET E 45 -9.05 -0.73 -29.53
N MET E 46 -9.53 -1.82 -30.13
CA MET E 46 -9.85 -3.00 -29.34
C MET E 46 -8.60 -3.77 -28.96
N GLU E 47 -7.61 -3.84 -29.84
CA GLU E 47 -6.37 -4.55 -29.56
C GLU E 47 -5.37 -4.22 -30.67
N THR E 48 -4.13 -4.63 -30.44
CA THR E 48 -3.07 -4.55 -31.44
C THR E 48 -2.27 -5.85 -31.43
N GLU E 49 -1.67 -6.15 -32.58
CA GLU E 49 -1.15 -7.47 -32.87
C GLU E 49 0.16 -7.37 -33.62
N ALA E 50 0.98 -8.40 -33.49
CA ALA E 50 2.25 -8.55 -34.20
C ALA E 50 2.41 -10.02 -34.55
N THR E 51 2.77 -10.31 -35.81
CA THR E 51 2.52 -11.63 -36.36
C THR E 51 3.77 -12.48 -36.61
N ASN E 52 4.90 -11.90 -36.99
CA ASN E 52 6.08 -12.69 -37.38
C ASN E 52 7.31 -12.14 -36.69
N LEU E 53 7.59 -12.62 -35.49
CA LEU E 53 8.70 -12.13 -34.68
C LEU E 53 9.92 -13.02 -34.84
N ALA E 54 11.09 -12.42 -34.70
CA ALA E 54 12.37 -13.11 -34.82
C ALA E 54 13.19 -12.91 -33.56
N GLU E 55 13.81 -14.00 -33.09
CA GLU E 55 14.58 -13.96 -31.86
C GLU E 55 15.79 -13.05 -32.00
N VAL E 56 16.07 -12.28 -30.96
CA VAL E 56 17.24 -11.42 -30.98
C VAL E 56 18.25 -11.91 -29.95
N ARG E 57 17.78 -12.52 -28.87
CA ARG E 57 18.75 -12.92 -27.85
C ARG E 57 18.10 -13.84 -26.83
N SER E 58 18.81 -14.88 -26.44
CA SER E 58 18.38 -15.76 -25.35
C SER E 58 19.25 -15.54 -24.12
N TYR E 59 18.62 -15.50 -22.96
CA TYR E 59 19.31 -15.47 -21.68
C TYR E 59 19.08 -16.79 -20.97
N CYS E 60 20.12 -17.30 -20.31
CA CYS E 60 19.98 -18.51 -19.51
C CYS E 60 19.62 -18.13 -18.08
N TYR E 61 18.54 -18.70 -17.57
CA TYR E 61 18.19 -18.50 -16.17
C TYR E 61 18.16 -19.79 -15.36
N LEU E 62 18.29 -20.95 -16.00
CA LEU E 62 18.54 -22.18 -15.25
C LEU E 62 19.60 -22.98 -15.98
N ALA E 63 20.73 -23.22 -15.31
CA ALA E 63 21.89 -23.90 -15.88
C ALA E 63 22.34 -25.02 -14.94
N THR E 64 23.11 -25.95 -15.50
CA THR E 64 23.65 -27.08 -14.76
C THR E 64 25.13 -27.24 -15.04
N VAL E 65 25.85 -27.83 -14.09
CA VAL E 65 27.23 -28.27 -14.29
C VAL E 65 27.23 -29.77 -14.48
N SER E 66 28.11 -30.27 -15.34
CA SER E 66 28.09 -31.67 -15.74
C SER E 66 29.30 -32.44 -15.20
N ASP E 67 30.51 -32.00 -15.49
CA ASP E 67 31.70 -32.69 -15.00
C ASP E 67 32.78 -31.67 -14.71
N VAL E 68 33.35 -31.74 -13.51
CA VAL E 68 34.26 -30.74 -13.00
C VAL E 68 35.65 -31.35 -12.90
N SER E 69 36.64 -30.67 -13.46
CA SER E 69 38.02 -31.11 -13.42
C SER E 69 38.88 -29.99 -12.88
N THR E 70 39.91 -30.37 -12.12
CA THR E 70 40.87 -29.42 -11.59
C THR E 70 42.28 -29.86 -11.97
N VAL E 71 43.06 -28.95 -12.52
CA VAL E 71 44.46 -29.16 -12.81
C VAL E 71 45.28 -28.33 -11.85
N SER E 72 46.24 -28.94 -11.18
CA SER E 72 46.96 -28.30 -10.10
C SER E 72 48.45 -28.20 -10.42
N ASN E 73 49.04 -27.05 -10.08
CA ASN E 73 50.46 -26.81 -10.24
C ASN E 73 51.12 -26.62 -8.87
N CYS E 74 52.35 -27.09 -8.75
CA CYS E 74 53.11 -26.86 -7.53
C CYS E 74 53.51 -25.40 -7.43
N PRO E 75 53.84 -24.92 -6.23
CA PRO E 75 54.24 -23.52 -6.09
C PRO E 75 55.48 -23.19 -6.92
N THR E 76 55.50 -21.97 -7.44
CA THR E 76 56.56 -21.43 -8.30
C THR E 76 56.68 -22.18 -9.62
N THR E 77 55.64 -22.89 -10.03
CA THR E 77 55.62 -23.61 -11.30
C THR E 77 54.74 -22.90 -12.32
N GLY E 78 54.14 -21.77 -11.96
CA GLY E 78 53.29 -21.02 -12.88
C GLY E 78 51.86 -21.51 -12.90
N GLU E 79 51.09 -20.91 -13.82
CA GLU E 79 49.68 -21.20 -13.92
C GLU E 79 49.42 -22.63 -14.40
N ALA E 80 48.26 -23.16 -14.01
CA ALA E 80 47.98 -24.58 -14.24
C ALA E 80 47.47 -24.84 -15.65
N HIS E 81 46.49 -24.06 -16.11
CA HIS E 81 45.91 -24.20 -17.44
C HIS E 81 45.29 -25.60 -17.66
N ASN E 82 44.17 -25.81 -17.00
CA ASN E 82 43.31 -26.94 -17.30
C ASN E 82 43.12 -27.05 -18.83
N PRO E 83 43.31 -28.24 -19.41
CA PRO E 83 43.21 -28.37 -20.87
C PRO E 83 41.80 -28.21 -21.42
N LYS E 84 40.78 -28.08 -20.58
CA LYS E 84 39.41 -27.92 -21.07
C LYS E 84 39.09 -26.49 -21.46
N ARG E 85 40.04 -25.57 -21.32
CA ARG E 85 39.85 -24.21 -21.83
C ARG E 85 39.77 -24.17 -23.35
N ALA E 86 40.14 -25.24 -24.04
CA ALA E 86 40.03 -25.31 -25.48
C ALA E 86 38.64 -25.73 -25.96
N GLU E 87 37.74 -26.09 -25.04
CA GLU E 87 36.39 -26.49 -25.39
C GLU E 87 35.41 -25.38 -25.02
N ASP E 88 34.44 -25.14 -25.90
CA ASP E 88 33.58 -23.98 -25.76
C ASP E 88 32.57 -24.13 -24.64
N THR E 89 32.14 -25.36 -24.35
CA THR E 89 31.08 -25.56 -23.37
C THR E 89 31.57 -25.57 -21.93
N TYR E 90 32.88 -25.42 -21.71
CA TYR E 90 33.44 -25.48 -20.37
C TYR E 90 33.77 -24.08 -19.87
N VAL E 91 33.36 -23.80 -18.64
CA VAL E 91 33.69 -22.56 -17.96
C VAL E 91 34.87 -22.84 -17.03
N CYS E 92 35.92 -22.03 -17.14
CA CYS E 92 37.17 -22.32 -16.47
C CYS E 92 37.60 -21.12 -15.64
N LYS E 93 37.99 -21.38 -14.40
CA LYS E 93 38.41 -20.35 -13.47
C LYS E 93 39.74 -20.74 -12.84
N SER E 94 40.61 -19.75 -12.67
CA SER E 94 41.94 -19.98 -12.11
C SER E 94 41.96 -19.53 -10.66
N GLY E 95 42.39 -20.41 -9.78
CA GLY E 95 42.53 -20.09 -8.37
C GLY E 95 43.87 -20.53 -7.84
N VAL E 96 44.04 -20.49 -6.52
CA VAL E 96 45.31 -20.88 -5.91
C VAL E 96 45.02 -21.51 -4.56
N THR E 97 45.83 -22.49 -4.18
CA THR E 97 45.58 -23.26 -2.97
C THR E 97 46.89 -23.54 -2.25
N ASP E 98 46.77 -23.85 -0.96
CA ASP E 98 47.94 -24.19 -0.15
C ASP E 98 48.55 -25.49 -0.63
N ARG E 99 49.87 -25.51 -0.79
CA ARG E 99 50.60 -26.69 -1.21
C ARG E 99 51.82 -26.88 -0.32
N GLY E 100 52.17 -28.13 -0.08
CA GLY E 100 53.32 -28.43 0.73
C GLY E 100 53.72 -29.88 0.58
N TRP E 101 54.60 -30.32 1.49
CA TRP E 101 55.06 -31.70 1.45
C TRP E 101 53.91 -32.67 1.67
N GLY E 102 52.97 -32.31 2.55
CA GLY E 102 51.82 -33.16 2.78
C GLY E 102 50.95 -33.34 1.55
N ASN E 103 50.84 -32.29 0.73
CA ASN E 103 50.03 -32.37 -0.48
C ASN E 103 50.72 -33.20 -1.55
N GLY E 104 52.03 -33.04 -1.70
CA GLY E 104 52.76 -33.75 -2.74
C GLY E 104 53.72 -32.87 -3.51
N CYS E 105 53.97 -31.67 -3.02
CA CYS E 105 54.90 -30.75 -3.65
C CYS E 105 56.27 -30.81 -2.99
N GLY E 106 57.29 -30.42 -3.75
CA GLY E 106 58.61 -30.25 -3.19
C GLY E 106 58.82 -28.91 -2.52
N LEU E 107 57.87 -28.00 -2.64
CA LEU E 107 57.95 -26.68 -2.03
C LEU E 107 56.69 -26.42 -1.21
N PHE E 108 56.69 -25.29 -0.53
CA PHE E 108 55.56 -24.85 0.27
C PHE E 108 55.07 -23.51 -0.27
N GLY E 109 53.77 -23.35 -0.32
CA GLY E 109 53.23 -22.05 -0.67
C GLY E 109 52.01 -22.18 -1.54
N LYS E 110 51.67 -21.07 -2.19
CA LYS E 110 50.47 -21.00 -3.00
C LYS E 110 50.72 -21.60 -4.37
N GLY E 111 50.04 -22.69 -4.68
CA GLY E 111 50.13 -23.36 -5.97
C GLY E 111 48.88 -23.10 -6.79
N SER E 112 49.08 -22.79 -8.07
CA SER E 112 47.98 -22.42 -8.95
C SER E 112 47.16 -23.64 -9.34
N ILE E 113 45.84 -23.45 -9.45
CA ILE E 113 44.93 -24.47 -9.93
C ILE E 113 44.02 -23.84 -10.98
N ASP E 114 43.50 -24.69 -11.86
CA ASP E 114 42.58 -24.29 -12.91
C ASP E 114 41.44 -25.29 -12.93
N THR E 115 40.21 -24.81 -12.68
CA THR E 115 39.04 -25.66 -12.59
C THR E 115 38.12 -25.38 -13.77
N CYS E 116 37.69 -26.44 -14.45
CA CYS E 116 36.77 -26.33 -15.57
C CYS E 116 35.54 -27.17 -15.31
N ALA E 117 34.37 -26.58 -15.51
CA ALA E 117 33.09 -27.24 -15.34
C ALA E 117 32.28 -27.11 -16.63
N ASN E 118 31.59 -28.19 -17.00
CA ASN E 118 30.83 -28.20 -18.24
C ASN E 118 29.50 -27.47 -18.03
N PHE E 119 29.30 -26.37 -18.76
CA PHE E 119 28.11 -25.56 -18.64
C PHE E 119 27.02 -26.09 -19.56
N THR E 120 25.79 -26.13 -19.04
CA THR E 120 24.62 -26.53 -19.81
C THR E 120 23.46 -25.65 -19.41
N CYS E 121 22.71 -25.14 -20.38
CA CYS E 121 21.54 -24.33 -20.11
C CYS E 121 20.30 -25.22 -20.11
N SER E 122 19.55 -25.20 -19.00
CA SER E 122 18.30 -25.94 -18.91
C SER E 122 17.11 -25.08 -19.32
N LEU E 123 17.05 -23.85 -18.85
CA LEU E 123 15.91 -22.98 -19.11
C LEU E 123 16.39 -21.60 -19.50
N LYS E 124 15.86 -21.10 -20.62
CA LYS E 124 16.26 -19.83 -21.21
C LYS E 124 15.04 -18.97 -21.54
N ALA E 125 15.19 -17.67 -21.34
CA ALA E 125 14.20 -16.67 -21.74
C ALA E 125 14.60 -16.08 -23.08
N VAL E 126 13.65 -16.02 -24.01
CA VAL E 126 13.93 -15.66 -25.40
C VAL E 126 13.35 -14.28 -25.69
N GLY E 127 14.19 -13.38 -26.17
CA GLY E 127 13.75 -12.06 -26.58
C GLY E 127 13.74 -11.94 -28.09
N ARG E 128 12.59 -11.51 -28.62
CA ARG E 128 12.32 -11.36 -30.04
C ARG E 128 12.01 -9.90 -30.34
N MET E 129 12.15 -9.52 -31.60
CA MET E 129 11.84 -8.16 -32.04
C MET E 129 10.64 -8.17 -32.97
N ILE E 130 9.97 -7.02 -33.05
CA ILE E 130 8.85 -6.82 -33.94
C ILE E 130 9.33 -5.99 -35.13
N GLN E 131 9.00 -6.45 -36.33
CA GLN E 131 9.23 -5.62 -37.51
C GLN E 131 8.04 -4.68 -37.70
N PRO E 132 8.29 -3.40 -38.01
CA PRO E 132 7.18 -2.43 -38.06
C PRO E 132 6.06 -2.81 -39.02
N GLU E 133 6.38 -3.52 -40.10
CA GLU E 133 5.35 -3.85 -41.09
C GLU E 133 4.40 -4.95 -40.62
N ASN E 134 4.68 -5.60 -39.50
CA ASN E 134 3.87 -6.69 -39.02
C ASN E 134 2.93 -6.30 -37.88
N VAL E 135 2.82 -5.01 -37.58
CA VAL E 135 1.90 -4.55 -36.55
C VAL E 135 0.50 -4.48 -37.13
N LYS E 136 -0.49 -4.78 -36.30
CA LYS E 136 -1.86 -5.02 -36.79
C LYS E 136 -2.83 -4.54 -35.72
N TYR E 137 -3.40 -3.35 -35.92
CA TYR E 137 -4.35 -2.78 -34.97
C TYR E 137 -5.76 -3.22 -35.30
N GLU E 138 -6.55 -3.50 -34.27
CA GLU E 138 -7.96 -3.80 -34.42
C GLU E 138 -8.75 -2.60 -33.92
N VAL E 139 -9.63 -2.07 -34.77
CA VAL E 139 -10.37 -0.85 -34.47
C VAL E 139 -11.86 -1.13 -34.59
N GLY E 140 -12.63 -0.70 -33.60
CA GLY E 140 -14.07 -0.82 -33.62
C GLY E 140 -14.71 0.55 -33.76
N ILE E 141 -15.71 0.63 -34.64
CA ILE E 141 -16.47 1.84 -34.88
C ILE E 141 -17.94 1.49 -34.71
N PHE E 142 -18.71 2.42 -34.16
CA PHE E 142 -20.12 2.16 -33.92
C PHE E 142 -20.92 3.44 -34.07
N ILE E 143 -21.96 3.38 -34.90
CA ILE E 143 -22.96 4.43 -35.03
C ILE E 143 -24.04 4.16 -34.00
N HIS E 144 -24.38 5.18 -33.20
CA HIS E 144 -25.24 4.93 -32.05
C HIS E 144 -26.60 4.38 -32.47
N GLY E 145 -27.22 4.97 -33.49
CA GLY E 145 -28.43 4.40 -34.07
C GLY E 145 -29.52 4.05 -33.07
N SER E 146 -30.37 3.10 -33.44
CA SER E 146 -31.44 2.63 -32.56
C SER E 146 -31.09 1.24 -32.06
N THR E 147 -30.92 1.13 -30.74
CA THR E 147 -30.55 -0.14 -30.12
C THR E 147 -31.36 -0.33 -28.85
N SER E 148 -31.52 -1.59 -28.46
CA SER E 148 -32.02 -1.91 -27.14
C SER E 148 -30.82 -2.10 -26.19
N SER E 149 -31.12 -2.38 -24.93
CA SER E 149 -30.03 -2.57 -23.96
C SER E 149 -29.34 -3.91 -24.15
N ASP E 150 -30.06 -4.92 -24.63
CA ASP E 150 -29.49 -6.25 -24.77
C ASP E 150 -28.73 -6.44 -26.08
N THR E 151 -28.88 -5.53 -27.03
CA THR E 151 -28.16 -5.61 -28.29
C THR E 151 -27.18 -4.47 -28.50
N HIS E 152 -27.10 -3.52 -27.56
CA HIS E 152 -26.19 -2.39 -27.72
C HIS E 152 -24.74 -2.85 -27.76
N GLY E 153 -24.40 -3.87 -26.97
CA GLY E 153 -23.04 -4.36 -26.92
C GLY E 153 -22.80 -5.58 -27.77
N ASN E 154 -23.86 -6.12 -28.36
CA ASN E 154 -23.75 -7.31 -29.22
C ASN E 154 -23.26 -6.87 -30.59
N TYR E 155 -22.06 -7.33 -30.96
CA TYR E 155 -21.48 -6.90 -32.23
C TYR E 155 -22.22 -7.51 -33.41
N SER E 156 -22.68 -8.76 -33.27
CA SER E 156 -23.40 -9.40 -34.37
C SER E 156 -24.67 -8.64 -34.73
N SER E 157 -25.43 -8.22 -33.72
CA SER E 157 -26.66 -7.47 -33.96
C SER E 157 -26.35 -6.12 -34.59
N GLN E 158 -25.35 -5.41 -34.06
CA GLN E 158 -25.02 -4.10 -34.58
C GLN E 158 -24.44 -4.18 -35.98
N LEU E 159 -23.82 -5.31 -36.34
CA LEU E 159 -23.36 -5.52 -37.70
C LEU E 159 -24.53 -5.82 -38.62
N GLY E 160 -25.49 -6.63 -38.16
CA GLY E 160 -26.69 -6.87 -38.93
C GLY E 160 -27.55 -5.64 -39.11
N ALA E 161 -27.40 -4.64 -38.23
CA ALA E 161 -28.09 -3.36 -38.37
C ALA E 161 -27.23 -2.32 -39.07
N SER E 162 -26.04 -2.69 -39.54
CA SER E 162 -25.14 -1.78 -40.27
C SER E 162 -24.81 -0.55 -39.44
N GLN E 163 -24.69 -0.73 -38.13
CA GLN E 163 -24.37 0.36 -37.22
C GLN E 163 -23.03 0.21 -36.55
N ALA E 164 -22.29 -0.85 -36.87
CA ALA E 164 -20.99 -1.09 -36.26
C ALA E 164 -20.10 -1.81 -37.24
N GLY E 165 -18.80 -1.71 -36.98
CA GLY E 165 -17.81 -2.46 -37.75
C GLY E 165 -16.48 -2.51 -37.06
N ARG E 166 -15.89 -3.70 -36.96
CA ARG E 166 -14.52 -3.83 -36.49
C ARG E 166 -13.63 -4.24 -37.66
N PHE E 167 -12.49 -3.58 -37.78
CA PHE E 167 -11.64 -3.71 -38.95
C PHE E 167 -10.18 -3.65 -38.52
N THR E 168 -9.30 -3.82 -39.49
CA THR E 168 -7.87 -3.95 -39.26
C THR E 168 -7.14 -2.76 -39.86
N ILE E 169 -6.26 -2.15 -39.08
CA ILE E 169 -5.39 -1.07 -39.54
C ILE E 169 -3.97 -1.64 -39.57
N THR E 170 -3.34 -1.52 -40.73
CA THR E 170 -2.02 -2.07 -41.02
C THR E 170 -1.19 -0.96 -41.67
N PRO E 171 0.12 -0.95 -41.48
CA PRO E 171 0.94 0.01 -42.24
C PRO E 171 0.77 -0.11 -43.74
N ASN E 172 0.52 -1.33 -44.24
CA ASN E 172 0.24 -1.52 -45.66
C ASN E 172 -1.07 -0.85 -46.05
N SER E 173 -2.10 -0.95 -45.21
CA SER E 173 -3.42 -0.38 -45.49
C SER E 173 -3.83 0.48 -44.31
N PRO E 174 -3.29 1.70 -44.21
CA PRO E 174 -3.52 2.53 -43.02
C PRO E 174 -4.85 3.27 -43.01
N ALA E 175 -5.65 3.16 -44.06
CA ALA E 175 -6.88 3.92 -44.18
C ALA E 175 -7.93 3.08 -44.87
N ILE E 176 -9.10 2.94 -44.25
CA ILE E 176 -10.22 2.23 -44.87
C ILE E 176 -11.53 2.89 -44.46
N THR E 177 -12.60 2.44 -45.12
CA THR E 177 -13.94 3.00 -44.98
C THR E 177 -14.92 1.88 -44.68
N VAL E 178 -15.86 2.15 -43.78
CA VAL E 178 -16.90 1.22 -43.39
C VAL E 178 -18.25 1.75 -43.87
N LYS E 179 -18.99 0.91 -44.57
CA LYS E 179 -20.36 1.23 -44.93
C LYS E 179 -21.27 1.13 -43.71
N MET E 180 -22.18 2.07 -43.58
CA MET E 180 -23.00 2.20 -42.38
C MET E 180 -24.47 2.21 -42.72
N GLY E 181 -24.87 1.44 -43.73
CA GLY E 181 -26.26 1.40 -44.14
C GLY E 181 -26.76 2.77 -44.57
N ASP E 182 -27.90 3.17 -44.01
CA ASP E 182 -28.49 4.46 -44.34
C ASP E 182 -27.73 5.63 -43.72
N TYR E 183 -26.76 5.36 -42.84
CA TYR E 183 -25.96 6.44 -42.29
C TYR E 183 -24.84 6.87 -43.23
N GLY E 184 -24.54 6.08 -44.25
CA GLY E 184 -23.54 6.43 -45.22
C GLY E 184 -22.24 5.66 -45.05
N GLU E 185 -21.13 6.38 -45.07
CA GLU E 185 -19.82 5.78 -44.95
C GLU E 185 -19.02 6.54 -43.91
N ILE E 186 -18.17 5.82 -43.19
CA ILE E 186 -17.26 6.44 -42.23
C ILE E 186 -15.85 6.00 -42.57
N SER E 187 -14.94 6.96 -42.69
CA SER E 187 -13.58 6.67 -43.11
C SER E 187 -12.61 6.92 -41.98
N VAL E 188 -11.54 6.14 -41.92
CA VAL E 188 -10.44 6.38 -41.00
C VAL E 188 -9.14 6.28 -41.77
N GLU E 189 -8.24 7.24 -41.53
CA GLU E 189 -6.86 7.15 -41.99
C GLU E 189 -5.95 7.25 -40.78
N CYS E 190 -5.23 6.18 -40.49
CA CYS E 190 -4.46 6.08 -39.26
C CYS E 190 -2.96 6.13 -39.57
N GLU E 191 -2.17 6.14 -38.51
CA GLU E 191 -0.70 6.10 -38.60
C GLU E 191 -0.20 4.95 -37.76
N PRO E 192 -0.35 3.72 -38.23
CA PRO E 192 0.18 2.56 -37.47
C PRO E 192 1.67 2.63 -37.24
N ARG E 193 2.41 3.25 -38.16
CA ARG E 193 3.85 3.38 -37.98
C ARG E 193 4.20 4.25 -36.79
N ASN E 194 3.46 5.35 -36.61
CA ASN E 194 3.67 6.23 -35.46
C ASN E 194 2.93 5.77 -34.22
N GLY E 195 2.49 4.51 -34.17
CA GLY E 195 1.77 4.00 -33.02
C GLY E 195 2.69 3.30 -32.05
N LEU E 196 2.67 1.97 -32.06
CA LEU E 196 3.66 1.21 -31.31
C LEU E 196 5.05 1.55 -31.83
N ASN E 197 5.95 1.89 -30.91
CA ASN E 197 7.28 2.35 -31.32
C ASN E 197 8.06 1.26 -32.04
N THR E 198 8.02 0.03 -31.50
CA THR E 198 8.49 -1.16 -32.18
C THR E 198 10.02 -1.17 -32.29
N GLU E 199 10.65 -0.07 -31.92
CA GLU E 199 12.10 0.04 -31.92
C GLU E 199 12.65 0.29 -30.52
N ALA E 200 11.78 0.50 -29.53
CA ALA E 200 12.19 0.61 -28.15
C ALA E 200 11.81 -0.62 -27.34
N TYR E 201 11.32 -1.66 -28.00
CA TYR E 201 10.70 -2.79 -27.31
C TYR E 201 11.20 -4.12 -27.87
N TYR E 202 11.21 -5.11 -26.99
CA TYR E 202 11.34 -6.52 -27.34
C TYR E 202 10.19 -7.27 -26.68
N ILE E 203 9.93 -8.47 -27.20
CA ILE E 203 9.00 -9.40 -26.59
C ILE E 203 9.84 -10.49 -25.93
N MET E 204 9.83 -10.52 -24.60
CA MET E 204 10.60 -11.47 -23.82
C MET E 204 9.66 -12.57 -23.33
N SER E 205 9.95 -13.80 -23.69
CA SER E 205 9.20 -14.96 -23.25
C SER E 205 10.01 -15.68 -22.18
N VAL E 206 9.45 -15.77 -20.99
CA VAL E 206 9.98 -16.57 -19.88
C VAL E 206 8.94 -17.62 -19.57
N GLY E 207 9.23 -18.87 -19.89
CA GLY E 207 8.24 -19.91 -19.72
C GLY E 207 7.02 -19.62 -20.56
N THR E 208 5.85 -19.60 -19.91
CA THR E 208 4.60 -19.27 -20.58
C THR E 208 4.18 -17.82 -20.38
N LYS E 209 5.05 -16.99 -19.83
CA LYS E 209 4.76 -15.59 -19.63
C LYS E 209 5.52 -14.76 -20.67
N HIS E 210 4.85 -13.76 -21.23
CA HIS E 210 5.43 -12.93 -22.27
C HIS E 210 5.26 -11.46 -21.91
N PHE E 211 6.33 -10.70 -22.11
CA PHE E 211 6.36 -9.31 -21.67
C PHE E 211 6.90 -8.42 -22.78
N LEU E 212 6.24 -7.30 -23.00
CA LEU E 212 6.78 -6.20 -23.77
C LEU E 212 7.71 -5.41 -22.86
N VAL E 213 9.00 -5.37 -23.23
CA VAL E 213 10.05 -4.84 -22.38
C VAL E 213 10.88 -3.83 -23.18
N HIS E 214 11.53 -2.92 -22.47
CA HIS E 214 12.42 -1.97 -23.11
C HIS E 214 13.66 -2.67 -23.63
N ARG E 215 14.16 -2.19 -24.76
CA ARG E 215 15.35 -2.80 -25.36
C ARG E 215 16.58 -2.60 -24.47
N GLU E 216 16.73 -1.40 -23.90
CA GLU E 216 17.91 -1.12 -23.07
C GLU E 216 17.94 -2.02 -21.84
N TRP E 217 16.79 -2.22 -21.19
CA TRP E 217 16.75 -3.11 -20.03
C TRP E 217 17.09 -4.54 -20.44
N PHE E 218 16.55 -5.00 -21.57
CA PHE E 218 16.80 -6.36 -22.01
C PHE E 218 18.27 -6.58 -22.34
N ASN E 219 18.91 -5.59 -22.96
CA ASN E 219 20.31 -5.74 -23.32
C ASN E 219 21.24 -5.64 -22.13
N ASP E 220 20.80 -4.99 -21.04
CA ASP E 220 21.62 -4.83 -19.85
C ASP E 220 21.41 -5.94 -18.84
N LEU E 221 20.58 -6.94 -19.15
CA LEU E 221 20.28 -8.00 -18.21
C LEU E 221 21.54 -8.80 -17.87
N ALA E 222 21.74 -9.04 -16.57
CA ALA E 222 22.96 -9.67 -16.09
C ALA E 222 22.76 -11.18 -15.93
N LEU E 223 22.62 -11.84 -17.07
CA LEU E 223 22.49 -13.29 -17.13
C LEU E 223 23.36 -13.79 -18.28
N PRO E 224 23.73 -15.07 -18.27
CA PRO E 224 24.39 -15.64 -19.45
C PRO E 224 23.47 -15.59 -20.66
N TRP E 225 24.03 -15.15 -21.78
CA TRP E 225 23.23 -14.93 -22.98
C TRP E 225 23.92 -15.53 -24.20
N THR E 226 23.14 -15.67 -25.27
CA THR E 226 23.61 -16.28 -26.52
C THR E 226 22.91 -15.60 -27.68
N SER E 227 23.20 -16.07 -28.88
CA SER E 227 22.65 -15.56 -30.12
C SER E 227 21.50 -16.43 -30.61
N PRO E 228 20.60 -15.87 -31.44
CA PRO E 228 19.37 -16.57 -31.84
C PRO E 228 19.45 -18.07 -32.08
N ALA E 229 20.40 -18.54 -32.87
CA ALA E 229 20.55 -19.96 -33.12
C ALA E 229 21.78 -20.55 -32.45
N SER E 230 22.58 -19.73 -31.79
CA SER E 230 23.81 -20.22 -31.17
C SER E 230 23.50 -21.10 -29.97
N SER E 231 24.37 -22.08 -29.74
CA SER E 231 24.31 -22.92 -28.56
C SER E 231 25.46 -22.65 -27.60
N ASN E 232 26.28 -21.63 -27.87
CA ASN E 232 27.39 -21.25 -27.02
C ASN E 232 27.03 -20.00 -26.24
N TRP E 233 27.38 -19.99 -24.96
CA TRP E 233 26.91 -18.97 -24.03
C TRP E 233 28.06 -18.08 -23.57
N ARG E 234 27.74 -16.84 -23.28
CA ARG E 234 28.68 -15.85 -22.78
C ARG E 234 28.25 -15.36 -21.40
N ASN E 235 29.25 -15.01 -20.58
CA ASN E 235 29.03 -14.58 -19.20
C ASN E 235 28.40 -15.70 -18.36
N ARG E 236 28.86 -16.93 -18.58
CA ARG E 236 28.30 -18.08 -17.88
C ARG E 236 28.63 -18.06 -16.39
N GLU E 237 29.74 -17.43 -16.01
CA GLU E 237 30.16 -17.36 -14.62
C GLU E 237 29.13 -16.68 -13.73
N ILE E 238 28.11 -16.04 -14.31
CA ILE E 238 27.04 -15.45 -13.52
C ILE E 238 26.27 -16.54 -12.79
N LEU E 239 26.08 -17.69 -13.43
CA LEU E 239 25.25 -18.76 -12.88
C LEU E 239 26.05 -19.85 -12.18
N LEU E 240 27.35 -19.65 -11.99
CA LEU E 240 28.22 -20.66 -11.40
C LEU E 240 28.89 -20.10 -10.15
N GLU E 241 29.06 -20.96 -9.15
CA GLU E 241 29.80 -20.63 -7.95
C GLU E 241 30.92 -21.63 -7.78
N PHE E 242 32.16 -21.15 -7.81
CA PHE E 242 33.33 -21.97 -7.58
C PHE E 242 33.60 -22.00 -6.07
N GLU E 243 33.57 -23.20 -5.50
CA GLU E 243 33.65 -23.36 -4.06
C GLU E 243 35.09 -23.26 -3.60
N GLU E 244 35.35 -23.66 -2.36
CA GLU E 244 36.68 -23.51 -1.77
C GLU E 244 37.72 -24.27 -2.60
N PRO E 245 38.80 -23.61 -3.02
CA PRO E 245 39.83 -24.29 -3.79
C PRO E 245 40.44 -25.44 -3.00
N HIS E 246 40.71 -26.53 -3.70
CA HIS E 246 41.32 -27.71 -3.10
C HIS E 246 42.37 -28.24 -4.06
N ALA E 247 43.42 -28.82 -3.50
CA ALA E 247 44.60 -29.16 -4.29
C ALA E 247 44.30 -30.11 -5.44
N THR E 248 43.21 -30.86 -5.36
CA THR E 248 42.85 -31.77 -6.44
C THR E 248 41.38 -31.72 -6.86
N LYS E 249 40.47 -31.25 -6.00
CA LYS E 249 39.04 -31.23 -6.31
C LYS E 249 38.43 -29.94 -5.79
N GLN E 250 38.38 -28.92 -6.65
CA GLN E 250 37.52 -27.77 -6.41
C GLN E 250 36.14 -28.09 -6.94
N SER E 251 35.12 -27.80 -6.15
CA SER E 251 33.74 -28.10 -6.53
C SER E 251 33.08 -26.86 -7.09
N VAL E 252 32.28 -27.04 -8.13
CA VAL E 252 31.53 -25.97 -8.78
C VAL E 252 30.06 -26.30 -8.66
N VAL E 253 29.26 -25.33 -8.21
CA VAL E 253 27.83 -25.52 -8.05
C VAL E 253 27.09 -24.53 -8.93
N ALA E 254 26.11 -25.03 -9.67
CA ALA E 254 25.19 -24.14 -10.37
C ALA E 254 24.28 -23.45 -9.35
N LEU E 255 24.04 -22.17 -9.57
CA LEU E 255 23.07 -21.48 -8.74
C LEU E 255 21.66 -21.99 -9.03
N GLY E 256 20.72 -21.59 -8.20
CA GLY E 256 19.35 -21.98 -8.40
C GLY E 256 18.74 -21.29 -9.60
N SER E 257 17.53 -21.74 -9.95
CA SER E 257 16.80 -21.14 -11.04
C SER E 257 16.58 -19.66 -10.77
N GLN E 258 16.83 -18.84 -11.79
CA GLN E 258 16.66 -17.41 -11.69
C GLN E 258 15.33 -16.94 -12.24
N GLU E 259 14.38 -17.86 -12.44
CA GLU E 259 13.09 -17.49 -13.01
C GLU E 259 12.36 -16.50 -12.12
N GLY E 260 12.34 -16.74 -10.81
CA GLY E 260 11.71 -15.80 -9.91
C GLY E 260 12.43 -14.47 -9.86
N ALA E 261 13.76 -14.49 -9.88
CA ALA E 261 14.53 -13.25 -9.92
C ALA E 261 14.24 -12.49 -11.21
N LEU E 262 14.10 -13.20 -12.32
CA LEU E 262 13.74 -12.56 -13.59
C LEU E 262 12.34 -11.95 -13.52
N HIS E 263 11.40 -12.66 -12.90
CA HIS E 263 10.04 -12.11 -12.75
C HIS E 263 10.06 -10.86 -11.89
N GLN E 264 10.87 -10.86 -10.82
CA GLN E 264 11.02 -9.65 -10.02
C GLN E 264 11.63 -8.52 -10.84
N ALA E 265 12.62 -8.83 -11.68
CA ALA E 265 13.25 -7.81 -12.50
C ALA E 265 12.30 -7.27 -13.56
N LEU E 266 11.34 -8.07 -14.00
CA LEU E 266 10.37 -7.67 -15.01
C LEU E 266 9.31 -6.73 -14.48
N ALA E 267 9.39 -6.33 -13.22
CA ALA E 267 8.38 -5.46 -12.63
C ALA E 267 8.25 -4.15 -13.39
N GLY E 268 7.10 -3.94 -14.01
CA GLY E 268 6.84 -2.77 -14.83
C GLY E 268 6.67 -3.07 -16.31
N ALA E 269 7.19 -4.21 -16.77
CA ALA E 269 6.99 -4.61 -18.16
C ALA E 269 5.52 -4.92 -18.41
N VAL E 270 5.12 -4.86 -19.68
CA VAL E 270 3.71 -4.97 -20.04
C VAL E 270 3.42 -6.43 -20.39
N PRO E 271 2.59 -7.14 -19.63
CA PRO E 271 2.25 -8.52 -20.01
C PRO E 271 1.50 -8.55 -21.33
N VAL E 272 1.84 -9.53 -22.17
CA VAL E 272 1.22 -9.73 -23.46
C VAL E 272 0.95 -11.21 -23.65
N SER E 273 0.05 -11.54 -24.58
CA SER E 273 -0.27 -12.91 -24.91
C SER E 273 0.41 -13.28 -26.23
N PHE E 274 1.04 -14.44 -26.26
CA PHE E 274 1.86 -14.90 -27.39
C PHE E 274 1.55 -16.35 -27.70
N SER E 275 0.26 -16.67 -27.85
CA SER E 275 -0.12 -18.03 -28.22
C SER E 275 0.49 -18.42 -29.56
N SER E 276 0.26 -17.61 -30.59
CA SER E 276 1.03 -17.69 -31.84
C SER E 276 1.45 -16.34 -32.37
N SER E 277 0.76 -15.26 -32.01
CA SER E 277 1.14 -13.90 -32.37
C SER E 277 1.01 -13.02 -31.13
N VAL E 278 1.85 -11.99 -31.05
CA VAL E 278 1.78 -11.07 -29.93
C VAL E 278 0.49 -10.28 -30.00
N LYS E 279 -0.28 -10.29 -28.92
CA LYS E 279 -1.49 -9.49 -28.81
C LYS E 279 -1.43 -8.67 -27.53
N LEU E 280 -1.86 -7.42 -27.61
CA LEU E 280 -1.90 -6.58 -26.41
C LEU E 280 -2.92 -5.48 -26.62
N THR E 281 -3.38 -4.92 -25.50
CA THR E 281 -4.45 -3.91 -25.48
C THR E 281 -4.00 -2.70 -24.68
N SER E 282 -2.80 -2.21 -24.95
CA SER E 282 -2.19 -1.21 -24.08
C SER E 282 -1.49 -0.07 -24.78
N GLY E 283 -1.50 -0.01 -26.11
CA GLY E 283 -0.80 1.02 -26.84
C GLY E 283 -1.67 2.22 -27.15
N HIS E 284 -1.26 2.96 -28.18
CA HIS E 284 -2.05 4.07 -28.70
C HIS E 284 -1.92 4.09 -30.22
N LEU E 285 -2.92 4.69 -30.86
CA LEU E 285 -2.96 4.78 -32.32
C LEU E 285 -3.59 6.11 -32.70
N LYS E 286 -2.84 6.96 -33.37
CA LYS E 286 -3.40 8.21 -33.89
C LYS E 286 -4.12 7.93 -35.19
N CYS E 287 -5.36 8.39 -35.29
CA CYS E 287 -6.17 8.22 -36.49
C CYS E 287 -6.84 9.53 -36.83
N ARG E 288 -7.35 9.62 -38.04
CA ARG E 288 -8.22 10.71 -38.47
C ARG E 288 -9.53 10.11 -38.94
N VAL E 289 -10.62 10.49 -38.28
CA VAL E 289 -11.95 10.05 -38.63
C VAL E 289 -12.54 11.08 -39.58
N LYS E 290 -12.89 10.62 -40.78
CA LYS E 290 -13.53 11.42 -41.81
C LYS E 290 -14.99 11.01 -41.91
N MET E 291 -15.89 11.99 -41.83
CA MET E 291 -17.32 11.74 -41.72
C MET E 291 -18.12 12.64 -42.65
N GLU E 292 -17.50 13.09 -43.75
CA GLU E 292 -18.22 13.88 -44.73
C GLU E 292 -19.31 13.09 -45.41
N LYS E 293 -19.19 11.76 -45.46
CA LYS E 293 -20.17 10.89 -46.05
C LYS E 293 -21.12 10.27 -45.04
N LEU E 294 -21.09 10.76 -43.79
CA LEU E 294 -21.98 10.28 -42.75
C LEU E 294 -23.23 11.15 -42.72
N THR E 295 -24.40 10.51 -42.84
CA THR E 295 -25.66 11.22 -42.94
C THR E 295 -26.62 10.71 -41.88
N LEU E 296 -27.63 11.54 -41.58
CA LEU E 296 -28.68 11.14 -40.66
C LEU E 296 -29.62 10.16 -41.34
N LYS E 297 -30.19 9.26 -40.55
CA LYS E 297 -31.12 8.25 -41.04
C LYS E 297 -32.51 8.53 -40.48
N GLY E 298 -33.53 8.29 -41.30
CA GLY E 298 -34.89 8.50 -40.88
C GLY E 298 -35.23 9.96 -40.61
N THR E 299 -34.82 10.83 -41.52
CA THR E 299 -35.08 12.26 -41.38
C THR E 299 -36.55 12.62 -41.53
N THR E 300 -37.37 11.70 -42.06
CA THR E 300 -38.78 11.98 -42.31
C THR E 300 -39.68 10.92 -41.68
N TYR E 301 -39.30 10.40 -40.51
CA TYR E 301 -40.14 9.42 -39.83
C TYR E 301 -41.36 10.08 -39.20
N GLY E 302 -41.18 11.22 -38.56
CA GLY E 302 -42.29 11.75 -37.79
C GLY E 302 -42.29 11.23 -36.37
N MET E 303 -42.86 12.04 -35.47
CA MET E 303 -42.77 11.75 -34.05
C MET E 303 -43.70 10.61 -33.66
N CYS E 304 -43.27 9.82 -32.68
CA CYS E 304 -44.09 8.74 -32.15
C CYS E 304 -45.31 9.32 -31.42
N THR E 305 -46.44 8.63 -31.55
CA THR E 305 -47.71 9.16 -31.06
C THR E 305 -48.20 8.51 -29.78
N GLU E 306 -47.88 7.24 -29.54
CA GLU E 306 -48.37 6.54 -28.36
C GLU E 306 -47.54 6.92 -27.13
N LYS E 307 -47.77 6.22 -26.02
CA LYS E 307 -47.09 6.50 -24.76
C LYS E 307 -45.89 5.59 -24.60
N PHE E 308 -44.82 6.15 -24.05
CA PHE E 308 -43.62 5.39 -23.71
C PHE E 308 -43.64 5.02 -22.23
N SER E 309 -42.79 4.06 -21.88
CA SER E 309 -42.57 3.70 -20.50
C SER E 309 -41.08 3.45 -20.30
N PHE E 310 -40.61 3.70 -19.08
CA PHE E 310 -39.22 3.41 -18.72
C PHE E 310 -39.06 1.91 -18.55
N ALA E 311 -38.50 1.24 -19.56
CA ALA E 311 -38.23 -0.19 -19.44
C ALA E 311 -37.07 -0.44 -18.49
N LYS E 312 -35.99 0.34 -18.62
CA LYS E 312 -34.89 0.33 -17.68
C LYS E 312 -34.66 1.74 -17.18
N ASN E 313 -34.65 1.90 -15.86
CA ASN E 313 -34.64 3.20 -15.23
C ASN E 313 -33.35 3.95 -15.55
N PRO E 314 -33.39 5.28 -15.58
CA PRO E 314 -32.18 6.06 -15.87
C PRO E 314 -31.05 5.73 -14.90
N ALA E 315 -29.92 5.34 -15.48
CA ALA E 315 -28.73 5.01 -14.71
C ALA E 315 -27.59 5.94 -15.12
N ASP E 316 -26.73 6.25 -14.15
CA ASP E 316 -25.57 7.08 -14.40
C ASP E 316 -24.41 6.21 -14.90
N THR E 317 -23.72 6.70 -15.93
CA THR E 317 -22.61 5.98 -16.53
C THR E 317 -21.25 6.36 -15.94
N GLY E 318 -21.21 7.36 -15.07
CA GLY E 318 -19.96 7.80 -14.49
C GLY E 318 -19.21 8.85 -15.26
N HIS E 319 -19.72 9.28 -16.41
CA HIS E 319 -19.07 10.27 -17.25
C HIS E 319 -19.96 11.49 -17.45
N SER E 320 -20.71 11.86 -16.41
CA SER E 320 -21.67 12.95 -16.46
C SER E 320 -22.76 12.71 -17.50
N THR E 321 -23.07 11.44 -17.75
CA THR E 321 -24.08 11.07 -18.73
C THR E 321 -25.06 10.07 -18.11
N VAL E 322 -26.25 10.01 -18.71
CA VAL E 322 -27.35 9.20 -18.20
C VAL E 322 -27.88 8.34 -19.34
N VAL E 323 -28.05 7.06 -19.08
CA VAL E 323 -28.63 6.15 -20.04
C VAL E 323 -29.93 5.59 -19.44
N LEU E 324 -30.87 5.26 -20.32
CA LEU E 324 -32.15 4.70 -19.92
C LEU E 324 -32.67 3.89 -21.09
N GLU E 325 -33.71 3.08 -20.82
CA GLU E 325 -34.31 2.30 -21.89
C GLU E 325 -35.82 2.48 -21.86
N LEU E 326 -36.38 2.93 -22.97
CA LEU E 326 -37.80 3.14 -23.13
C LEU E 326 -38.45 1.95 -23.81
N GLN E 327 -39.74 1.76 -23.54
CA GLN E 327 -40.56 0.79 -24.24
C GLN E 327 -41.72 1.52 -24.91
N TYR E 328 -42.02 1.14 -26.14
CA TYR E 328 -43.06 1.80 -26.93
C TYR E 328 -44.28 0.92 -27.01
N THR E 329 -45.41 1.43 -26.54
CA THR E 329 -46.68 0.72 -26.68
C THR E 329 -47.24 0.79 -28.08
N GLY E 330 -46.79 1.75 -28.89
CA GLY E 330 -47.35 1.94 -30.20
C GLY E 330 -46.72 1.07 -31.26
N SER E 331 -47.48 0.81 -32.31
CA SER E 331 -47.02 0.07 -33.48
C SER E 331 -46.96 0.97 -34.71
N ASP E 332 -46.66 2.25 -34.50
CA ASP E 332 -46.72 3.23 -35.58
C ASP E 332 -45.72 2.90 -36.68
N GLY E 333 -44.58 2.34 -36.32
CA GLY E 333 -43.52 2.09 -37.26
C GLY E 333 -42.29 2.88 -36.84
N PRO E 334 -41.32 3.02 -37.75
CA PRO E 334 -40.17 3.88 -37.46
C PRO E 334 -40.60 5.31 -37.19
N CYS E 335 -40.45 5.76 -35.95
CA CYS E 335 -40.87 7.09 -35.57
C CYS E 335 -39.86 7.70 -34.61
N LYS E 336 -39.77 9.02 -34.62
CA LYS E 336 -38.86 9.72 -33.73
C LYS E 336 -39.42 9.73 -32.31
N ILE E 337 -38.53 9.59 -31.34
CA ILE E 337 -38.90 9.56 -29.93
C ILE E 337 -38.84 10.99 -29.40
N PRO E 338 -39.93 11.51 -28.81
CA PRO E 338 -39.96 12.89 -28.32
C PRO E 338 -39.41 13.04 -26.91
N ILE E 339 -38.12 12.79 -26.75
CA ILE E 339 -37.45 12.81 -25.45
C ILE E 339 -36.53 14.03 -25.40
N SER E 340 -36.51 14.69 -24.25
CA SER E 340 -35.67 15.86 -24.06
C SER E 340 -35.33 16.00 -22.58
N ILE E 341 -34.36 16.87 -22.31
CA ILE E 341 -33.98 17.25 -20.96
C ILE E 341 -34.40 18.69 -20.74
N VAL E 342 -35.18 18.93 -19.69
CA VAL E 342 -35.68 20.27 -19.38
C VAL E 342 -35.20 20.68 -18.00
N ALA E 343 -35.10 22.00 -17.79
CA ALA E 343 -34.70 22.51 -16.48
C ALA E 343 -35.81 22.34 -15.46
N SER E 344 -37.06 22.59 -15.87
CA SER E 344 -38.21 22.41 -15.01
C SER E 344 -39.38 21.97 -15.86
N LEU E 345 -40.35 21.31 -15.22
CA LEU E 345 -41.50 20.81 -15.97
C LEU E 345 -42.43 21.92 -16.45
N SER E 346 -42.26 23.13 -15.93
CA SER E 346 -42.70 24.34 -16.62
C SER E 346 -41.48 24.97 -17.28
N ASP E 347 -41.70 25.67 -18.39
CA ASP E 347 -40.62 26.10 -19.26
C ASP E 347 -39.85 24.88 -19.79
N LEU E 348 -40.55 24.15 -20.65
CA LEU E 348 -40.09 22.89 -21.22
C LEU E 348 -39.03 23.06 -22.31
N THR E 349 -38.38 24.21 -22.39
CA THR E 349 -37.34 24.41 -23.37
C THR E 349 -36.20 23.39 -23.14
N PRO E 350 -35.73 22.72 -24.19
CA PRO E 350 -34.72 21.68 -23.99
C PRO E 350 -33.37 22.25 -23.61
N ILE E 351 -32.62 21.47 -22.83
CA ILE E 351 -31.29 21.79 -22.38
C ILE E 351 -30.46 20.51 -22.38
N GLY E 352 -29.18 20.63 -22.02
CA GLY E 352 -28.32 19.47 -22.10
C GLY E 352 -28.03 19.11 -23.55
N ARG E 353 -27.83 17.82 -23.79
CA ARG E 353 -27.50 17.34 -25.12
C ARG E 353 -27.72 15.84 -25.20
N MET E 354 -28.49 15.40 -26.20
CA MET E 354 -28.60 13.98 -26.48
C MET E 354 -27.25 13.44 -26.93
N VAL E 355 -26.86 12.28 -26.41
CA VAL E 355 -25.72 11.57 -26.98
C VAL E 355 -26.20 10.60 -28.04
N THR E 356 -27.28 9.88 -27.78
CA THR E 356 -27.98 9.18 -28.86
C THR E 356 -28.74 10.22 -29.67
N ALA E 357 -28.10 10.75 -30.71
CA ALA E 357 -28.70 11.81 -31.50
C ALA E 357 -29.88 11.26 -32.29
N ASN E 358 -30.96 12.05 -32.34
CA ASN E 358 -32.19 11.69 -33.03
C ASN E 358 -32.68 10.29 -32.65
N PRO E 359 -32.96 10.04 -31.37
CA PRO E 359 -33.44 8.71 -30.98
C PRO E 359 -34.76 8.39 -31.66
N TYR E 360 -34.92 7.13 -32.01
CA TYR E 360 -36.09 6.72 -32.78
C TYR E 360 -36.39 5.25 -32.51
N VAL E 361 -37.60 4.86 -32.84
CA VAL E 361 -38.03 3.47 -32.75
C VAL E 361 -37.74 2.79 -34.09
N ALA E 362 -37.06 1.65 -34.04
CA ALA E 362 -36.58 1.04 -35.28
C ALA E 362 -37.69 0.32 -36.03
N SER E 363 -38.31 -0.68 -35.41
CA SER E 363 -39.26 -1.53 -36.09
C SER E 363 -40.69 -1.06 -35.82
N SER E 364 -41.64 -1.75 -36.46
CA SER E 364 -43.05 -1.39 -36.37
C SER E 364 -43.83 -2.20 -35.35
N GLU E 365 -43.32 -3.36 -34.92
CA GLU E 365 -44.04 -4.14 -33.93
C GLU E 365 -44.02 -3.43 -32.58
N ALA E 366 -44.97 -3.78 -31.73
CA ALA E 366 -45.17 -3.10 -30.45
C ALA E 366 -44.19 -3.61 -29.40
N ASN E 367 -44.17 -2.92 -28.27
CA ASN E 367 -43.29 -3.23 -27.14
C ASN E 367 -41.82 -3.18 -27.53
N ALA E 368 -41.48 -2.33 -28.50
CA ALA E 368 -40.10 -2.16 -28.92
C ALA E 368 -39.34 -1.36 -27.87
N LYS E 369 -38.13 -1.80 -27.58
CA LYS E 369 -37.29 -1.19 -26.56
C LYS E 369 -36.15 -0.42 -27.21
N VAL E 370 -35.97 0.83 -26.78
CA VAL E 370 -34.97 1.72 -27.34
C VAL E 370 -34.09 2.24 -26.22
N LEU E 371 -32.78 2.12 -26.39
CA LEU E 371 -31.81 2.65 -25.45
C LEU E 371 -31.52 4.11 -25.82
N VAL E 372 -31.72 5.02 -24.88
CA VAL E 372 -31.47 6.44 -25.10
C VAL E 372 -30.45 6.90 -24.07
N GLU E 373 -29.42 7.59 -24.53
CA GLU E 373 -28.33 8.03 -23.68
C GLU E 373 -28.02 9.49 -23.97
N MET E 374 -28.00 10.32 -22.92
CA MET E 374 -27.89 11.75 -23.10
C MET E 374 -27.07 12.35 -21.95
N GLU E 375 -26.64 13.59 -22.13
CA GLU E 375 -25.84 14.29 -21.12
C GLU E 375 -26.61 15.47 -20.56
N PRO E 376 -27.13 15.38 -19.34
CA PRO E 376 -27.85 16.51 -18.75
C PRO E 376 -26.89 17.54 -18.21
N PRO E 377 -27.36 18.72 -17.85
CA PRO E 377 -26.49 19.71 -17.20
C PRO E 377 -26.37 19.45 -15.70
N PHE E 378 -25.46 20.19 -15.08
CA PHE E 378 -25.24 20.07 -13.65
C PHE E 378 -26.46 20.58 -12.89
N GLY E 379 -26.82 19.88 -11.81
CA GLY E 379 -27.95 20.28 -11.02
C GLY E 379 -29.19 19.47 -11.32
N ASP E 380 -30.36 20.09 -11.22
CA ASP E 380 -31.62 19.39 -11.39
C ASP E 380 -32.11 19.47 -12.82
N SER E 381 -32.76 18.40 -13.27
CA SER E 381 -33.31 18.36 -14.62
C SER E 381 -34.38 17.28 -14.68
N TYR E 382 -35.14 17.31 -15.76
CA TYR E 382 -36.19 16.32 -15.99
C TYR E 382 -36.01 15.71 -17.36
N ILE E 383 -36.06 14.38 -17.41
CA ILE E 383 -36.11 13.63 -18.66
C ILE E 383 -37.59 13.50 -19.01
N VAL E 384 -38.02 14.20 -20.05
CA VAL E 384 -39.41 14.25 -20.46
C VAL E 384 -39.55 13.55 -21.80
N VAL E 385 -40.43 12.56 -21.88
CA VAL E 385 -40.76 11.96 -23.16
C VAL E 385 -42.28 11.85 -23.27
N GLY E 386 -42.81 12.32 -24.40
CA GLY E 386 -44.24 12.44 -24.61
C GLY E 386 -44.73 13.86 -24.35
N ARG E 387 -45.99 14.07 -24.68
CA ARG E 387 -46.66 15.34 -24.40
C ARG E 387 -48.09 15.05 -23.96
N GLY E 388 -48.66 16.00 -23.23
CA GLY E 388 -50.04 15.87 -22.82
C GLY E 388 -50.21 14.79 -21.78
N ASP E 389 -51.21 13.92 -22.00
CA ASP E 389 -51.55 12.88 -21.04
C ASP E 389 -50.64 11.67 -21.12
N LYS E 390 -49.91 11.51 -22.23
CA LYS E 390 -48.97 10.40 -22.37
C LYS E 390 -47.57 10.78 -21.91
N GLN E 391 -47.36 12.04 -21.52
CA GLN E 391 -46.05 12.48 -21.10
C GLN E 391 -45.62 11.74 -19.83
N ILE E 392 -44.39 11.24 -19.83
CA ILE E 392 -43.78 10.69 -18.63
C ILE E 392 -42.49 11.45 -18.35
N ASN E 393 -42.24 11.70 -17.08
CA ASN E 393 -41.14 12.52 -16.62
C ASN E 393 -40.28 11.72 -15.66
N HIS E 394 -39.00 12.06 -15.61
CA HIS E 394 -38.10 11.48 -14.64
C HIS E 394 -37.23 12.59 -14.07
N HIS E 395 -37.19 12.69 -12.74
CA HIS E 395 -36.34 13.68 -12.10
C HIS E 395 -34.91 13.16 -12.00
N TRP E 396 -33.95 13.99 -12.39
CA TRP E 396 -32.55 13.61 -12.36
C TRP E 396 -31.72 14.73 -11.76
N HIS E 397 -30.66 14.34 -11.06
CA HIS E 397 -29.74 15.28 -10.44
C HIS E 397 -28.32 14.91 -10.80
N LYS E 398 -27.56 15.88 -11.30
CA LYS E 398 -26.14 15.72 -11.58
C LYS E 398 -25.34 16.47 -10.52
N ALA E 399 -24.43 15.76 -9.86
CA ALA E 399 -23.89 16.20 -8.57
C ALA E 399 -22.85 17.31 -8.70
N GLY E 400 -22.01 17.27 -9.72
CA GLY E 400 -20.86 18.16 -9.77
C GLY E 400 -21.13 19.61 -10.07
N SER E 401 -20.15 20.29 -10.66
CA SER E 401 -20.28 21.67 -11.05
C SER E 401 -19.38 21.95 -12.25
N SER E 402 -19.64 23.07 -12.92
CA SER E 402 -18.91 23.41 -14.13
C SER E 402 -17.41 23.64 -13.85
N ILE E 403 -17.09 24.34 -12.77
CA ILE E 403 -15.69 24.64 -12.47
C ILE E 403 -14.97 23.36 -12.04
N GLY E 404 -15.63 22.52 -11.25
CA GLY E 404 -15.02 21.24 -10.89
C GLY E 404 -14.78 20.36 -12.10
N LYS E 405 -15.72 20.37 -13.04
CA LYS E 405 -15.53 19.62 -14.28
C LYS E 405 -14.37 20.19 -15.09
N ALA E 406 -14.22 21.52 -15.10
CA ALA E 406 -13.09 22.12 -15.80
C ALA E 406 -11.77 21.70 -15.17
N PHE E 407 -11.71 21.66 -13.84
CA PHE E 407 -10.49 21.22 -13.17
C PHE E 407 -10.20 19.75 -13.47
N ILE E 408 -11.24 18.92 -13.47
CA ILE E 408 -11.06 17.50 -13.78
C ILE E 408 -10.56 17.32 -15.19
N THR E 409 -11.13 18.07 -16.14
CA THR E 409 -10.66 18.01 -17.52
C THR E 409 -9.22 18.48 -17.63
N THR E 410 -8.84 19.49 -16.85
CA THR E 410 -7.47 19.98 -16.88
C THR E 410 -6.50 18.91 -16.39
N ILE E 411 -6.82 18.23 -15.29
CA ILE E 411 -5.90 17.21 -14.79
C ILE E 411 -5.89 15.99 -15.73
N LYS E 412 -7.03 15.67 -16.34
CA LYS E 412 -7.05 14.59 -17.32
C LYS E 412 -6.19 14.92 -18.53
N GLY E 413 -6.24 16.16 -19.00
CA GLY E 413 -5.38 16.56 -20.09
C GLY E 413 -3.91 16.56 -19.71
N ALA E 414 -3.61 16.96 -18.47
CA ALA E 414 -2.23 16.91 -18.00
C ALA E 414 -1.70 15.47 -17.98
N GLN E 415 -2.50 14.53 -17.49
CA GLN E 415 -2.04 13.15 -17.46
C GLN E 415 -2.04 12.53 -18.86
N ARG E 416 -2.88 13.03 -19.77
CA ARG E 416 -2.78 12.61 -21.16
C ARG E 416 -1.50 13.11 -21.80
N LEU E 417 -1.08 14.33 -21.49
CA LEU E 417 0.23 14.80 -21.91
C LEU E 417 1.33 13.93 -21.33
N ALA E 418 1.20 13.56 -20.06
CA ALA E 418 2.20 12.73 -19.41
C ALA E 418 2.28 11.35 -20.04
N ALA E 419 1.16 10.82 -20.54
CA ALA E 419 1.15 9.50 -21.14
C ALA E 419 1.57 9.53 -22.61
N LEU E 420 0.83 10.26 -23.44
CA LEU E 420 1.04 10.21 -24.88
C LEU E 420 2.15 11.14 -25.36
N GLY E 421 2.60 12.06 -24.52
CA GLY E 421 3.64 12.98 -24.93
C GLY E 421 3.18 13.96 -25.99
N ASP E 422 3.71 13.82 -27.19
CA ASP E 422 3.40 14.74 -28.28
C ASP E 422 2.07 14.39 -28.97
N PRO E 423 1.78 13.12 -29.26
CA PRO E 423 0.46 12.79 -29.80
C PRO E 423 -0.73 13.35 -29.02
N ALA E 424 -0.50 13.87 -27.81
CA ALA E 424 -1.60 14.44 -27.03
C ALA E 424 -2.18 15.68 -27.71
N TRP E 425 -1.35 16.45 -28.42
CA TRP E 425 -1.88 17.59 -29.16
C TRP E 425 -2.66 17.15 -30.38
N ASP E 426 -2.36 15.98 -30.92
CA ASP E 426 -3.13 15.42 -32.02
C ASP E 426 -4.50 14.93 -31.58
N PHE E 427 -4.77 14.89 -30.28
CA PHE E 427 -6.00 14.33 -29.75
C PHE E 427 -7.13 15.34 -29.86
N GLY E 428 -8.17 14.98 -30.61
CA GLY E 428 -9.35 15.82 -30.73
C GLY E 428 -9.10 17.17 -31.36
N SER E 429 -8.14 17.28 -32.26
CA SER E 429 -7.79 18.53 -32.88
C SER E 429 -8.43 18.64 -34.26
N VAL E 430 -8.39 19.85 -34.81
CA VAL E 430 -8.84 20.10 -36.17
C VAL E 430 -7.76 20.91 -36.89
N GLY E 431 -6.53 20.80 -36.41
CA GLY E 431 -5.44 21.58 -36.96
C GLY E 431 -5.38 22.97 -36.35
N GLY E 432 -4.65 23.84 -37.03
CA GLY E 432 -4.50 25.20 -36.57
C GLY E 432 -3.09 25.55 -36.15
N ILE E 433 -2.77 26.85 -36.21
CA ILE E 433 -1.43 27.31 -35.84
C ILE E 433 -1.16 27.11 -34.36
N PHE E 434 -2.20 26.98 -33.54
CA PHE E 434 -1.99 26.80 -32.11
C PHE E 434 -1.48 25.40 -31.79
N ASN E 435 -2.19 24.37 -32.26
CA ASN E 435 -1.85 23.00 -31.91
C ASN E 435 -0.47 22.58 -32.41
N SER E 436 -0.11 22.93 -33.64
CA SER E 436 1.19 22.57 -34.19
C SER E 436 2.35 23.25 -33.49
N VAL E 437 2.23 24.53 -33.19
CA VAL E 437 3.27 25.22 -32.44
C VAL E 437 3.38 24.67 -31.02
N GLY E 438 2.24 24.47 -30.36
CA GLY E 438 2.26 23.86 -29.05
C GLY E 438 2.84 22.46 -29.07
N LYS E 439 2.48 21.68 -30.09
CA LYS E 439 3.06 20.34 -30.24
C LYS E 439 4.57 20.42 -30.39
N ALA E 440 5.07 21.34 -31.22
CA ALA E 440 6.51 21.43 -31.45
C ALA E 440 7.27 21.87 -30.20
N VAL E 441 6.74 22.86 -29.48
CA VAL E 441 7.42 23.27 -28.26
C VAL E 441 7.35 22.15 -27.22
N HIS E 442 6.26 21.38 -27.22
CA HIS E 442 6.22 20.20 -26.36
C HIS E 442 7.28 19.19 -26.76
N GLN E 443 7.52 19.04 -28.08
CA GLN E 443 8.55 18.11 -28.53
C GLN E 443 9.93 18.54 -28.02
N VAL E 444 10.27 19.82 -28.17
CA VAL E 444 11.61 20.24 -27.76
C VAL E 444 11.76 20.18 -26.24
N PHE E 445 10.73 20.59 -25.49
CA PHE E 445 10.81 20.49 -24.05
C PHE E 445 10.82 19.03 -23.59
N GLY E 446 10.11 18.14 -24.29
CA GLY E 446 10.14 16.74 -23.94
C GLY E 446 11.49 16.12 -24.18
N GLY E 447 12.16 16.50 -25.27
CA GLY E 447 13.52 16.04 -25.48
C GLY E 447 14.46 16.54 -24.39
N ALA E 448 14.37 17.84 -24.07
CA ALA E 448 15.22 18.40 -23.02
C ALA E 448 14.87 17.86 -21.64
N PHE E 449 13.69 17.30 -21.46
CA PHE E 449 13.29 16.72 -20.19
C PHE E 449 13.64 15.24 -20.09
N ARG E 450 13.53 14.50 -21.19
CA ARG E 450 13.88 13.08 -21.18
C ARG E 450 15.38 12.87 -21.17
N THR E 451 16.15 13.77 -21.78
CA THR E 451 17.60 13.62 -21.70
C THR E 451 18.17 14.06 -20.36
N LEU E 452 17.38 14.74 -19.52
CA LEU E 452 17.88 15.26 -18.26
C LEU E 452 17.28 14.57 -17.04
N PHE E 453 16.06 14.04 -17.13
CA PHE E 453 15.41 13.39 -16.01
C PHE E 453 14.77 12.05 -16.40
N GLY E 454 15.06 11.53 -17.59
CA GLY E 454 14.58 10.22 -17.94
C GLY E 454 15.28 9.13 -17.14
N GLY E 455 14.68 7.96 -17.14
CA GLY E 455 15.23 6.84 -16.40
C GLY E 455 15.16 6.99 -14.89
N MET E 456 14.19 7.74 -14.39
CA MET E 456 14.01 7.97 -12.96
C MET E 456 12.68 7.36 -12.52
N SER E 457 12.67 6.76 -11.34
CA SER E 457 11.44 6.23 -10.76
C SER E 457 10.66 7.36 -10.11
N TRP E 458 9.49 7.02 -9.57
CA TRP E 458 8.62 8.05 -9.00
C TRP E 458 9.23 8.67 -7.75
N ILE E 459 9.94 7.87 -6.94
CA ILE E 459 10.53 8.40 -5.71
C ILE E 459 11.65 9.37 -6.02
N THR E 460 12.54 9.00 -6.94
CA THR E 460 13.66 9.88 -7.27
C THR E 460 13.18 11.18 -7.88
N GLN E 461 12.19 11.12 -8.78
CA GLN E 461 11.71 12.34 -9.40
C GLN E 461 10.88 13.17 -8.42
N GLY E 462 10.20 12.54 -7.46
CA GLY E 462 9.54 13.30 -6.42
C GLY E 462 10.51 14.05 -5.53
N LEU E 463 11.59 13.38 -5.12
CA LEU E 463 12.61 14.07 -4.32
C LEU E 463 13.31 15.15 -5.12
N MET E 464 13.55 14.90 -6.41
CA MET E 464 14.15 15.92 -7.26
C MET E 464 13.22 17.12 -7.41
N GLY E 465 11.91 16.88 -7.53
CA GLY E 465 10.97 17.98 -7.57
C GLY E 465 10.94 18.77 -6.28
N ALA E 466 11.02 18.08 -5.13
CA ALA E 466 11.08 18.78 -3.86
C ALA E 466 12.32 19.67 -3.79
N LEU E 467 13.47 19.13 -4.18
CA LEU E 467 14.69 19.93 -4.18
C LEU E 467 14.58 21.12 -5.12
N LEU E 468 14.02 20.90 -6.31
CA LEU E 468 13.89 21.98 -7.28
C LEU E 468 12.96 23.07 -6.78
N LEU E 469 11.84 22.71 -6.16
CA LEU E 469 10.96 23.71 -5.58
C LEU E 469 11.68 24.51 -4.50
N TRP E 470 12.39 23.81 -3.61
CA TRP E 470 13.13 24.51 -2.55
C TRP E 470 14.11 25.51 -3.13
N MET E 471 14.95 25.05 -4.06
CA MET E 471 15.96 25.93 -4.63
C MET E 471 15.34 27.09 -5.41
N GLY E 472 14.30 26.82 -6.19
CA GLY E 472 13.67 27.88 -6.95
C GLY E 472 13.03 28.94 -6.07
N VAL E 473 12.39 28.50 -4.99
CA VAL E 473 11.85 29.46 -4.03
C VAL E 473 12.99 30.29 -3.42
N ASN E 474 14.14 29.65 -3.18
CA ASN E 474 15.28 30.37 -2.65
C ASN E 474 16.21 30.92 -3.73
N ALA E 475 15.87 30.76 -5.01
CA ALA E 475 16.76 31.16 -6.08
C ALA E 475 16.77 32.69 -6.23
N ARG E 476 17.50 33.15 -7.25
CA ARG E 476 17.55 34.54 -7.63
C ARG E 476 17.24 34.66 -9.12
N ASP E 477 17.25 35.90 -9.61
CA ASP E 477 17.19 36.24 -11.03
C ASP E 477 15.82 36.01 -11.65
N ARG E 478 14.91 35.38 -10.91
CA ARG E 478 13.51 35.24 -11.30
C ARG E 478 13.35 34.50 -12.62
N SER E 479 14.44 34.04 -13.22
CA SER E 479 14.44 33.35 -14.50
C SER E 479 14.93 31.92 -14.39
N ILE E 480 16.01 31.70 -13.63
CA ILE E 480 16.36 30.35 -13.23
C ILE E 480 15.30 29.81 -12.27
N ALA E 481 14.76 30.70 -11.42
CA ALA E 481 13.76 30.28 -10.44
C ALA E 481 12.51 29.75 -11.12
N LEU E 482 12.07 30.41 -12.20
CA LEU E 482 10.90 29.91 -12.92
C LEU E 482 11.15 28.54 -13.53
N VAL E 483 12.34 28.34 -14.09
CA VAL E 483 12.68 27.04 -14.68
C VAL E 483 12.66 25.96 -13.62
N MET E 484 13.27 26.23 -12.46
CA MET E 484 13.31 25.23 -11.41
C MET E 484 11.92 24.96 -10.86
N LEU E 485 11.10 26.00 -10.70
CA LEU E 485 9.73 25.79 -10.25
C LEU E 485 8.94 24.91 -11.21
N ALA E 486 9.07 25.19 -12.52
CA ALA E 486 8.36 24.40 -13.51
C ALA E 486 8.81 22.95 -13.49
N THR E 487 10.12 22.72 -13.49
CA THR E 487 10.63 21.35 -13.48
C THR E 487 10.24 20.61 -12.22
N GLY E 488 10.31 21.27 -11.06
CA GLY E 488 9.90 20.63 -9.83
C GLY E 488 8.42 20.28 -9.83
N GLY E 489 7.57 21.20 -10.31
CA GLY E 489 6.15 20.90 -10.39
C GLY E 489 5.85 19.74 -11.31
N VAL E 490 6.49 19.71 -12.48
CA VAL E 490 6.26 18.62 -13.42
C VAL E 490 6.73 17.30 -12.84
N LEU E 491 7.89 17.31 -12.15
CA LEU E 491 8.41 16.09 -11.57
C LEU E 491 7.51 15.56 -10.47
N LEU E 492 6.98 16.44 -9.61
CA LEU E 492 6.06 15.99 -8.58
C LEU E 492 4.75 15.49 -9.19
N PHE E 493 4.26 16.15 -10.24
CA PHE E 493 3.06 15.68 -10.89
C PHE E 493 3.27 14.29 -11.47
N LEU E 494 4.42 14.06 -12.11
CA LEU E 494 4.73 12.74 -12.65
C LEU E 494 4.83 11.71 -11.54
N ALA E 495 5.45 12.08 -10.41
CA ALA E 495 5.59 11.16 -9.30
C ALA E 495 4.24 10.75 -8.75
N THR E 496 3.32 11.71 -8.62
CA THR E 496 2.00 11.38 -8.09
C THR E 496 1.07 10.78 -9.13
N SER E 497 1.41 10.86 -10.42
CA SER E 497 0.52 10.39 -11.47
C SER E 497 0.49 8.86 -11.56
N VAL E 498 1.37 8.17 -10.85
CA VAL E 498 1.41 6.71 -10.90
C VAL E 498 0.79 6.15 -9.64
N HIS E 499 -0.01 6.95 -8.95
CA HIS E 499 -0.69 6.51 -7.73
C HIS E 499 -2.13 7.02 -7.69
N SER F 1 23.09 -8.60 -9.07
CA SER F 1 22.15 -9.60 -9.55
C SER F 1 21.05 -8.95 -10.39
N ILE F 2 20.19 -9.77 -10.99
CA ILE F 2 19.19 -9.23 -11.90
C ILE F 2 18.02 -8.61 -11.14
N ALA F 3 17.81 -9.01 -9.89
CA ALA F 3 16.68 -8.49 -9.13
C ALA F 3 16.79 -6.98 -8.92
N VAL F 4 18.01 -6.45 -8.81
CA VAL F 4 18.18 -5.01 -8.70
C VAL F 4 17.96 -4.32 -10.04
N GLN F 5 17.98 -5.06 -11.14
CA GLN F 5 17.72 -4.51 -12.46
C GLN F 5 16.22 -4.54 -12.78
N THR F 6 15.46 -3.78 -12.00
CA THR F 6 14.03 -3.70 -12.22
C THR F 6 13.75 -3.00 -13.55
N HIS F 7 12.79 -3.55 -14.30
CA HIS F 7 12.44 -2.95 -15.59
C HIS F 7 11.97 -1.52 -15.41
N GLY F 8 11.15 -1.26 -14.40
CA GLY F 8 10.65 0.06 -14.16
C GLY F 8 9.40 0.36 -14.95
N GLU F 9 8.98 1.62 -14.86
CA GLU F 9 7.77 2.06 -15.55
C GLU F 9 7.89 1.86 -17.04
N SER F 10 6.86 1.25 -17.64
CA SER F 10 6.88 1.02 -19.07
C SER F 10 6.66 2.33 -19.82
N MET F 11 6.98 2.30 -21.11
CA MET F 11 6.95 3.50 -21.94
C MET F 11 5.63 3.66 -22.68
N LEU F 12 4.81 2.60 -22.76
CA LEU F 12 3.52 2.69 -23.42
C LEU F 12 2.57 3.61 -22.66
N ALA F 13 1.39 3.80 -23.25
CA ALA F 13 0.32 4.52 -22.55
C ALA F 13 -0.17 3.72 -21.35
N ASN F 14 -0.68 2.51 -21.59
CA ASN F 14 -0.94 1.52 -20.56
C ASN F 14 -1.91 2.06 -19.48
N LYS F 15 -3.15 2.21 -19.88
CA LYS F 15 -4.21 2.45 -18.90
C LYS F 15 -4.61 1.14 -18.24
N LYS F 16 -3.62 0.40 -17.74
CA LYS F 16 -3.82 -0.86 -17.04
C LYS F 16 -2.71 -1.00 -16.02
N ASP F 17 -2.69 -2.13 -15.34
CA ASP F 17 -1.63 -2.42 -14.39
C ASP F 17 -0.50 -3.18 -15.06
N ALA F 18 0.73 -2.84 -14.69
CA ALA F 18 1.92 -3.49 -15.22
C ALA F 18 2.12 -4.83 -14.51
N TRP F 19 3.31 -5.42 -14.68
CA TRP F 19 3.53 -6.79 -14.26
C TRP F 19 3.36 -6.96 -12.75
N LEU F 20 4.06 -6.15 -11.97
CA LEU F 20 4.02 -6.27 -10.51
C LEU F 20 3.69 -4.94 -9.88
N ASP F 21 2.64 -4.29 -10.38
CA ASP F 21 2.28 -2.95 -9.92
C ASP F 21 1.82 -2.93 -8.47
N SER F 22 1.51 -4.08 -7.88
CA SER F 22 1.19 -4.12 -6.46
C SER F 22 2.39 -3.80 -5.58
N THR F 23 3.60 -3.96 -6.11
CA THR F 23 4.82 -3.67 -5.39
C THR F 23 5.43 -2.33 -5.79
N LYS F 24 4.68 -1.50 -6.51
CA LYS F 24 5.22 -0.24 -7.00
C LYS F 24 5.68 0.67 -5.86
N ALA F 25 5.12 0.52 -4.67
CA ALA F 25 5.62 1.19 -3.49
C ALA F 25 6.47 0.28 -2.60
N SER F 26 6.23 -1.03 -2.63
CA SER F 26 7.09 -1.96 -1.93
C SER F 26 8.52 -1.88 -2.47
N ARG F 27 8.66 -1.79 -3.78
CA ARG F 27 9.97 -1.55 -4.37
C ARG F 27 10.49 -0.20 -3.90
N TYR F 28 11.82 -0.06 -3.97
CA TYR F 28 12.52 1.22 -3.80
C TYR F 28 12.51 1.69 -2.35
N LEU F 29 11.76 1.01 -1.48
CA LEU F 29 11.61 1.49 -0.11
C LEU F 29 11.87 0.40 0.92
N MET F 30 11.57 -0.85 0.57
CA MET F 30 11.58 -1.92 1.57
C MET F 30 12.97 -2.14 2.14
N LYS F 31 13.98 -2.17 1.27
CA LYS F 31 15.35 -2.32 1.73
C LYS F 31 15.75 -1.19 2.66
N THR F 32 15.42 0.05 2.27
CA THR F 32 15.76 1.21 3.08
C THR F 32 15.10 1.15 4.45
N GLU F 33 13.79 0.86 4.48
CA GLU F 33 13.09 0.87 5.74
C GLU F 33 13.57 -0.24 6.66
N ASN F 34 13.77 -1.46 6.14
CA ASN F 34 14.29 -2.52 6.98
C ASN F 34 15.68 -2.19 7.50
N TRP F 35 16.53 -1.62 6.65
CA TRP F 35 17.87 -1.26 7.10
C TRP F 35 17.82 -0.22 8.21
N ILE F 36 16.93 0.76 8.10
CA ILE F 36 16.86 1.81 9.10
C ILE F 36 16.31 1.28 10.41
N ILE F 37 15.27 0.43 10.36
CA ILE F 37 14.74 -0.13 11.59
C ILE F 37 15.75 -1.04 12.26
N ARG F 38 16.55 -1.76 11.50
CA ARG F 38 17.57 -2.60 12.11
C ARG F 38 18.92 -1.92 12.28
N ASN F 39 19.03 -0.65 11.91
CA ASN F 39 20.22 0.15 12.20
C ASN F 39 19.79 1.52 12.72
N PRO F 40 19.12 1.57 13.87
CA PRO F 40 18.65 2.87 14.38
C PRO F 40 19.77 3.82 14.70
N GLY F 41 20.93 3.31 15.12
CA GLY F 41 22.03 4.17 15.50
C GLY F 41 22.65 4.94 14.35
N TYR F 42 22.50 4.46 13.12
CA TYR F 42 23.03 5.21 12.00
C TYR F 42 22.28 6.52 11.79
N ALA F 43 21.00 6.56 12.15
CA ALA F 43 20.22 7.78 11.96
C ALA F 43 20.80 8.94 12.75
N PHE F 44 21.25 8.66 13.98
CA PHE F 44 21.82 9.72 14.81
C PHE F 44 23.07 10.31 14.18
N VAL F 45 23.99 9.46 13.74
CA VAL F 45 25.24 9.96 13.17
C VAL F 45 24.97 10.67 11.85
N ALA F 46 24.05 10.15 11.05
CA ALA F 46 23.71 10.83 9.80
C ALA F 46 23.12 12.20 10.06
N VAL F 47 22.23 12.32 11.06
CA VAL F 47 21.62 13.60 11.37
C VAL F 47 22.68 14.59 11.84
N LEU F 48 23.59 14.14 12.71
CA LEU F 48 24.57 15.08 13.25
C LEU F 48 25.59 15.49 12.20
N LEU F 49 26.00 14.56 11.32
CA LEU F 49 26.87 14.95 10.20
C LEU F 49 26.17 15.91 9.25
N GLY F 50 24.88 15.67 8.97
CA GLY F 50 24.14 16.60 8.13
C GLY F 50 24.06 17.99 8.76
N TRP F 51 23.88 18.04 10.08
CA TRP F 51 23.90 19.32 10.77
C TRP F 51 25.26 19.99 10.65
N MET F 52 26.34 19.24 10.84
CA MET F 52 27.67 19.84 10.84
C MET F 52 28.11 20.28 9.45
N LEU F 53 27.71 19.56 8.40
CA LEU F 53 28.11 19.92 7.05
C LEU F 53 27.35 21.15 6.54
N GLY F 54 26.05 21.24 6.82
CA GLY F 54 25.23 22.27 6.22
C GLY F 54 25.45 23.63 6.84
N SER F 55 25.74 24.62 6.00
CA SER F 55 25.88 25.99 6.47
C SER F 55 24.56 26.51 7.03
N ASN F 56 23.46 26.24 6.34
CA ASN F 56 22.14 26.69 6.74
C ASN F 56 21.21 25.49 6.89
N ASN F 57 20.08 25.73 7.56
CA ASN F 57 19.13 24.65 7.82
C ASN F 57 18.59 24.05 6.52
N GLY F 58 18.46 24.86 5.47
CA GLY F 58 18.06 24.32 4.19
C GLY F 58 19.07 23.32 3.64
N GLN F 59 20.35 23.61 3.82
CA GLN F 59 21.40 22.67 3.43
C GLN F 59 21.49 21.50 4.40
N ARG F 60 21.27 21.76 5.70
CA ARG F 60 21.37 20.71 6.69
C ARG F 60 20.30 19.64 6.47
N VAL F 61 19.08 20.05 6.17
CA VAL F 61 18.01 19.08 5.92
C VAL F 61 18.32 18.23 4.69
N VAL F 62 18.82 18.86 3.63
CA VAL F 62 19.13 18.11 2.41
C VAL F 62 20.25 17.12 2.67
N PHE F 63 21.29 17.55 3.40
CA PHE F 63 22.36 16.63 3.78
C PHE F 63 21.81 15.46 4.58
N VAL F 64 20.95 15.74 5.55
CA VAL F 64 20.42 14.67 6.40
C VAL F 64 19.63 13.66 5.57
N VAL F 65 18.78 14.14 4.68
CA VAL F 65 17.99 13.24 3.84
C VAL F 65 18.89 12.41 2.94
N LEU F 66 19.89 13.05 2.33
CA LEU F 66 20.78 12.32 1.43
C LEU F 66 21.59 11.26 2.17
N LEU F 67 22.10 11.57 3.36
CA LEU F 67 22.79 10.57 4.16
C LEU F 67 21.86 9.43 4.58
N LEU F 68 20.64 9.74 5.01
CA LEU F 68 19.69 8.67 5.35
C LEU F 68 19.30 7.83 4.15
N LEU F 69 19.46 8.35 2.93
CA LEU F 69 19.12 7.52 1.77
C LEU F 69 20.29 6.68 1.25
N VAL F 70 21.50 7.24 1.21
CA VAL F 70 22.59 6.57 0.51
C VAL F 70 23.02 5.31 1.25
N ALA F 71 23.22 5.40 2.57
CA ALA F 71 23.76 4.26 3.31
C ALA F 71 22.87 3.03 3.25
N PRO F 72 21.56 3.11 3.49
CA PRO F 72 20.73 1.91 3.32
C PRO F 72 20.77 1.35 1.91
N ALA F 73 20.95 2.20 0.90
CA ALA F 73 20.92 1.74 -0.48
C ALA F 73 22.14 0.88 -0.79
N TYR F 74 23.33 1.34 -0.43
CA TYR F 74 24.57 0.67 -0.81
C TYR F 74 25.08 -0.28 0.26
N SER F 75 24.35 -0.46 1.35
CA SER F 75 24.74 -1.41 2.39
C SER F 75 24.26 -2.81 2.06
C1 0SM G . -39.26 34.08 7.19
C3 0SM G . -35.86 34.47 8.53
C4 0SM G . -39.35 31.40 3.46
C5 0SM G . -38.38 31.87 2.41
C6 0SM G . -36.53 33.36 1.77
C7 0SM G . -37.68 33.70 3.87
C8 0SM G . -36.23 31.78 3.58
C11 0SM G . -37.75 37.46 7.49
C12 0SM G . -37.04 38.12 6.33
C13 0SM G . -36.48 39.45 6.68
C14 0SM G . -37.03 40.03 7.98
C15 0SM G . -36.17 41.10 8.61
C16 0SM G . -35.55 42.06 7.63
C17 0SM G . -34.13 42.46 7.97
C18 0SM G . -33.99 43.88 8.47
C19 0SM G . -32.60 44.25 8.93
C20 0SM G . -32.52 45.52 9.75
C21 0SM G . -31.71 46.62 9.12
C22 0SM G . -31.47 47.82 10.03
C23 0SM G . -30.69 48.93 9.40
C24 0SM G . -31.40 50.27 9.40
C25 0SM G . -30.54 51.45 9.04
C26 0SM G . -30.02 51.45 7.61
C27 0SM G . -29.94 52.80 6.94
C28 0SM G . -28.76 53.63 7.37
N 0SM G . -37.21 32.68 2.90
O2 0SM G . -36.23 35.54 6.45
O11 0SM G . -37.66 37.89 8.64
O1P 0SM G . -39.64 30.42 6.82
O2P 0SM G . -40.84 32.43 5.68
O3P 0SM G . -38.68 32.79 6.87
NBQ 0SM G . -38.49 36.38 7.21
O4P 0SM G . -38.69 31.48 4.75
CBV 0SM G . -38.21 35.03 7.71
P 0SM G . -39.56 31.72 6.07
CBU 0SM G . -36.78 34.60 7.35
H11C 0SM G . -39.96 33.97 7.85
H12C 0SM G . -39.67 34.46 6.37
HBV 0SM G . -38.28 35.05 8.71
H31C 0SM G . -35.75 35.34 8.95
H32C 0SM G . -35.00 34.13 8.23
H33C 0SM G . -36.25 33.85 9.17
HBU 0SM G . -36.83 33.72 6.89
H41C 0SM G . -39.64 30.48 3.27
H42C 0SM G . -40.15 31.99 3.45
H51C 0SM G . -38.87 32.41 1.75
H52C 0SM G . -38.04 31.08 1.95
H61C 0SM G . -37.18 33.53 1.08
H62C 0SM G . -35.82 32.80 1.44
H63C 0SM G . -36.17 34.20 2.09
H71C 0SM G . -37.07 34.45 3.87
H72C 0SM G . -37.72 33.31 4.76
H73C 0SM G . -38.56 34.00 3.62
H81C 0SM G . -35.33 32.05 3.33
H82C 0SM G . -36.39 30.87 3.32
H83C 0SM G . -36.33 31.88 4.55
H121 0SM G . -36.32 37.53 6.03
H122 0SM G . -37.68 38.22 5.59
HBQ 0SM G . -39.17 36.46 6.68
H131 0SM G . -35.51 39.38 6.76
H132 0SM G . -36.68 40.08 5.95
H141 0SM G . -37.92 40.40 7.80
H142 0SM G . -37.15 39.30 8.63
H151 0SM G . -36.72 41.62 9.24
H152 0SM G . -35.47 40.67 9.12
H161 0SM G . -35.56 41.64 6.74
H162 0SM G . -36.10 42.87 7.58
H171 0SM G . -33.57 42.35 7.17
H172 0SM G . -33.78 41.84 8.65
H181 0SM G . -34.61 44.00 9.21
H182 0SM G . -34.25 44.49 7.75
H191 0SM G . -32.24 43.51 9.48
H192 0SM G . -32.01 44.34 8.15
H201 0SM G . -33.44 45.86 9.89
H202 0SM G . -32.15 45.32 10.62
H211 0SM G . -30.83 46.26 8.85
H212 0SM G . -32.16 46.93 8.31
H221 0SM G . -30.99 47.51 10.83
H222 0SM G . -32.34 48.15 10.32
H231 0SM G . -29.84 49.04 9.89
H232 0SM G . -30.48 48.70 8.48
H241 0SM G . -31.78 50.43 10.29
H242 0SM G . -32.15 50.22 8.77
H251 0SM G . -31.06 52.27 9.18
H252 0SM G . -29.77 51.48 9.65
H261 0SM G . -30.59 50.86 7.08
H262 0SM G . -29.12 51.05 7.62
H271 0SM G . -29.89 52.65 5.97
H272 0SM G . -30.77 53.29 7.13
H281 0SM G . -28.85 54.53 7.02
H282 0SM G . -28.72 53.67 8.34
H283 0SM G . -27.94 53.23 7.04
H2 0SM G . -36.14 36.29 6.84
C48 PC7 H . -22.11 44.91 13.13
C47 PC7 H . -22.91 43.70 12.73
C46 PC7 H . -22.93 42.60 13.77
C45 PC7 H . -23.16 41.22 13.22
C44 PC7 H . -23.90 40.28 14.13
C43 PC7 H . -24.29 38.97 13.48
C42 PC7 H . -24.89 37.97 14.43
C41 PC7 H . -25.65 36.85 13.75
C40 PC7 H . -25.69 35.57 14.53
C39 PC7 H . -26.53 34.49 13.92
C38 PC7 H . -27.81 34.21 14.66
C37 PC7 H . -28.92 33.66 13.79
C36 PC7 H . -28.49 32.52 12.91
C35 PC7 H . -29.55 32.07 11.92
C34 PC7 H . -28.99 31.47 10.66
C33 PC7 H . -29.14 29.96 10.59
C32 PC7 H . -28.61 29.40 9.31
C31 PC7 H . -27.84 28.13 9.48
O31 PC7 H . -27.64 27.61 10.54
O2 PC7 H . -27.38 27.61 8.33
C2 PC7 H . -26.35 26.59 8.40
C1 PC7 H . -26.94 25.35 9.02
O3P PC7 H . -26.55 24.18 8.26
P PC7 H . -26.52 24.26 6.65
O1P PC7 H . -25.18 23.79 6.18
O2P PC7 H . -27.02 25.62 6.25
O4P PC7 H . -27.62 23.16 6.23
C4 PC7 H . -27.69 21.89 6.94
C5 PC7 H . -29.12 21.41 7.01
N PC7 H . -29.55 20.40 5.96
C7 PC7 H . -29.17 19.02 6.39
C8 PC7 H . -31.02 20.46 5.78
C6 PC7 H . -28.89 20.70 4.66
C3 PC7 H . -25.17 27.13 9.18
O3 PC7 H . -24.82 28.43 8.63
C11 PC7 H . -23.96 28.42 7.62
O11 PC7 H . -23.62 27.41 7.06
C12 PC7 H . -23.48 29.81 7.28
C13 PC7 H . -22.63 30.43 8.34
C14 PC7 H . -21.66 31.47 7.80
C15 PC7 H . -21.37 32.60 8.76
C16 PC7 H . -20.28 33.54 8.32
C17 PC7 H . -20.71 34.61 7.36
C18 PC7 H . -19.62 35.58 6.94
C19 PC7 H . -20.07 37.01 6.81
C20 PC7 H . -19.05 37.95 6.22
C21 PC7 H . -19.29 39.40 6.55
C22 PC7 H . -18.64 40.38 5.60
C23 PC7 H . -18.45 41.77 6.17
C24 PC7 H . -18.32 42.86 5.12
C25 PC7 H . -17.99 44.23 5.68
C26 PC7 H . -16.58 44.69 5.40
H481 PC7 H . -21.16 44.71 13.08
H482 PC7 H . -22.32 45.64 12.52
H483 PC7 H . -22.35 45.18 14.04
H471 PC7 H . -22.52 43.33 11.91
H472 PC7 H . -23.83 43.97 12.54
H461 PC7 H . -23.64 42.81 14.42
H462 PC7 H . -22.08 42.62 14.26
H451 PC7 H . -22.29 40.82 13.00
H452 PC7 H . -23.66 41.29 12.37
H441 PC7 H . -23.35 40.09 14.91
H442 PC7 H . -24.72 40.73 14.44
H431 PC7 H . -23.48 38.57 13.08
H432 PC7 H . -24.93 39.15 12.76
H421 PC7 H . -24.18 37.58 14.98
H422 PC7 H . -25.51 38.44 15.03
H411 PC7 H . -26.57 37.15 13.58
H412 PC7 H . -25.23 36.68 12.88
H401 PC7 H . -26.03 35.77 15.43
H402 PC7 H . -24.77 35.23 14.63
H391 PC7 H . -26.02 33.67 13.87
H392 PC7 H . -26.76 34.76 12.99
H381 PC7 H . -27.63 33.58 15.38
H382 PC7 H . -28.13 35.05 15.07
H371 PC7 H . -29.27 34.38 13.23
H372 PC7 H . -29.65 33.36 14.37
H361 PC7 H . -27.69 32.80 12.40
H362 PC7 H . -28.25 31.76 13.47
H351 PC7 H . -30.11 32.84 11.69
H352 PC7 H . -30.13 31.41 12.37
H341 PC7 H . -28.05 31.69 10.60
H342 PC7 H . -29.46 31.86 9.90
H331 PC7 H . -28.66 29.55 11.34
H332 PC7 H . -30.09 29.72 10.68
H321 PC7 H . -28.02 30.07 8.88
H322 PC7 H . -29.35 29.24 8.69
H2 PC7 H . -26.05 26.38 7.48
H11 PC7 H . -26.64 25.26 9.94
H12 PC7 H . -27.92 25.42 9.01
H41 PC7 H . -27.33 21.99 7.85
H42 PC7 H . -27.13 21.22 6.46
H51 PC7 H . -29.71 22.18 6.95
H52 PC7 H . -29.26 21.00 7.89
H71 PC7 H . -29.47 18.88 7.29
H72 PC7 H . -28.21 18.93 6.34
H73 PC7 H . -29.59 18.38 5.80
H81 PC7 H . -31.44 19.91 6.47
H82 PC7 H . -31.25 20.12 4.90
H83 PC7 H . -31.31 21.38 5.88
H61 PC7 H . -29.51 21.18 4.09
H62 PC7 H . -28.63 19.87 4.24
H63 PC7 H . -28.10 21.25 4.82
H31 PC7 H . -25.40 27.23 10.12
H32 PC7 H . -24.40 26.53 9.10
H121 PC7 H . -22.97 29.77 6.45
H122 PC7 H . -24.27 30.38 7.12
H131 PC7 H . -22.13 29.73 8.80
H132 PC7 H . -23.22 30.87 9.00
H141 PC7 H . -20.82 31.02 7.59
H142 PC7 H . -22.02 31.83 6.97
H151 PC7 H . -21.13 32.22 9.63
H152 PC7 H . -22.19 33.12 8.88
H161 PC7 H . -19.90 33.97 9.11
H162 PC7 H . -19.56 33.01 7.90
H171 PC7 H . -21.44 35.12 7.76
H172 PC7 H . -21.06 34.18 6.54
H181 PC7 H . -18.90 35.53 7.61
H182 PC7 H . -19.25 35.29 6.08
H191 PC7 H . -20.87 37.03 6.24
H192 PC7 H . -20.33 37.34 7.70
H201 PC7 H . -18.16 37.70 6.57
H202 PC7 H . -19.03 37.84 5.25
H211 PC7 H . -20.27 39.56 6.55
H212 PC7 H . -18.96 39.59 7.45
H221 PC7 H . -19.19 40.44 4.78
H222 PC7 H . -17.77 40.03 5.33
H231 PC7 H . -17.65 41.76 6.72
H232 PC7 H . -19.22 41.97 6.74
H241 PC7 H . -17.61 42.59 4.49
H242 PC7 H . -19.15 42.92 4.62
H251 PC7 H . -18.62 44.88 5.29
H252 PC7 H . -18.14 44.22 6.64
H261 PC7 H . -15.94 44.02 5.71
H262 PC7 H . -16.46 44.83 4.44
H263 PC7 H . -16.41 45.53 5.86
C1 NAG I . -17.26 -23.82 15.31
C2 NAG I . -17.94 -25.18 15.37
C3 NAG I . -18.68 -25.46 14.07
C4 NAG I . -19.63 -24.32 13.75
C5 NAG I . -18.88 -23.00 13.74
C6 NAG I . -19.78 -21.80 13.55
C7 NAG I . -16.91 -26.92 16.77
C8 NAG I . -17.94 -26.56 17.80
N2 NAG I . -16.96 -26.22 15.63
O3 NAG I . -19.40 -26.68 14.19
O4 NAG I . -20.22 -24.52 12.46
O5 NAG I . -18.24 -22.81 15.01
O6 NAG I . -19.04 -20.59 13.54
O7 NAG I . -16.08 -27.79 16.97
C1 NAG J . -64.87 7.83 7.27
C2 NAG J . -64.42 6.87 8.37
C3 NAG J . -64.93 5.46 8.10
C4 NAG J . -66.44 5.47 7.86
C5 NAG J . -66.78 6.47 6.76
C6 NAG J . -68.28 6.62 6.54
C7 NAG J . -62.35 7.26 9.62
C8 NAG J . -60.85 7.20 9.60
N2 NAG J . -62.97 6.87 8.51
O3 NAG J . -64.63 4.62 9.21
O4 NAG J . -66.87 4.17 7.45
O5 NAG J . -66.30 7.77 7.13
O6 NAG J . -69.02 5.77 7.41
O7 NAG J . -62.97 7.65 10.62
C1 NAG K . -5.40 -27.67 -3.02
C2 NAG K . -5.66 -29.03 -3.69
C3 NAG K . -5.46 -30.18 -2.69
C4 NAG K . -4.08 -30.07 -2.05
C5 NAG K . -3.89 -28.69 -1.44
C6 NAG K . -2.49 -28.47 -0.89
C7 NAG K . -8.20 -29.03 -3.87
C8 NAG K . -8.35 -28.82 -2.38
N2 NAG K . -6.95 -29.13 -4.38
O3 NAG K . -5.60 -31.42 -3.37
O4 NAG K . -3.92 -31.06 -1.05
O5 NAG K . -4.10 -27.67 -2.43
O6 NAG K . -2.24 -27.09 -0.63
O7 NAG K . -9.18 -29.14 -4.60
C1 NAG L . 49.38 -43.66 9.16
C2 NAG L . 48.47 -43.64 7.93
C3 NAG L . 47.75 -44.98 7.82
C4 NAG L . 48.75 -46.13 7.82
C5 NAG L . 49.65 -46.04 9.05
C6 NAG L . 50.74 -47.07 9.06
C7 NAG L . 46.93 -42.05 6.91
C8 NAG L . 45.98 -40.90 7.16
N2 NAG L . 47.53 -42.55 7.99
O3 NAG L . 46.98 -45.01 6.61
O4 NAG L . 48.06 -47.38 7.83
O5 NAG L . 50.29 -44.76 9.09
O6 NAG L . 50.82 -47.76 7.82
O7 NAG L . 47.14 -42.48 5.78
C1 0SM M . 50.59 -7.46 17.00
C3 0SM M . 52.27 -4.29 18.34
C4 0SM M . 49.11 -8.30 19.94
C5 0SM M . 47.75 -8.15 20.57
C6 0SM M . 47.35 -6.34 22.18
C7 0SM M . 48.05 -5.78 19.94
C8 0SM M . 45.82 -6.63 20.33
C11 0SM M . 48.84 -4.45 16.90
C12 0SM M . 48.21 -3.57 15.84
C13 0SM M . 47.29 -2.54 16.41
C14 0SM M . 47.10 -1.33 15.51
C15 0SM M . 48.08 -0.22 15.77
C16 0SM M . 49.19 -0.12 14.76
C17 0SM M . 49.92 1.20 14.74
C18 0SM M . 49.08 2.37 14.30
C19 0SM M . 49.82 3.69 14.25
C20 0SM M . 49.02 4.82 13.62
C21 0SM M . 49.37 6.21 14.11
C22 0SM M . 50.66 6.76 13.54
C23 0SM M . 51.03 8.13 14.06
C24 0SM M . 51.00 9.22 13.02
C25 0SM M . 51.47 10.57 13.53
C26 0SM M . 51.38 11.69 12.52
C27 0SM M . 52.32 12.84 12.75
C28 0SM M . 52.13 13.56 14.06
N 0SM M . 47.24 -6.73 20.75
O2 0SM M . 52.50 -5.13 16.13
O11 0SM M . 48.45 -4.45 18.06
O1P 0SM M . 50.11 -10.23 16.86
O2P 0SM M . 47.58 -9.85 17.31
O3P 0SM M . 49.24 -7.95 17.24
NBQ 0SM M . 49.86 -5.21 16.50
O4P 0SM M . 49.20 -9.54 19.17
CBV 0SM M . 50.67 -6.01 17.41
P 0SM M . 49.02 -9.49 17.59
CBU 0SM M . 52.11 -5.48 17.45
H11C 0SM M . 50.82 -7.55 16.04
H12C 0SM M . 51.23 -7.99 17.52
HBV 0SM M . 50.30 -5.93 18.32
H31C 0SM M . 52.72 -4.57 19.17
H32C 0SM M . 51.40 -3.92 18.56
H33C 0SM M . 52.81 -3.61 17.89
HBU 0SM M . 52.71 -6.21 17.77
H41C 0SM M . 49.79 -8.29 20.64
H42C 0SM M . 49.28 -7.53 19.34
H51C 0SM M . 47.76 -8.57 21.44
H52C 0SM M . 47.09 -8.62 20.02
H61C 0SM M . 47.88 -7.01 22.65
H62C 0SM M . 46.46 -6.31 22.57
H63C 0SM M . 47.77 -5.47 22.25
H71C 0SM M . 48.76 -6.28 19.49
H72C 0SM M . 48.44 -5.12 20.52
H73C 0SM M . 47.48 -5.35 19.28
H81C 0SM M . 45.45 -7.52 20.28
H82C 0SM M . 45.79 -6.21 19.46
H83C 0SM M . 45.32 -6.10 20.97
H121 0SM M . 48.91 -3.12 15.33
H122 0SM M . 47.70 -4.13 15.22
HBQ 0SM M . 50.06 -5.23 15.65
H131 0SM M . 46.42 -2.95 16.57
H132 0SM M . 47.64 -2.24 17.28
H141 0SM M . 47.19 -1.61 14.58
H142 0SM M . 46.20 -0.99 15.64
H151 0SM M . 47.59 0.63 15.79
H152 0SM M . 48.47 -0.34 16.66
H161 0SM M . 49.84 -0.83 14.93
H162 0SM M . 48.81 -0.28 13.87
H171 0SM M . 50.70 1.12 14.15
H172 0SM M . 50.26 1.39 15.65
H181 0SM M . 48.32 2.47 14.92
H182 0SM M . 48.71 2.18 13.41
H191 0SM M . 50.07 3.95 15.17
H192 0SM M . 50.64 3.57 13.73
H201 0SM M . 48.07 4.66 13.80
H202 0SM M . 49.15 4.79 12.66
H211 0SM M . 48.64 6.81 13.87
H212 0SM M . 49.43 6.20 15.09
H221 0SM M . 50.58 6.81 12.56
H222 0SM M . 51.39 6.13 13.75
H231 0SM M . 50.42 8.38 14.79
H232 0SM M . 51.94 8.08 14.44
H241 0SM M . 50.09 9.32 12.69
H242 0SM M . 51.58 8.96 12.27
H251 0SM M . 52.40 10.48 13.84
H252 0SM M . 50.92 10.81 14.32
H261 0SM M . 50.46 12.02 12.50
H262 0SM M . 51.56 11.32 11.63
H271 0SM M . 52.20 13.48 12.02
H272 0SM M . 53.24 12.52 12.70
H281 0SM M . 52.62 13.10 14.76
H282 0SM M . 52.47 14.47 13.99
H283 0SM M . 51.19 13.59 14.29
H2 0SM M . 52.99 -5.73 15.80
C48 PC7 N . 46.32 14.46 14.13
C47 PC7 N . 45.60 13.46 13.27
C46 PC7 N . 45.32 12.15 13.94
C45 PC7 N . 44.89 11.04 13.00
C44 PC7 N . 44.12 9.93 13.65
C43 PC7 N . 44.42 8.56 13.07
C42 PC7 N . 43.43 7.48 13.49
C41 PC7 N . 44.03 6.10 13.61
C40 PC7 N . 43.10 4.97 13.25
C39 PC7 N . 43.11 4.60 11.79
C38 PC7 N . 44.13 3.55 11.40
C37 PC7 N . 43.57 2.17 11.19
C36 PC7 N . 43.08 1.49 12.46
C35 PC7 N . 42.43 0.15 12.24
C34 PC7 N . 42.64 -0.83 13.36
C33 PC7 N . 41.70 -2.02 13.32
C32 PC7 N . 40.44 -1.81 14.10
C31 PC7 N . 39.49 -2.96 13.99
O31 PC7 N . 39.80 -4.12 14.03
O2 PC7 N . 38.21 -2.57 13.82
C2 PC7 N . 37.33 -2.65 14.98
C1 PC7 N . 36.55 -3.94 14.87
O3P PC7 N . 36.38 -4.53 16.19
P PC7 N . 35.10 -4.17 17.08
O1P PC7 N . 35.60 -3.96 18.48
O2P PC7 N . 34.24 -3.13 16.44
O4P PC7 N . 34.25 -5.55 17.12
C4 PC7 N . 33.72 -6.11 15.90
C5 PC7 N . 34.80 -6.89 15.20
N PC7 N . 34.46 -8.26 14.66
C7 PC7 N . 35.52 -8.69 13.72
C8 PC7 N . 34.38 -9.26 15.77
C6 PC7 N . 33.17 -8.25 13.92
C3 PC7 N . 36.48 -1.39 15.00
O3 PC7 N . 36.38 -0.94 16.37
C11 PC7 N . 37.12 0.10 16.71
O11 PC7 N . 38.32 0.06 16.74
C12 PC7 N . 36.28 1.29 17.06
C13 PC7 N . 36.82 2.60 16.54
C14 PC7 N . 37.39 3.48 17.65
C15 PC7 N . 38.13 4.70 17.16
C16 PC7 N . 38.81 5.50 18.25
C17 PC7 N . 38.50 6.97 18.26
C18 PC7 N . 39.01 7.71 19.47
C19 PC7 N . 39.16 9.21 19.29
C20 PC7 N . 39.28 9.99 20.58
C21 PC7 N . 39.62 11.45 20.40
C22 PC7 N . 39.22 12.35 21.55
C23 PC7 N . 40.10 12.21 22.77
C24 PC7 N . 39.57 12.93 23.99
C25 PC7 N . 40.60 13.76 24.72
C26 PC7 N . 41.08 14.98 23.97
H481 PC7 N . 45.92 14.47 15.02
H482 PC7 N . 47.27 14.20 14.21
H483 PC7 N . 46.26 15.34 13.74
H471 PC7 N . 44.75 13.86 12.97
H472 PC7 N . 46.15 13.29 12.46
H461 PC7 N . 44.61 12.28 14.61
H462 PC7 N . 46.13 11.85 14.42
H451 PC7 N . 45.70 10.67 12.58
H452 PC7 N . 44.34 11.43 12.29
H441 PC7 N . 44.34 9.91 14.61
H442 PC7 N . 43.17 10.11 13.57
H431 PC7 N . 45.32 8.28 13.35
H432 PC7 N . 44.41 8.62 12.10
H421 PC7 N . 43.04 7.73 14.35
H422 PC7 N . 42.71 7.45 12.82
H411 PC7 N . 44.82 6.05 13.03
H412 PC7 N . 44.34 5.98 14.54
H401 PC7 N . 42.18 5.22 13.51
H402 PC7 N . 43.35 4.18 13.78
H391 PC7 N . 43.27 5.42 11.26
H392 PC7 N . 42.21 4.27 11.56
H381 PC7 N . 44.56 3.84 10.57
H382 PC7 N . 44.82 3.51 12.09
H371 PC7 N . 44.27 1.61 10.79
H372 PC7 N . 42.82 2.21 10.56
H361 PC7 N . 43.84 1.38 13.06
H362 PC7 N . 42.43 2.08 12.90
H351 PC7 N . 42.80 -0.25 11.41
H352 PC7 N . 41.47 0.28 12.10
H341 PC7 N . 42.51 -0.36 14.22
H342 PC7 N . 43.56 -1.15 13.35
H331 PC7 N . 41.48 -2.21 12.39
H332 PC7 N . 42.18 -2.80 13.68
H321 PC7 N . 40.00 -0.99 13.78
H322 PC7 N . 40.67 -1.67 15.04
H2 PC7 N . 37.88 -2.68 15.81
H11 PC7 N . 35.68 -3.77 14.46
H12 PC7 N . 37.04 -4.57 14.30
H41 PC7 N . 33.40 -5.38 15.32
H42 PC7 N . 32.96 -6.69 16.12
H51 PC7 N . 35.55 -6.99 15.81
H52 PC7 N . 35.12 -6.36 14.44
H71 PC7 N . 35.43 -8.20 12.89
H72 PC7 N . 35.45 -9.64 13.55
H73 PC7 N . 36.40 -8.49 14.11
H81 PC7 N . 35.27 -9.44 16.11
H82 PC7 N . 33.98 -10.08 15.44
H83 PC7 N . 33.82 -8.90 16.48
H61 PC7 N . 32.43 -8.36 14.55
H62 PC7 N . 33.15 -8.98 13.28
H63 PC7 N . 33.07 -7.41 13.46
H31 PC7 N . 36.91 -0.69 14.46
H32 PC7 N . 35.59 -1.56 14.64
H121 PC7 N . 35.38 1.16 16.70
H122 PC7 N . 36.20 1.34 18.04
H131 PC7 N . 36.10 3.08 16.09
H132 PC7 N . 37.52 2.42 15.88
H141 PC7 N . 36.65 3.77 18.23
H142 PC7 N . 38.00 2.94 18.19
H151 PC7 N . 37.50 5.28 16.69
H152 PC7 N . 38.80 4.41 16.51
H161 PC7 N . 38.56 5.12 19.12
H162 PC7 N . 39.78 5.39 18.15
H171 PC7 N . 37.52 7.09 18.21
H172 PC7 N . 38.89 7.39 17.46
H181 PC7 N . 38.40 7.55 20.23
H182 PC7 N . 39.88 7.33 19.73
H191 PC7 N . 39.96 9.37 18.75
H192 PC7 N . 38.39 9.54 18.78
H201 PC7 N . 38.43 9.91 21.07
H202 PC7 N . 39.98 9.58 21.13
H211 PC7 N . 40.58 11.53 20.26
H212 PC7 N . 39.18 11.78 19.58
H221 PC7 N . 38.30 12.15 21.80
H222 PC7 N . 39.25 13.28 21.24
H231 PC7 N . 40.99 12.57 22.56
H232 PC7 N . 40.20 11.27 22.99
H241 PC7 N . 38.83 13.52 23.73
H242 PC7 N . 39.22 12.26 24.61
H251 PC7 N . 40.21 14.05 25.58
H252 PC7 N . 41.37 13.19 24.94
H261 PC7 N . 41.10 15.74 24.57
H262 PC7 N . 41.96 14.82 23.62
H263 PC7 N . 40.47 15.17 23.24
C1 NAG O . 28.93 -30.89 -21.83
C2 NAG O . 28.50 -32.32 -22.14
C3 NAG O . 27.86 -32.40 -23.53
C4 NAG O . 26.74 -31.38 -23.66
C5 NAG O . 27.27 -29.99 -23.33
C6 NAG O . 26.21 -28.92 -23.35
C7 NAG O . 29.97 -33.84 -20.90
C8 NAG O . 31.16 -34.75 -20.98
N2 NAG O . 29.62 -33.23 -22.03
O3 NAG O . 27.36 -33.72 -23.73
O4 NAG O . 26.23 -31.39 -24.98
O5 NAG O . 27.82 -30.00 -22.01
O6 NAG O . 25.10 -29.28 -22.55
O7 NAG O . 29.37 -33.66 -19.85
C1 NAG P . -26.08 -11.52 -30.28
C2 NAG P . -25.44 -12.54 -29.34
C3 NAG P . -25.53 -13.95 -29.94
C4 NAG P . -26.96 -14.27 -30.33
C5 NAG P . -27.53 -13.17 -31.22
C6 NAG P . -28.99 -13.37 -31.54
C7 NAG P . -23.57 -12.08 -27.83
C8 NAG P . -22.11 -11.72 -27.72
N2 NAG P . -24.05 -12.20 -29.06
O3 NAG P . -25.07 -14.89 -28.98
O4 NAG P . -26.99 -15.50 -31.05
O5 NAG P . -27.42 -11.91 -30.56
O6 NAG P . -29.36 -14.73 -31.39
O7 NAG P . -24.26 -12.25 -26.83
C1 0SM Q . -7.18 19.28 -21.90
C3 0SM Q . -8.36 21.90 -21.16
C4 0SM Q . -6.25 18.58 -25.71
C5 0SM Q . -4.81 18.62 -26.15
C6 0SM Q . -3.26 20.42 -26.81
C7 0SM Q . -4.88 20.83 -25.06
C8 0SM Q . -3.00 19.36 -24.65
C11 0SM Q . -4.49 20.39 -20.16
C12 0SM Q . -3.18 21.13 -20.06
C13 0SM Q . -2.64 21.18 -18.65
C14 0SM Q . -1.19 21.59 -18.57
C15 0SM Q . -0.91 22.76 -17.65
C16 0SM Q . 0.06 23.79 -18.20
C17 0SM Q . -0.58 25.08 -18.66
C18 0SM Q . 0.39 26.24 -18.81
C19 0SM Q . -0.13 27.36 -19.69
C20 0SM Q . 0.68 28.63 -19.63
C21 0SM Q . 0.11 29.79 -20.43
C22 0SM Q . -0.72 30.77 -19.64
C23 0SM Q . 0.06 31.93 -19.04
C24 0SM Q . 0.06 33.20 -19.88
C25 0SM Q . 0.86 34.34 -19.28
C26 0SM Q . 1.97 34.88 -20.15
C27 0SM Q . 1.53 35.86 -21.22
C28 0SM Q . 1.62 37.31 -20.81
N 0SM Q . -3.99 19.80 -25.67
O2 0SM Q . -6.14 22.73 -20.87
O11 0SM Q . -5.10 20.01 -19.16
O1P 0SM Q . -6.55 16.58 -22.66
O2P 0SM Q . -8.79 16.92 -23.91
O3P 0SM Q . -7.35 18.90 -23.29
NBQ 0SM Q . -4.97 20.19 -21.39
O4P 0SM Q . -6.57 17.32 -25.06
CBV 0SM Q . -6.33 20.54 -21.80
P 0SM Q . -7.36 17.34 -23.66
CBU 0SM Q . -6.93 21.56 -20.83
H11C 0SM Q . -6.74 18.56 -21.40
H12C 0SM Q . -8.05 19.45 -21.49
HBV 0SM Q . -6.29 20.94 -22.70
H31C 0SM Q . -8.80 21.12 -21.52
H32C 0SM Q . -8.37 22.62 -21.81
H33C 0SM Q . -8.81 22.19 -20.35
HBU 0SM Q . -6.90 21.18 -19.91
H41C 0SM Q . -6.83 18.71 -26.50
H42C 0SM Q . -6.42 19.33 -25.09
H51C 0SM Q . -4.78 18.61 -27.12
H52C 0SM Q . -4.37 17.81 -25.83
H61C 0SM Q . -3.70 21.23 -27.07
H62C 0SM Q . -3.27 19.79 -27.56
H63C 0SM Q . -2.35 20.59 -26.54
H71C 0SM Q . -5.78 20.70 -25.39
H72C 0SM Q . -4.56 21.71 -25.31
H73C 0SM Q . -4.86 20.73 -24.10
H81C 0SM Q . -3.44 18.78 -24.02
H82C 0SM Q . -2.64 20.14 -24.20
H83C 0SM Q . -2.28 18.88 -25.09
H121 0SM Q . -2.52 20.69 -20.63
H122 0SM Q . -3.29 22.05 -20.38
HBQ 0SM Q . -4.44 19.83 -21.99
H131 0SM Q . -3.18 21.80 -18.13
H132 0SM Q . -2.74 20.29 -18.25
H141 0SM Q . -0.66 20.83 -18.27
H142 0SM Q . -0.87 21.82 -19.48
H151 0SM Q . -1.77 23.21 -17.46
H152 0SM Q . -0.57 22.41 -16.81
H161 0SM Q . 0.72 24.00 -17.50
H162 0SM Q . 0.54 23.39 -18.96
H171 0SM Q . -1.27 25.33 -18.02
H172 0SM Q . -1.00 24.92 -19.52
H181 0SM Q . 1.23 25.91 -19.18
H182 0SM Q . 0.57 26.61 -17.91
H191 0SM Q . -0.15 27.04 -20.61
H192 0SM Q . -1.05 27.56 -19.43
H201 0SM Q . 0.77 28.92 -18.69
H202 0SM Q . 1.59 28.45 -19.96
H211 0SM Q . 0.85 30.26 -20.86
H212 0SM Q . -0.45 29.41 -21.14
H221 0SM Q . -1.17 30.30 -18.91
H222 0SM Q . -1.41 31.14 -20.22
H231 0SM Q . -0.32 32.13 -18.17
H232 0SM Q . 0.98 31.64 -18.90
H241 0SM Q . -0.87 33.49 -20.00
H242 0SM Q . 0.42 32.98 -20.77
H251 0SM Q . 1.25 34.04 -18.43
H252 0SM Q . 0.24 35.07 -19.07
H261 0SM Q . 2.43 34.14 -20.58
H262 0SM Q . 2.62 35.34 -19.58
H271 0SM Q . 0.60 35.65 -21.48
H272 0SM Q . 2.09 35.72 -22.02
H281 0SM Q . 1.14 37.86 -21.46
H282 0SM Q . 1.20 37.42 -19.93
H283 0SM Q . 2.54 37.58 -20.77
H2 0SM Q . -6.63 23.42 -20.82
C48 PC7 R . 4.45 31.02 -9.02
C47 PC7 R . 4.31 30.00 -10.14
C46 PC7 R . 5.04 28.71 -9.90
C45 PC7 R . 4.19 27.47 -9.89
C44 PC7 R . 4.96 26.17 -9.98
C43 PC7 R . 4.17 24.95 -9.57
C42 PC7 R . 4.42 23.73 -10.41
C41 PC7 R . 3.58 23.62 -11.65
C40 PC7 R . 3.86 22.39 -12.48
C39 PC7 R . 3.10 22.32 -13.78
C38 PC7 R . 3.20 20.98 -14.49
C37 PC7 R . 1.90 20.24 -14.64
C36 PC7 R . 2.01 18.92 -15.37
C35 PC7 R . 1.98 19.03 -16.87
C34 PC7 R . 2.19 17.72 -17.59
C33 PC7 R . 3.62 17.43 -18.01
C32 PC7 R . 4.05 16.02 -17.70
C31 PC7 R . 5.12 15.50 -18.62
O31 PC7 R . 4.91 14.60 -19.39
O2 PC7 R . 6.33 16.08 -18.50
C2 PC7 R . 6.80 16.97 -19.55
C1 PC7 R . 7.88 16.27 -20.35
O3P PC7 R . 7.60 14.85 -20.45
P PC7 R . 6.93 14.29 -21.81
O1P PC7 R . 7.99 14.26 -22.87
O2P PC7 R . 5.67 15.08 -22.04
O4P PC7 R . 6.53 12.79 -21.43
C4 PC7 R . 5.46 12.17 -22.17
C5 PC7 R . 5.61 10.67 -22.24
N PC7 R . 6.37 10.09 -23.41
C7 PC7 R . 5.66 10.31 -24.70
C8 PC7 R . 7.74 10.70 -23.50
C6 PC7 R . 6.52 8.62 -23.21
C3 PC7 R . 7.28 18.26 -18.94
O3 PC7 R . 7.68 19.16 -19.97
C11 PC7 R . 8.80 19.86 -19.75
O11 PC7 R . 9.85 19.58 -20.26
C12 PC7 R . 8.58 21.03 -18.83
C13 PC7 R . 9.86 21.70 -18.44
C14 PC7 R . 9.67 22.77 -17.36
C15 PC7 R . 10.73 23.84 -17.36
C16 PC7 R . 10.51 24.96 -18.35
C17 PC7 R . 10.34 26.32 -17.74
C18 PC7 R . 10.20 27.45 -18.74
C19 PC7 R . 11.43 28.30 -18.89
C20 PC7 R . 11.37 29.30 -20.02
C21 PC7 R . 12.18 30.55 -19.78
C22 PC7 R . 12.09 31.57 -20.90
C23 PC7 R . 12.97 32.79 -20.71
C24 PC7 R . 12.36 33.88 -19.86
C25 PC7 R . 11.40 34.80 -20.58
C26 PC7 R . 10.27 35.29 -19.72
H481 PC7 R . 5.39 31.24 -8.92
H482 PC7 R . 3.95 31.82 -9.25
H483 PC7 R . 4.12 30.64 -8.20
H471 PC7 R . 3.35 29.81 -10.26
H472 PC7 R . 4.63 30.41 -10.98
H461 PC7 R . 5.52 28.78 -9.05
H462 PC7 R . 5.72 28.61 -10.60
H451 PC7 R . 3.56 27.52 -10.64
H452 PC7 R . 3.66 27.47 -9.07
H441 PC7 R . 5.26 26.06 -10.91
H442 PC7 R . 5.76 26.24 -9.41
H431 PC7 R . 3.21 25.17 -9.60
H432 PC7 R . 4.39 24.75 -8.64
H421 PC7 R . 5.37 23.71 -10.66
H422 PC7 R . 4.26 22.94 -9.85
H411 PC7 R . 2.63 23.61 -11.39
H412 PC7 R . 3.73 24.42 -12.21
H401 PC7 R . 4.82 22.36 -12.68
H402 PC7 R . 3.64 21.60 -11.95
H391 PC7 R . 3.43 23.02 -14.38
H392 PC7 R . 2.15 22.50 -13.60
H381 PC7 R . 3.58 21.14 -15.39
H382 PC7 R . 3.84 20.42 -14.00
H371 PC7 R . 1.27 20.81 -15.12
H372 PC7 R . 1.54 20.07 -13.74
H361 PC7 R . 2.86 18.49 -15.10
H362 PC7 R . 1.28 18.34 -15.08
H351 PC7 R . 2.67 19.66 -17.17
H352 PC7 R . 1.11 19.40 -17.14
H341 PC7 R . 1.62 17.71 -18.40
H342 PC7 R . 1.87 16.99 -17.01
H331 PC7 R . 3.71 17.59 -18.97
H332 PC7 R . 4.22 18.04 -17.54
H321 PC7 R . 3.27 15.43 -17.77
H322 PC7 R . 4.37 15.98 -16.77
H2 PC7 R . 6.05 17.17 -20.16
H11 PC7 R . 7.93 16.66 -21.25
H12 PC7 R . 8.74 16.40 -19.92
H41 PC7 R . 4.59 12.39 -21.74
H42 PC7 R . 5.44 12.54 -23.08
H51 PC7 R . 4.71 10.28 -22.26
H52 PC7 R . 6.04 10.37 -21.41
H71 PC7 R . 4.71 10.16 -24.57
H72 PC7 R . 5.80 11.23 -25.00
H73 PC7 R . 6.01 9.71 -25.37
H81 PC7 R . 8.17 10.63 -22.63
H82 PC7 R . 7.66 11.64 -23.74
H83 PC7 R . 8.26 10.24 -24.17
H61 PC7 R . 6.97 8.46 -22.37
H62 PC7 R . 7.06 8.25 -23.93
H63 PC7 R . 5.65 8.21 -23.21
H31 PC7 R . 6.56 18.67 -18.41
H32 PC7 R . 8.04 18.09 -18.33
H121 PC7 R . 8.00 21.68 -19.28
H122 PC7 R . 8.12 20.72 -18.03
H131 PC7 R . 10.27 22.12 -19.22
H132 PC7 R . 10.48 21.03 -18.09
H141 PC7 R . 8.79 23.20 -17.49
H142 PC7 R . 9.66 22.33 -16.49
H151 PC7 R . 11.60 23.41 -17.56
H152 PC7 R . 10.80 24.22 -16.47
H161 PC7 R . 11.26 24.99 -18.97
H162 PC7 R . 9.71 24.75 -18.88
H171 PC7 R . 11.12 26.51 -17.16
H172 PC7 R . 9.55 26.32 -17.16
H181 PC7 R . 9.96 27.07 -19.61
H182 PC7 R . 9.45 28.02 -18.46
H191 PC7 R . 11.59 28.77 -18.06
H192 PC7 R . 12.19 27.71 -19.05
H201 PC7 R . 11.67 28.87 -20.84
H202 PC7 R . 10.43 29.56 -20.16
H211 PC7 R . 11.87 30.98 -18.95
H212 PC7 R . 13.11 30.30 -19.66
H221 PC7 R . 11.16 31.87 -20.98
H222 PC7 R . 12.34 31.13 -21.74
H231 PC7 R . 13.18 33.17 -21.60
H232 PC7 R . 13.82 32.51 -20.30
H241 PC7 R . 11.89 33.46 -19.11
H242 PC7 R . 13.09 34.42 -19.49
H251 PC7 R . 11.90 35.57 -20.92
H252 PC7 R . 11.02 34.32 -21.35
H261 PC7 R . 9.79 36.01 -20.18
H262 PC7 R . 9.66 34.56 -19.51
H263 PC7 R . 10.64 35.65 -18.88
#